data_4U8K
#
_entry.id   4U8K
#
_cell.length_a   216.190
_cell.length_b   216.190
_cell.length_c   318.767
_cell.angle_alpha   90.000
_cell.angle_beta   90.000
_cell.angle_gamma   120.000
#
_symmetry.space_group_name_H-M   'P 65 2 2'
#
loop_
_entity.id
_entity.type
_entity.pdbx_description
1 polymer 'UDP-galactopyranose mutase'
2 non-polymer 'DIHYDROFLAVINE-ADENINE DINUCLEOTIDE'
3 non-polymer 'SULFATE ION'
4 non-polymer 1,2-ETHANEDIOL
5 water water
#
_entity_poly.entity_id   1
_entity_poly.type   'polypeptide(L)'
_entity_poly.pdbx_seq_one_letter_code
;AIAMTHPDISVDVLVIGAGPTGLGAAKRLNQIDGPSWMIVDSNETPGGLASTDVTPEGFLYDVGGHVIFSHYKYFDDCLD
EALPKEDDWYTHQRISYVRCQGQWVPYPFANNISMLPKEEQVKCIDGMIDAALEARVANTKPKTFDEWIVRMMGTGIADL
FMRPYNFKVWAVPTTKMQCAWLGERVAAPNLKAVTTNVILGKTAGNWGPNATFRFPARGGTGGIWIAVANTLPKEKTRFG
EKGKVTKVNANNKTVTLQDGTTIGYKKLVSTMAVDFLAEAMNDQELVGLTKQLFYSSTHVIGVGVRGSRPERIGDKCWLY
FPEDNCPFYRATIFSNYSPYNQPEASAALPTMQLADGSRPQSTEAKEGPYWSIMLEVSESSMKPVNQETILADCIQGLVN
TEMLKPTDEIVSTYHRRFDHGYPTPTLEREGTLTQILPKLQDKDIWSRGRFGSWRYEVGNQDHSFMLGVEAVDNIVNGAV
ELTLNYPDFVNGRQNTERRLVDGAQVFAKSKAQ
;
_entity_poly.pdbx_strand_id   A,B,C,D
#
loop_
_chem_comp.id
_chem_comp.type
_chem_comp.name
_chem_comp.formula
EDO non-polymer 1,2-ETHANEDIOL 'C2 H6 O2'
FDA non-polymer 'DIHYDROFLAVINE-ADENINE DINUCLEOTIDE' 'C27 H35 N9 O15 P2'
SO4 non-polymer 'SULFATE ION' 'O4 S -2'
#
# COMPACT_ATOMS: atom_id res chain seq x y z
N HIS A 6 -59.28 -25.30 -26.49
CA HIS A 6 -58.06 -25.68 -27.20
C HIS A 6 -57.59 -24.57 -28.17
N PRO A 7 -56.28 -24.24 -28.12
CA PRO A 7 -55.74 -23.19 -29.01
C PRO A 7 -55.63 -23.62 -30.46
N ASP A 8 -55.51 -22.66 -31.38
CA ASP A 8 -55.41 -22.96 -32.81
C ASP A 8 -54.19 -23.80 -33.12
N ILE A 9 -53.07 -23.48 -32.48
CA ILE A 9 -51.81 -24.19 -32.67
C ILE A 9 -51.25 -24.58 -31.32
N SER A 10 -50.63 -25.76 -31.22
CA SER A 10 -49.94 -26.14 -30.00
C SER A 10 -48.53 -26.64 -30.33
N VAL A 11 -47.54 -26.06 -29.65
CA VAL A 11 -46.15 -26.49 -29.81
C VAL A 11 -45.54 -26.65 -28.44
N ASP A 12 -44.46 -27.42 -28.34
CA ASP A 12 -43.76 -27.56 -27.06
C ASP A 12 -43.05 -26.28 -26.71
N VAL A 13 -42.37 -25.71 -27.71
CA VAL A 13 -41.60 -24.50 -27.51
C VAL A 13 -42.01 -23.44 -28.52
N LEU A 14 -42.49 -22.30 -28.02
CA LEU A 14 -42.82 -21.20 -28.88
C LEU A 14 -41.77 -20.12 -28.73
N VAL A 15 -41.27 -19.64 -29.86
CA VAL A 15 -40.26 -18.60 -29.88
C VAL A 15 -40.89 -17.32 -30.41
N ILE A 16 -40.87 -16.27 -29.57
CA ILE A 16 -41.36 -14.98 -30.03
C ILE A 16 -40.19 -14.12 -30.44
N GLY A 17 -40.19 -13.72 -31.71
CA GLY A 17 -39.16 -12.85 -32.25
C GLY A 17 -38.17 -13.62 -33.10
N ALA A 18 -37.85 -13.06 -34.26
CA ALA A 18 -36.92 -13.69 -35.19
C ALA A 18 -35.79 -12.73 -35.50
N GLY A 19 -35.34 -12.03 -34.46
CA GLY A 19 -34.04 -11.38 -34.51
C GLY A 19 -33.03 -12.46 -34.21
N PRO A 20 -31.74 -12.09 -34.10
CA PRO A 20 -30.69 -13.10 -33.86
C PRO A 20 -31.00 -14.06 -32.69
N THR A 21 -31.56 -13.56 -31.60
CA THR A 21 -31.85 -14.41 -30.44
C THR A 21 -32.88 -15.47 -30.77
N GLY A 22 -34.02 -15.03 -31.31
CA GLY A 22 -35.08 -15.95 -31.64
C GLY A 22 -34.65 -16.94 -32.69
N LEU A 23 -33.84 -16.48 -33.65
CA LEU A 23 -33.37 -17.35 -34.71
C LEU A 23 -32.39 -18.39 -34.16
N GLY A 24 -31.62 -17.98 -33.16
CA GLY A 24 -30.76 -18.90 -32.43
C GLY A 24 -31.57 -20.00 -31.78
N ALA A 25 -32.65 -19.63 -31.09
CA ALA A 25 -33.52 -20.61 -30.48
C ALA A 25 -34.11 -21.52 -31.57
N ALA A 26 -34.57 -20.92 -32.66
CA ALA A 26 -35.10 -21.68 -33.79
C ALA A 26 -34.06 -22.65 -34.35
N LYS A 27 -32.85 -22.18 -34.58
CA LYS A 27 -31.82 -23.02 -35.18
C LYS A 27 -31.48 -24.20 -34.27
N ARG A 28 -31.42 -23.95 -32.97
CA ARG A 28 -31.10 -25.02 -32.04
C ARG A 28 -32.25 -26.03 -31.96
N LEU A 29 -33.48 -25.53 -31.97
CA LEU A 29 -34.66 -26.40 -31.92
C LEU A 29 -34.72 -27.24 -33.19
N ASN A 30 -34.42 -26.60 -34.30
CA ASN A 30 -34.43 -27.26 -35.59
C ASN A 30 -33.36 -28.37 -35.67
N GLN A 31 -32.22 -28.11 -35.05
CA GLN A 31 -31.12 -29.08 -35.02
C GLN A 31 -31.44 -30.26 -34.11
N ILE A 32 -31.98 -29.96 -32.94
CA ILE A 32 -32.31 -30.98 -31.98
C ILE A 32 -33.39 -31.87 -32.56
N ASP A 33 -34.39 -31.25 -33.19
CA ASP A 33 -35.43 -31.98 -33.90
C ASP A 33 -36.14 -32.94 -32.96
N GLY A 34 -36.44 -32.44 -31.77
CA GLY A 34 -37.13 -33.23 -30.78
C GLY A 34 -38.48 -32.60 -30.53
N PRO A 35 -38.55 -31.71 -29.52
CA PRO A 35 -39.78 -30.98 -29.23
C PRO A 35 -40.31 -30.26 -30.46
N SER A 36 -41.62 -30.17 -30.58
CA SER A 36 -42.22 -29.33 -31.62
C SER A 36 -41.98 -27.89 -31.26
N TRP A 37 -41.84 -27.04 -32.27
CA TRP A 37 -41.57 -25.63 -32.02
C TRP A 37 -42.14 -24.74 -33.11
N MET A 38 -42.07 -23.45 -32.88
CA MET A 38 -42.59 -22.46 -33.80
C MET A 38 -42.02 -21.09 -33.49
N ILE A 39 -41.75 -20.29 -34.53
CA ILE A 39 -41.21 -18.95 -34.31
C ILE A 39 -42.07 -17.91 -35.00
N VAL A 40 -42.34 -16.83 -34.30
CA VAL A 40 -43.19 -15.76 -34.82
C VAL A 40 -42.45 -14.44 -34.73
N ASP A 41 -42.73 -13.54 -35.65
CA ASP A 41 -42.17 -12.19 -35.64
C ASP A 41 -43.21 -11.28 -36.27
N SER A 42 -43.34 -10.06 -35.76
CA SER A 42 -44.26 -9.08 -36.34
C SER A 42 -43.76 -8.54 -37.67
N ASN A 43 -42.48 -8.72 -37.93
CA ASN A 43 -41.90 -8.29 -39.19
C ASN A 43 -41.78 -9.44 -40.19
N GLU A 44 -42.11 -9.16 -41.45
CA GLU A 44 -41.99 -10.17 -42.51
C GLU A 44 -40.53 -10.54 -42.73
N THR A 45 -39.66 -9.58 -42.45
CA THR A 45 -38.23 -9.77 -42.61
C THR A 45 -37.60 -9.99 -41.23
N PRO A 46 -36.97 -11.16 -41.01
CA PRO A 46 -36.25 -11.47 -39.76
C PRO A 46 -35.03 -10.59 -39.60
N GLY A 47 -34.51 -10.48 -38.37
CA GLY A 47 -33.26 -9.77 -38.15
C GLY A 47 -33.29 -8.77 -37.02
N GLY A 48 -34.47 -8.23 -36.74
CA GLY A 48 -34.65 -7.26 -35.68
C GLY A 48 -33.70 -6.10 -35.84
N LEU A 49 -32.97 -5.79 -34.77
CA LEU A 49 -32.00 -4.70 -34.80
C LEU A 49 -30.77 -5.06 -35.62
N ALA A 50 -30.70 -6.30 -36.07
CA ALA A 50 -29.61 -6.70 -36.94
C ALA A 50 -30.10 -6.75 -38.38
N SER A 51 -31.16 -6.01 -38.67
CA SER A 51 -31.69 -5.84 -40.03
C SER A 51 -31.04 -4.68 -40.75
N THR A 52 -31.38 -4.51 -42.03
CA THR A 52 -30.77 -3.47 -42.86
C THR A 52 -31.83 -2.74 -43.67
N ASP A 53 -31.78 -1.41 -43.68
CA ASP A 53 -32.68 -0.61 -44.51
C ASP A 53 -31.98 -0.21 -45.80
N VAL A 54 -32.75 0.22 -46.78
CA VAL A 54 -32.16 0.84 -47.94
C VAL A 54 -32.93 2.10 -48.30
N THR A 55 -32.22 3.15 -48.69
CA THR A 55 -32.87 4.39 -49.11
C THR A 55 -33.41 4.22 -50.51
N PRO A 56 -34.32 5.12 -50.95
CA PRO A 56 -34.78 5.04 -52.35
C PRO A 56 -33.64 5.22 -53.35
N GLU A 57 -32.52 5.77 -52.91
CA GLU A 57 -31.42 6.00 -53.84
C GLU A 57 -30.45 4.82 -53.87
N GLY A 58 -30.77 3.78 -53.10
CA GLY A 58 -29.99 2.56 -53.13
C GLY A 58 -28.86 2.45 -52.11
N PHE A 59 -28.88 3.29 -51.08
CA PHE A 59 -27.87 3.18 -50.03
C PHE A 59 -28.39 2.35 -48.88
N LEU A 60 -27.65 1.30 -48.54
CA LEU A 60 -28.00 0.44 -47.41
C LEU A 60 -27.52 1.04 -46.10
N TYR A 61 -28.29 0.83 -45.03
CA TYR A 61 -27.82 1.14 -43.66
C TYR A 61 -28.28 0.08 -42.67
N ASP A 62 -27.32 -0.46 -41.93
CA ASP A 62 -27.63 -1.28 -40.77
C ASP A 62 -28.25 -0.39 -39.70
N VAL A 63 -28.68 -0.97 -38.59
CA VAL A 63 -29.10 -0.18 -37.43
C VAL A 63 -27.83 0.29 -36.72
N GLY A 64 -27.16 1.28 -37.28
CA GLY A 64 -25.88 1.68 -36.73
C GLY A 64 -24.78 0.66 -37.03
N GLY A 65 -23.56 1.02 -36.63
CA GLY A 65 -22.41 0.17 -36.86
C GLY A 65 -22.61 -1.23 -36.32
N HIS A 66 -22.54 -2.19 -37.24
CA HIS A 66 -22.66 -3.60 -36.89
C HIS A 66 -21.45 -4.35 -37.39
N VAL A 67 -20.57 -4.69 -36.46
CA VAL A 67 -19.33 -5.39 -36.74
C VAL A 67 -19.34 -6.67 -35.92
N ILE A 68 -19.21 -7.81 -36.58
CA ILE A 68 -19.29 -9.08 -35.89
C ILE A 68 -17.95 -9.52 -35.29
N PHE A 69 -17.98 -9.80 -34.00
CA PHE A 69 -16.90 -10.56 -33.39
C PHE A 69 -17.55 -11.70 -32.64
N SER A 70 -17.32 -12.90 -33.13
CA SER A 70 -17.96 -14.10 -32.61
C SER A 70 -17.14 -14.72 -31.51
N HIS A 71 -17.81 -15.05 -30.41
CA HIS A 71 -17.20 -15.76 -29.31
C HIS A 71 -17.52 -17.25 -29.39
N TYR A 72 -18.32 -17.64 -30.38
CA TYR A 72 -18.85 -19.01 -30.42
C TYR A 72 -18.78 -19.68 -31.78
N LYS A 73 -18.35 -20.93 -31.76
CA LYS A 73 -18.26 -21.71 -32.98
C LYS A 73 -19.64 -22.06 -33.53
N TYR A 74 -20.64 -22.13 -32.65
CA TYR A 74 -21.99 -22.46 -33.07
C TYR A 74 -22.56 -21.35 -33.96
N PHE A 75 -22.29 -20.12 -33.54
CA PHE A 75 -22.67 -18.96 -34.31
C PHE A 75 -21.96 -18.96 -35.68
N ASP A 76 -20.67 -19.27 -35.67
CA ASP A 76 -19.88 -19.35 -36.91
C ASP A 76 -20.50 -20.38 -37.84
N ASP A 77 -20.84 -21.54 -37.28
CA ASP A 77 -21.45 -22.63 -38.02
C ASP A 77 -22.71 -22.18 -38.76
N CYS A 78 -23.57 -21.46 -38.06
CA CYS A 78 -24.84 -21.03 -38.65
C CYS A 78 -24.64 -19.92 -39.68
N LEU A 79 -23.69 -19.02 -39.43
CA LEU A 79 -23.38 -18.02 -40.45
C LEU A 79 -22.76 -18.70 -41.67
N ASP A 80 -21.87 -19.67 -41.45
CA ASP A 80 -21.24 -20.38 -42.58
C ASP A 80 -22.28 -21.17 -43.37
N GLU A 81 -23.22 -21.81 -42.67
CA GLU A 81 -24.31 -22.50 -43.33
C GLU A 81 -25.15 -21.53 -44.18
N ALA A 82 -25.51 -20.40 -43.58
CA ALA A 82 -26.37 -19.41 -44.24
C ALA A 82 -25.74 -18.74 -45.46
N LEU A 83 -24.47 -18.40 -45.35
CA LEU A 83 -23.75 -17.72 -46.41
C LEU A 83 -22.43 -18.45 -46.65
N PRO A 84 -22.50 -19.59 -47.36
CA PRO A 84 -21.43 -20.60 -47.48
C PRO A 84 -20.33 -20.28 -48.50
N LYS A 85 -20.57 -19.31 -49.38
CA LYS A 85 -19.60 -19.01 -50.43
C LYS A 85 -18.61 -17.94 -49.97
N GLU A 86 -17.38 -18.04 -50.46
CA GLU A 86 -16.36 -17.06 -50.12
C GLU A 86 -16.75 -15.65 -50.58
N ASP A 87 -17.44 -15.53 -51.71
CA ASP A 87 -17.86 -14.21 -52.15
C ASP A 87 -19.12 -13.71 -51.42
N ASP A 88 -19.61 -14.45 -50.43
CA ASP A 88 -20.72 -13.96 -49.62
C ASP A 88 -20.24 -12.97 -48.59
N TRP A 89 -18.92 -12.86 -48.46
CA TRP A 89 -18.34 -12.05 -47.39
C TRP A 89 -17.17 -11.21 -47.86
N TYR A 90 -16.97 -10.09 -47.19
CA TYR A 90 -15.75 -9.31 -47.32
C TYR A 90 -15.05 -9.26 -45.97
N THR A 91 -13.74 -9.38 -46.00
CA THR A 91 -12.94 -9.34 -44.78
C THR A 91 -12.20 -8.02 -44.67
N HIS A 92 -12.30 -7.38 -43.51
CA HIS A 92 -11.64 -6.12 -43.24
C HIS A 92 -10.92 -6.18 -41.90
N GLN A 93 -9.85 -5.40 -41.80
CA GLN A 93 -9.20 -5.19 -40.52
C GLN A 93 -10.08 -4.29 -39.65
N ARG A 94 -10.03 -4.52 -38.34
CA ARG A 94 -10.85 -3.77 -37.39
C ARG A 94 -10.23 -2.39 -37.12
N ILE A 95 -10.43 -1.48 -38.06
CA ILE A 95 -9.80 -0.19 -38.00
C ILE A 95 -10.72 0.88 -37.40
N SER A 96 -10.29 1.45 -36.27
CA SER A 96 -11.10 2.47 -35.62
C SER A 96 -10.22 3.57 -35.07
N TYR A 97 -10.76 4.78 -35.07
CA TYR A 97 -10.07 5.96 -34.59
C TYR A 97 -10.99 6.75 -33.70
N VAL A 98 -10.38 7.61 -32.88
CA VAL A 98 -11.10 8.56 -32.07
C VAL A 98 -10.85 9.94 -32.64
N ARG A 99 -11.91 10.64 -32.99
CA ARG A 99 -11.79 12.03 -33.37
C ARG A 99 -11.51 12.90 -32.12
N CYS A 100 -10.36 13.55 -32.11
CA CYS A 100 -9.97 14.35 -30.98
C CYS A 100 -9.13 15.54 -31.39
N GLN A 101 -9.61 16.74 -31.07
CA GLN A 101 -8.85 17.97 -31.29
C GLN A 101 -8.22 18.05 -32.69
N GLY A 102 -9.05 17.91 -33.70
CA GLY A 102 -8.63 18.08 -35.08
C GLY A 102 -7.86 16.91 -35.66
N GLN A 103 -7.80 15.80 -34.92
CA GLN A 103 -7.04 14.62 -35.35
C GLN A 103 -7.79 13.30 -35.25
N TRP A 104 -7.40 12.34 -36.10
CA TRP A 104 -7.86 10.98 -35.95
C TRP A 104 -6.83 10.19 -35.17
N VAL A 105 -7.19 9.88 -33.94
CA VAL A 105 -6.31 9.18 -33.03
C VAL A 105 -6.65 7.70 -33.05
N PRO A 106 -5.68 6.85 -33.40
CA PRO A 106 -5.95 5.41 -33.45
C PRO A 106 -6.45 4.89 -32.11
N TYR A 107 -7.44 4.03 -32.16
CA TYR A 107 -7.89 3.30 -30.99
C TYR A 107 -6.89 2.15 -30.73
N PRO A 108 -6.54 1.90 -29.46
CA PRO A 108 -7.01 2.55 -28.23
C PRO A 108 -6.40 3.92 -27.99
N PHE A 109 -7.26 4.84 -27.57
CA PHE A 109 -6.92 6.24 -27.40
C PHE A 109 -5.66 6.43 -26.57
N ALA A 110 -5.60 5.76 -25.42
CA ALA A 110 -4.56 6.00 -24.43
C ALA A 110 -3.17 5.67 -24.97
N ASN A 111 -3.11 4.76 -25.91
CA ASN A 111 -1.84 4.34 -26.48
C ASN A 111 -1.40 5.27 -27.59
N ASN A 112 -2.19 6.29 -27.84
CA ASN A 112 -1.93 7.11 -29.00
C ASN A 112 -1.96 8.60 -28.73
N ILE A 113 -1.93 8.96 -27.46
CA ILE A 113 -1.99 10.37 -27.08
C ILE A 113 -0.71 11.12 -27.41
N SER A 114 0.28 10.45 -27.99
CA SER A 114 1.46 11.15 -28.47
C SER A 114 1.09 12.10 -29.61
N MET A 115 -0.10 11.94 -30.16
CA MET A 115 -0.59 12.84 -31.20
C MET A 115 -1.05 14.18 -30.66
N LEU A 116 -1.38 14.23 -29.36
CA LEU A 116 -1.86 15.46 -28.75
C LEU A 116 -0.73 16.44 -28.48
N PRO A 117 -1.06 17.72 -28.25
CA PRO A 117 -0.02 18.65 -27.84
C PRO A 117 0.72 18.15 -26.60
N LYS A 118 2.01 18.47 -26.50
CA LYS A 118 2.87 17.89 -25.47
C LYS A 118 2.40 18.24 -24.06
N GLU A 119 2.03 19.50 -23.87
CA GLU A 119 1.55 19.98 -22.58
C GLU A 119 0.34 19.15 -22.17
N GLU A 120 -0.52 18.82 -23.12
CA GLU A 120 -1.66 17.98 -22.83
C GLU A 120 -1.29 16.54 -22.46
N GLN A 121 -0.27 16.00 -23.12
CA GLN A 121 0.28 14.70 -22.78
C GLN A 121 0.76 14.64 -21.33
N VAL A 122 1.38 15.74 -20.89
CA VAL A 122 1.82 15.89 -19.52
C VAL A 122 0.65 15.79 -18.56
N LYS A 123 -0.45 16.49 -18.87
CA LYS A 123 -1.64 16.44 -18.02
C LYS A 123 -2.15 15.00 -18.00
N CYS A 124 -2.18 14.37 -19.17
CA CYS A 124 -2.62 12.98 -19.27
C CYS A 124 -1.78 12.03 -18.43
N ILE A 125 -0.46 12.12 -18.59
CA ILE A 125 0.43 11.21 -17.88
C ILE A 125 0.43 11.48 -16.38
N ASP A 126 0.41 12.75 -15.97
CA ASP A 126 0.28 13.08 -14.55
C ASP A 126 -0.98 12.42 -13.96
N GLY A 127 -2.08 12.52 -14.69
CA GLY A 127 -3.32 11.91 -14.21
C GLY A 127 -3.21 10.40 -14.13
N MET A 128 -2.51 9.80 -15.08
CA MET A 128 -2.41 8.36 -15.06
C MET A 128 -1.41 7.88 -13.99
N ILE A 129 -0.42 8.71 -13.69
CA ILE A 129 0.51 8.42 -12.59
C ILE A 129 -0.25 8.38 -11.25
N ASP A 130 -1.12 9.36 -11.02
CA ASP A 130 -1.97 9.36 -9.82
C ASP A 130 -2.78 8.07 -9.75
N ALA A 131 -3.38 7.71 -10.88
CA ALA A 131 -4.23 6.52 -10.91
C ALA A 131 -3.39 5.27 -10.62
N ALA A 132 -2.17 5.23 -11.13
CA ALA A 132 -1.31 4.06 -10.93
C ALA A 132 -0.91 3.95 -9.47
N LEU A 133 -0.65 5.09 -8.86
CA LEU A 133 -0.22 5.11 -7.48
C LEU A 133 -1.37 4.72 -6.57
N GLU A 134 -2.57 5.18 -6.89
CA GLU A 134 -3.74 4.77 -6.13
C GLU A 134 -4.07 3.30 -6.38
N ALA A 135 -3.97 2.86 -7.63
CA ALA A 135 -4.24 1.45 -7.95
C ALA A 135 -3.34 0.54 -7.12
N ARG A 136 -2.13 1.00 -6.84
CA ARG A 136 -1.14 0.21 -6.11
C ARG A 136 -1.61 -0.16 -4.70
N VAL A 137 -2.42 0.71 -4.07
CA VAL A 137 -2.91 0.41 -2.72
C VAL A 137 -4.42 0.17 -2.65
N ALA A 138 -5.06 0.09 -3.81
CA ALA A 138 -6.50 -0.12 -3.86
C ALA A 138 -6.89 -1.50 -3.31
N ASN A 139 -7.87 -1.52 -2.42
CA ASN A 139 -8.40 -2.78 -1.94
C ASN A 139 -9.92 -2.85 -2.08
N THR A 140 -10.50 -1.92 -2.84
CA THR A 140 -11.92 -1.98 -3.18
C THR A 140 -12.10 -2.00 -4.69
N LYS A 141 -13.20 -2.58 -5.14
CA LYS A 141 -13.57 -2.52 -6.55
C LYS A 141 -14.28 -1.21 -6.81
N PRO A 142 -14.14 -0.69 -8.03
CA PRO A 142 -14.93 0.49 -8.39
C PRO A 142 -16.42 0.15 -8.41
N LYS A 143 -17.25 1.08 -7.98
CA LYS A 143 -18.69 0.82 -7.89
C LYS A 143 -19.44 1.39 -9.10
N THR A 144 -18.85 2.37 -9.77
CA THR A 144 -19.48 2.95 -10.95
C THR A 144 -18.61 2.92 -12.20
N PHE A 145 -19.26 3.01 -13.35
CA PHE A 145 -18.57 3.12 -14.63
C PHE A 145 -17.54 4.26 -14.57
N ASP A 146 -17.94 5.39 -14.01
CA ASP A 146 -17.02 6.52 -13.89
C ASP A 146 -15.80 6.20 -13.05
N GLU A 147 -16.01 5.59 -11.88
CA GLU A 147 -14.88 5.26 -11.01
C GLU A 147 -13.93 4.33 -11.76
N TRP A 148 -14.51 3.38 -12.46
CA TRP A 148 -13.76 2.43 -13.25
C TRP A 148 -12.89 3.16 -14.27
N ILE A 149 -13.48 4.09 -15.00
CA ILE A 149 -12.73 4.83 -16.00
C ILE A 149 -11.56 5.63 -15.40
N VAL A 150 -11.82 6.37 -14.32
CA VAL A 150 -10.78 7.21 -13.73
C VAL A 150 -9.66 6.36 -13.13
N ARG A 151 -10.00 5.18 -12.65
CA ARG A 151 -8.98 4.28 -12.15
C ARG A 151 -8.14 3.68 -13.28
N MET A 152 -8.74 3.49 -14.42
CA MET A 152 -8.03 2.88 -15.54
C MET A 152 -7.16 3.90 -16.25
N MET A 153 -7.65 5.13 -16.34
CA MET A 153 -7.12 6.11 -17.26
C MET A 153 -6.51 7.34 -16.58
N GLY A 154 -6.94 7.61 -15.36
CA GLY A 154 -6.59 8.88 -14.75
C GLY A 154 -7.52 9.93 -15.30
N THR A 155 -7.64 11.04 -14.58
CA THR A 155 -8.56 12.12 -14.89
C THR A 155 -8.37 12.73 -16.28
N GLY A 156 -7.14 13.11 -16.60
CA GLY A 156 -6.86 13.73 -17.88
C GLY A 156 -7.36 12.91 -19.08
N ILE A 157 -6.93 11.67 -19.15
CA ILE A 157 -7.28 10.82 -20.27
C ILE A 157 -8.77 10.47 -20.25
N ALA A 158 -9.31 10.24 -19.05
CA ALA A 158 -10.73 9.97 -18.90
C ALA A 158 -11.57 11.10 -19.51
N ASP A 159 -11.20 12.34 -19.18
CA ASP A 159 -11.91 13.54 -19.63
C ASP A 159 -11.86 13.76 -21.13
N LEU A 160 -10.84 13.22 -21.77
CA LEU A 160 -10.65 13.44 -23.19
C LEU A 160 -11.50 12.52 -24.01
N PHE A 161 -11.70 11.30 -23.53
CA PHE A 161 -12.37 10.31 -24.36
C PHE A 161 -13.48 9.55 -23.64
N MET A 162 -13.12 8.61 -22.77
CA MET A 162 -14.12 7.70 -22.23
C MET A 162 -15.26 8.38 -21.49
N ARG A 163 -14.99 9.46 -20.77
CA ARG A 163 -16.09 10.13 -20.07
C ARG A 163 -17.03 10.81 -21.07
N PRO A 164 -16.53 11.75 -21.91
CA PRO A 164 -17.51 12.39 -22.79
C PRO A 164 -18.08 11.44 -23.83
N TYR A 165 -17.28 10.49 -24.30
CA TYR A 165 -17.76 9.54 -25.30
C TYR A 165 -18.92 8.70 -24.75
N ASN A 166 -18.73 8.15 -23.55
CA ASN A 166 -19.77 7.28 -23.02
C ASN A 166 -21.05 8.00 -22.65
N PHE A 167 -20.97 9.28 -22.33
CA PHE A 167 -22.23 9.99 -22.13
C PHE A 167 -22.95 10.09 -23.47
N LYS A 168 -22.20 10.38 -24.54
CA LYS A 168 -22.80 10.47 -25.87
C LYS A 168 -23.38 9.13 -26.35
N VAL A 169 -22.76 8.03 -25.93
CA VAL A 169 -23.30 6.71 -26.24
C VAL A 169 -24.50 6.31 -25.39
N TRP A 170 -24.32 6.28 -24.07
CA TRP A 170 -25.35 5.75 -23.17
C TRP A 170 -26.46 6.71 -22.88
N ALA A 171 -26.23 7.99 -23.16
CA ALA A 171 -27.22 9.03 -22.88
C ALA A 171 -27.58 9.07 -21.39
N VAL A 172 -26.67 8.59 -20.55
CA VAL A 172 -26.72 8.82 -19.10
C VAL A 172 -25.29 9.07 -18.64
N PRO A 173 -25.12 9.78 -17.51
CA PRO A 173 -23.75 10.02 -17.02
C PRO A 173 -23.06 8.73 -16.61
N THR A 174 -21.74 8.67 -16.77
CA THR A 174 -20.97 7.51 -16.35
C THR A 174 -21.12 7.22 -14.87
N THR A 175 -21.42 8.24 -14.06
CA THR A 175 -21.57 8.07 -12.63
C THR A 175 -22.83 7.25 -12.28
N LYS A 176 -23.70 7.08 -13.27
CA LYS A 176 -25.01 6.48 -13.03
C LYS A 176 -25.07 5.03 -13.51
N MET A 177 -23.94 4.54 -14.00
CA MET A 177 -23.84 3.17 -14.50
C MET A 177 -22.92 2.32 -13.63
N GLN A 178 -23.23 1.03 -13.59
CA GLN A 178 -22.36 0.05 -12.96
C GLN A 178 -21.14 -0.21 -13.84
N CYS A 179 -20.18 -1.01 -13.37
CA CYS A 179 -18.99 -1.31 -14.16
C CYS A 179 -18.67 -2.81 -14.21
N ALA A 180 -19.42 -3.60 -13.46
CA ALA A 180 -19.32 -5.07 -13.51
C ALA A 180 -19.44 -5.59 -14.94
N TRP A 181 -20.27 -4.93 -15.75
CA TRP A 181 -20.50 -5.33 -17.13
C TRP A 181 -19.23 -5.26 -17.97
N LEU A 182 -18.25 -4.50 -17.49
CA LEU A 182 -17.00 -4.35 -18.23
C LEU A 182 -16.07 -5.56 -18.10
N GLY A 183 -16.32 -6.43 -17.13
CA GLY A 183 -15.48 -7.60 -16.94
C GLY A 183 -14.79 -7.60 -15.59
N GLU A 184 -14.04 -8.68 -15.32
CA GLU A 184 -13.43 -8.88 -14.01
C GLU A 184 -12.00 -8.32 -13.92
N ARG A 185 -11.45 -7.83 -15.03
CA ARG A 185 -10.08 -7.29 -15.04
C ARG A 185 -9.94 -6.10 -14.07
N VAL A 186 -8.80 -6.06 -13.38
CA VAL A 186 -8.54 -5.03 -12.36
C VAL A 186 -8.49 -3.62 -12.96
N ALA A 187 -9.16 -2.69 -12.29
CA ALA A 187 -9.18 -1.29 -12.72
C ALA A 187 -7.87 -0.59 -12.36
N ALA A 188 -6.85 -0.81 -13.20
CA ALA A 188 -5.51 -0.28 -12.95
C ALA A 188 -4.88 0.13 -14.28
N PRO A 189 -4.23 1.30 -14.30
CA PRO A 189 -3.70 1.81 -15.56
C PRO A 189 -2.49 1.04 -16.07
N ASN A 190 -2.40 0.93 -17.39
CA ASN A 190 -1.21 0.45 -18.07
C ASN A 190 -0.22 1.60 -18.24
N LEU A 191 0.33 2.07 -17.14
CA LEU A 191 1.14 3.29 -17.15
C LEU A 191 2.38 3.15 -18.04
N LYS A 192 3.05 2.00 -17.95
CA LYS A 192 4.28 1.79 -18.69
C LYS A 192 4.03 1.83 -20.20
N ALA A 193 3.01 1.12 -20.64
CA ALA A 193 2.67 1.08 -22.06
C ALA A 193 2.27 2.46 -22.57
N VAL A 194 1.49 3.20 -21.79
CA VAL A 194 1.03 4.51 -22.24
C VAL A 194 2.19 5.50 -22.28
N THR A 195 3.04 5.53 -21.26
CA THR A 195 4.15 6.49 -21.24
C THR A 195 5.23 6.08 -22.25
N THR A 196 5.38 4.77 -22.46
CA THR A 196 6.30 4.29 -23.48
C THR A 196 5.93 4.87 -24.85
N ASN A 197 4.67 4.72 -25.25
CA ASN A 197 4.27 5.28 -26.53
C ASN A 197 4.43 6.80 -26.59
N VAL A 198 4.11 7.48 -25.50
CA VAL A 198 4.36 8.90 -25.42
C VAL A 198 5.85 9.21 -25.58
N ILE A 199 6.70 8.47 -24.89
CA ILE A 199 8.13 8.73 -24.99
C ILE A 199 8.66 8.41 -26.40
N LEU A 200 8.21 7.31 -26.99
CA LEU A 200 8.70 6.95 -28.31
C LEU A 200 8.10 7.82 -29.40
N GLY A 201 7.06 8.59 -29.08
CA GLY A 201 6.34 9.33 -30.10
C GLY A 201 5.62 8.36 -31.02
N LYS A 202 5.20 7.24 -30.45
CA LYS A 202 4.63 6.13 -31.20
C LYS A 202 3.09 6.18 -31.27
N THR A 203 2.55 5.79 -32.42
CA THR A 203 1.13 5.50 -32.52
C THR A 203 0.92 4.06 -32.99
N ALA A 204 -0.16 3.45 -32.56
CA ALA A 204 -0.43 2.05 -32.88
C ALA A 204 -1.89 1.72 -32.62
N GLY A 205 -2.56 1.25 -33.66
CA GLY A 205 -3.93 0.77 -33.52
C GLY A 205 -3.89 -0.67 -33.05
N ASN A 206 -5.01 -1.16 -32.54
CA ASN A 206 -5.09 -2.53 -32.05
C ASN A 206 -5.64 -3.43 -33.14
N TRP A 207 -5.24 -3.17 -34.37
CA TRP A 207 -5.68 -4.01 -35.48
C TRP A 207 -4.47 -4.45 -36.28
N GLY A 208 -4.72 -5.33 -37.25
CA GLY A 208 -3.69 -5.91 -38.08
C GLY A 208 -4.31 -7.10 -38.80
N PRO A 209 -3.47 -7.88 -39.50
CA PRO A 209 -3.92 -9.04 -40.29
C PRO A 209 -4.73 -10.07 -39.50
N ASN A 210 -4.54 -10.15 -38.18
CA ASN A 210 -5.27 -11.09 -37.35
C ASN A 210 -6.42 -10.47 -36.54
N ALA A 211 -6.55 -9.16 -36.58
CA ALA A 211 -7.68 -8.49 -35.95
C ALA A 211 -8.64 -8.03 -37.05
N THR A 212 -9.50 -8.94 -37.50
CA THR A 212 -10.39 -8.65 -38.62
C THR A 212 -11.84 -8.97 -38.30
N PHE A 213 -12.71 -8.57 -39.21
CA PHE A 213 -14.11 -8.93 -39.16
C PHE A 213 -14.57 -9.21 -40.58
N ARG A 214 -15.53 -10.11 -40.73
CA ARG A 214 -16.14 -10.31 -42.03
C ARG A 214 -17.55 -9.69 -42.05
N PHE A 215 -17.91 -9.17 -43.21
CA PHE A 215 -19.17 -8.47 -43.39
C PHE A 215 -19.87 -9.04 -44.63
N PRO A 216 -21.20 -9.19 -44.60
CA PRO A 216 -21.85 -9.81 -45.76
C PRO A 216 -21.67 -8.98 -47.02
N ALA A 217 -21.43 -9.65 -48.15
CA ALA A 217 -21.26 -8.96 -49.42
C ALA A 217 -22.53 -8.20 -49.80
N ARG A 218 -23.70 -8.78 -49.53
CA ARG A 218 -24.96 -8.17 -49.97
C ARG A 218 -26.00 -8.16 -48.87
N GLY A 219 -26.89 -7.18 -48.93
CA GLY A 219 -28.01 -7.10 -48.01
C GLY A 219 -27.67 -6.56 -46.63
N GLY A 220 -26.43 -6.11 -46.46
CA GLY A 220 -26.00 -5.58 -45.19
C GLY A 220 -25.97 -6.67 -44.15
N THR A 221 -25.86 -6.28 -42.88
CA THR A 221 -25.88 -7.25 -41.79
C THR A 221 -27.17 -8.10 -41.85
N GLY A 222 -28.26 -7.46 -42.26
CA GLY A 222 -29.56 -8.11 -42.35
C GLY A 222 -29.61 -9.30 -43.28
N GLY A 223 -28.71 -9.31 -44.26
CA GLY A 223 -28.57 -10.43 -45.17
C GLY A 223 -28.25 -11.75 -44.46
N ILE A 224 -27.49 -11.67 -43.38
CA ILE A 224 -27.18 -12.87 -42.59
C ILE A 224 -28.46 -13.51 -42.07
N TRP A 225 -29.27 -12.70 -41.41
CA TRP A 225 -30.40 -13.21 -40.66
C TRP A 225 -31.54 -13.64 -41.56
N ILE A 226 -31.67 -12.98 -42.71
CA ILE A 226 -32.55 -13.48 -43.75
C ILE A 226 -32.06 -14.86 -44.20
N ALA A 227 -30.77 -14.97 -44.47
CA ALA A 227 -30.20 -16.22 -44.95
C ALA A 227 -30.31 -17.30 -43.88
N VAL A 228 -30.01 -16.96 -42.62
CA VAL A 228 -30.14 -17.93 -41.53
C VAL A 228 -31.58 -18.40 -41.39
N ALA A 229 -32.51 -17.46 -41.43
CA ALA A 229 -33.93 -17.79 -41.34
C ALA A 229 -34.34 -18.75 -42.45
N ASN A 230 -33.83 -18.52 -43.66
CA ASN A 230 -34.15 -19.36 -44.82
C ASN A 230 -33.81 -20.83 -44.65
N THR A 231 -32.91 -21.15 -43.72
CA THR A 231 -32.60 -22.56 -43.46
C THR A 231 -33.59 -23.25 -42.54
N LEU A 232 -34.56 -22.49 -42.00
CA LEU A 232 -35.59 -23.07 -41.15
C LEU A 232 -36.75 -23.58 -42.00
N PRO A 233 -37.40 -24.66 -41.56
CA PRO A 233 -38.62 -25.12 -42.24
C PRO A 233 -39.72 -24.05 -42.20
N LYS A 234 -40.11 -23.59 -43.39
CA LYS A 234 -40.95 -22.41 -43.54
C LYS A 234 -42.25 -22.52 -42.75
N GLU A 235 -42.79 -23.74 -42.69
CA GLU A 235 -44.08 -23.97 -42.05
C GLU A 235 -44.03 -23.72 -40.53
N LYS A 236 -42.84 -23.79 -39.93
CA LYS A 236 -42.69 -23.55 -38.50
C LYS A 236 -42.42 -22.07 -38.19
N THR A 237 -42.49 -21.23 -39.20
CA THR A 237 -42.29 -19.79 -39.04
C THR A 237 -43.57 -19.03 -39.33
N ARG A 238 -43.67 -17.86 -38.73
CA ARG A 238 -44.82 -16.99 -38.92
C ARG A 238 -44.35 -15.55 -38.77
N PHE A 239 -43.96 -14.96 -39.90
CA PHE A 239 -43.35 -13.65 -39.94
C PHE A 239 -44.26 -12.64 -40.61
N GLY A 240 -44.47 -11.50 -39.98
CA GLY A 240 -45.29 -10.45 -40.54
C GLY A 240 -46.41 -10.07 -39.60
N GLU A 241 -47.39 -9.35 -40.13
CA GLU A 241 -48.58 -9.00 -39.37
C GLU A 241 -49.21 -10.27 -38.80
N LYS A 242 -49.11 -11.36 -39.55
CA LYS A 242 -49.68 -12.64 -39.14
C LYS A 242 -48.97 -13.24 -37.92
N GLY A 243 -47.79 -12.72 -37.60
CA GLY A 243 -47.03 -13.23 -36.47
C GLY A 243 -46.81 -12.25 -35.34
N LYS A 244 -47.58 -11.16 -35.33
CA LYS A 244 -47.43 -10.16 -34.28
C LYS A 244 -48.12 -10.64 -33.03
N VAL A 245 -47.37 -10.73 -31.94
CA VAL A 245 -47.94 -11.15 -30.66
C VAL A 245 -48.58 -9.95 -29.99
N THR A 246 -49.82 -10.11 -29.57
CA THR A 246 -50.53 -9.01 -28.92
C THR A 246 -50.82 -9.31 -27.46
N LYS A 247 -51.05 -10.58 -27.13
CA LYS A 247 -51.33 -10.96 -25.74
C LYS A 247 -50.60 -12.24 -25.35
N VAL A 248 -50.05 -12.26 -24.15
CA VAL A 248 -49.49 -13.48 -23.60
C VAL A 248 -50.21 -13.84 -22.32
N ASN A 249 -50.83 -15.01 -22.31
CA ASN A 249 -51.49 -15.49 -21.12
C ASN A 249 -50.63 -16.53 -20.41
N ALA A 250 -49.79 -16.07 -19.51
CA ALA A 250 -48.74 -16.92 -18.95
C ALA A 250 -49.32 -18.08 -18.14
N ASN A 251 -50.52 -17.88 -17.61
CA ASN A 251 -51.15 -18.87 -16.75
C ASN A 251 -51.78 -19.99 -17.56
N ASN A 252 -52.27 -19.65 -18.75
CA ASN A 252 -52.84 -20.63 -19.67
C ASN A 252 -51.80 -21.19 -20.62
N LYS A 253 -50.62 -20.56 -20.60
CA LYS A 253 -49.56 -20.81 -21.58
C LYS A 253 -50.11 -20.69 -23.00
N THR A 254 -50.77 -19.56 -23.24
CA THR A 254 -51.38 -19.27 -24.52
C THR A 254 -50.96 -17.90 -25.00
N VAL A 255 -50.52 -17.84 -26.25
CA VAL A 255 -50.20 -16.57 -26.87
C VAL A 255 -51.27 -16.28 -27.92
N THR A 256 -51.74 -15.04 -27.96
CA THR A 256 -52.68 -14.61 -28.99
C THR A 256 -52.00 -13.65 -29.96
N LEU A 257 -52.15 -13.91 -31.25
CA LEU A 257 -51.56 -13.04 -32.26
C LEU A 257 -52.57 -11.99 -32.71
N GLN A 258 -52.10 -10.97 -33.44
CA GLN A 258 -52.94 -9.86 -33.81
C GLN A 258 -54.14 -10.30 -34.63
N ASP A 259 -53.96 -11.30 -35.49
CA ASP A 259 -55.06 -11.80 -36.31
C ASP A 259 -55.99 -12.75 -35.55
N GLY A 260 -55.74 -12.92 -34.26
CA GLY A 260 -56.62 -13.72 -33.41
C GLY A 260 -56.18 -15.17 -33.22
N THR A 261 -55.14 -15.58 -33.93
CA THR A 261 -54.60 -16.92 -33.79
C THR A 261 -54.09 -17.14 -32.36
N THR A 262 -54.48 -18.25 -31.77
CA THR A 262 -53.98 -18.62 -30.45
C THR A 262 -52.94 -19.73 -30.58
N ILE A 263 -51.86 -19.60 -29.82
CA ILE A 263 -50.83 -20.62 -29.79
C ILE A 263 -50.58 -21.05 -28.37
N GLY A 264 -50.81 -22.33 -28.08
CA GLY A 264 -50.49 -22.86 -26.76
C GLY A 264 -49.07 -23.39 -26.77
N TYR A 265 -48.35 -23.18 -25.68
CA TYR A 265 -46.97 -23.64 -25.57
C TYR A 265 -46.74 -24.38 -24.28
N LYS A 266 -45.64 -25.13 -24.20
CA LYS A 266 -45.22 -25.68 -22.93
C LYS A 266 -44.12 -24.79 -22.36
N LYS A 267 -43.24 -24.32 -23.24
CA LYS A 267 -42.17 -23.41 -22.84
C LYS A 267 -42.18 -22.23 -23.79
N LEU A 268 -41.93 -21.03 -23.27
CA LEU A 268 -41.91 -19.85 -24.12
C LEU A 268 -40.51 -19.23 -24.12
N VAL A 269 -39.96 -19.04 -25.31
CA VAL A 269 -38.74 -18.27 -25.43
C VAL A 269 -39.13 -16.94 -26.03
N SER A 270 -39.08 -15.89 -25.22
CA SER A 270 -39.54 -14.59 -25.68
C SER A 270 -38.34 -13.71 -25.89
N THR A 271 -38.24 -13.11 -27.08
CA THR A 271 -37.10 -12.26 -27.36
C THR A 271 -37.50 -10.82 -27.62
N MET A 272 -38.78 -10.51 -27.48
CA MET A 272 -39.20 -9.12 -27.58
C MET A 272 -38.66 -8.44 -26.33
N ALA A 273 -38.65 -7.11 -26.34
CA ALA A 273 -38.16 -6.37 -25.20
C ALA A 273 -38.99 -6.76 -23.96
N VAL A 274 -38.35 -6.95 -22.83
CA VAL A 274 -39.05 -7.54 -21.68
C VAL A 274 -40.12 -6.59 -21.13
N ASP A 275 -39.96 -5.30 -21.37
CA ASP A 275 -40.98 -4.35 -20.93
C ASP A 275 -42.22 -4.49 -21.79
N PHE A 276 -42.03 -4.82 -23.06
CA PHE A 276 -43.15 -5.09 -23.96
C PHE A 276 -43.80 -6.42 -23.62
N LEU A 277 -42.97 -7.41 -23.26
CA LEU A 277 -43.49 -8.71 -22.89
C LEU A 277 -44.43 -8.58 -21.68
N ALA A 278 -44.01 -7.81 -20.68
CA ALA A 278 -44.82 -7.58 -19.49
C ALA A 278 -46.18 -6.99 -19.86
N GLU A 279 -46.16 -6.00 -20.76
CA GLU A 279 -47.38 -5.37 -21.26
C GLU A 279 -48.28 -6.38 -21.98
N ALA A 280 -47.68 -7.24 -22.82
CA ALA A 280 -48.47 -8.22 -23.54
C ALA A 280 -49.04 -9.23 -22.56
N MET A 281 -48.35 -9.39 -21.44
CA MET A 281 -48.80 -10.34 -20.43
C MET A 281 -49.91 -9.76 -19.57
N ASN A 282 -50.15 -8.46 -19.69
CA ASN A 282 -51.06 -7.74 -18.79
C ASN A 282 -50.73 -8.03 -17.34
N ASP A 283 -49.43 -8.16 -17.07
CA ASP A 283 -48.94 -8.47 -15.75
C ASP A 283 -48.45 -7.17 -15.12
N GLN A 284 -49.30 -6.58 -14.29
CA GLN A 284 -49.07 -5.25 -13.74
C GLN A 284 -47.79 -5.20 -12.89
N GLU A 285 -47.50 -6.30 -12.21
CA GLU A 285 -46.30 -6.33 -11.38
C GLU A 285 -45.05 -6.32 -12.25
N LEU A 286 -45.05 -7.14 -13.30
CA LEU A 286 -43.93 -7.12 -14.25
C LEU A 286 -43.82 -5.79 -15.00
N VAL A 287 -44.95 -5.16 -15.29
CA VAL A 287 -44.93 -3.88 -15.99
C VAL A 287 -44.17 -2.88 -15.11
N GLY A 288 -44.52 -2.86 -13.82
CA GLY A 288 -43.89 -1.97 -12.87
C GLY A 288 -42.39 -2.19 -12.77
N LEU A 289 -42.00 -3.46 -12.71
CA LEU A 289 -40.59 -3.80 -12.60
C LEU A 289 -39.83 -3.44 -13.89
N THR A 290 -40.39 -3.78 -15.04
CA THR A 290 -39.67 -3.55 -16.30
C THR A 290 -39.62 -2.06 -16.61
N LYS A 291 -40.51 -1.28 -16.01
CA LYS A 291 -40.43 0.18 -16.15
C LYS A 291 -39.25 0.76 -15.36
N GLN A 292 -38.74 0.01 -14.38
CA GLN A 292 -37.52 0.41 -13.66
C GLN A 292 -36.24 0.19 -14.47
N LEU A 293 -36.32 -0.56 -15.57
CA LEU A 293 -35.15 -0.70 -16.43
C LEU A 293 -34.93 0.60 -17.19
N PHE A 294 -33.70 0.87 -17.58
CA PHE A 294 -33.43 2.04 -18.38
C PHE A 294 -32.88 1.61 -19.73
N TYR A 295 -33.24 2.36 -20.76
CA TYR A 295 -32.71 2.14 -22.10
C TYR A 295 -32.62 3.46 -22.85
N SER A 296 -31.73 3.52 -23.82
CA SER A 296 -31.66 4.67 -24.69
C SER A 296 -32.16 4.29 -26.07
N SER A 297 -32.65 5.29 -26.78
CA SER A 297 -33.01 5.12 -28.18
C SER A 297 -31.83 5.47 -29.08
N THR A 298 -31.85 4.91 -30.28
CA THR A 298 -30.80 5.12 -31.26
C THR A 298 -31.35 5.76 -32.53
N HIS A 299 -30.80 6.91 -32.88
CA HIS A 299 -31.08 7.52 -34.17
C HIS A 299 -30.00 7.09 -35.13
N VAL A 300 -30.37 6.43 -36.20
CA VAL A 300 -29.41 6.08 -37.22
C VAL A 300 -29.53 7.08 -38.35
N ILE A 301 -28.42 7.72 -38.70
CA ILE A 301 -28.43 8.64 -39.81
C ILE A 301 -27.49 8.11 -40.89
N GLY A 302 -27.98 8.06 -42.12
CA GLY A 302 -27.15 7.60 -43.23
C GLY A 302 -26.95 8.73 -44.21
N VAL A 303 -25.71 8.89 -44.67
CA VAL A 303 -25.43 9.92 -45.64
C VAL A 303 -24.68 9.32 -46.82
N GLY A 304 -25.28 9.45 -48.00
CA GLY A 304 -24.66 8.94 -49.21
C GLY A 304 -24.02 10.09 -49.95
N VAL A 305 -22.75 9.92 -50.30
CA VAL A 305 -21.93 10.99 -50.83
C VAL A 305 -21.37 10.61 -52.20
N ARG A 306 -21.41 11.55 -53.13
CA ARG A 306 -20.82 11.35 -54.45
C ARG A 306 -19.31 11.48 -54.39
N GLY A 307 -18.62 10.59 -55.08
CA GLY A 307 -17.18 10.68 -55.19
C GLY A 307 -16.50 9.38 -54.84
N SER A 308 -15.27 9.23 -55.32
CA SER A 308 -14.46 8.12 -54.88
C SER A 308 -14.07 8.39 -53.43
N ARG A 309 -13.79 7.32 -52.69
CA ARG A 309 -13.46 7.47 -51.29
C ARG A 309 -12.27 8.41 -51.09
N PRO A 310 -12.48 9.49 -50.32
CA PRO A 310 -11.43 10.49 -50.04
C PRO A 310 -10.24 9.87 -49.28
N GLU A 311 -9.03 10.36 -49.53
CA GLU A 311 -7.84 9.83 -48.89
C GLU A 311 -7.90 10.04 -47.39
N ARG A 312 -8.54 11.12 -46.97
CA ARG A 312 -8.63 11.43 -45.54
C ARG A 312 -9.47 10.40 -44.80
N ILE A 313 -10.34 9.71 -45.53
CA ILE A 313 -11.18 8.67 -44.95
C ILE A 313 -10.44 7.34 -45.02
N GLY A 314 -9.98 6.96 -46.22
CA GLY A 314 -9.22 5.74 -46.37
C GLY A 314 -9.89 4.48 -45.86
N ASP A 315 -9.11 3.62 -45.20
CA ASP A 315 -9.64 2.32 -44.79
C ASP A 315 -10.31 2.37 -43.40
N LYS A 316 -10.62 3.56 -42.91
CA LYS A 316 -11.35 3.69 -41.65
C LYS A 316 -12.67 2.89 -41.67
N CYS A 317 -12.95 2.19 -40.59
CA CYS A 317 -14.18 1.42 -40.50
C CYS A 317 -15.18 2.09 -39.59
N TRP A 318 -14.91 2.12 -38.29
CA TRP A 318 -15.76 2.91 -37.41
C TRP A 318 -14.93 3.92 -36.61
N LEU A 319 -15.62 4.94 -36.10
CA LEU A 319 -14.97 6.13 -35.59
C LEU A 319 -15.73 6.63 -34.38
N TYR A 320 -15.00 7.01 -33.34
CA TYR A 320 -15.58 7.50 -32.10
C TYR A 320 -15.52 9.01 -31.97
N PHE A 321 -16.54 9.62 -31.38
CA PHE A 321 -16.58 11.07 -31.29
C PHE A 321 -16.95 11.54 -29.89
N PRO A 322 -15.93 11.69 -29.04
CA PRO A 322 -16.08 12.23 -27.68
C PRO A 322 -16.53 13.69 -27.67
N GLU A 323 -16.21 14.44 -28.71
CA GLU A 323 -16.31 15.90 -28.62
C GLU A 323 -17.71 16.44 -28.95
N ASP A 324 -17.89 17.70 -28.61
CA ASP A 324 -19.19 18.35 -28.72
C ASP A 324 -19.56 18.86 -30.11
N ASN A 325 -18.63 18.78 -31.07
CA ASN A 325 -18.86 19.44 -32.35
C ASN A 325 -19.66 18.57 -33.34
N CYS A 326 -20.15 17.42 -32.88
CA CYS A 326 -21.05 16.57 -33.65
C CYS A 326 -21.95 15.86 -32.67
N PRO A 327 -23.22 15.62 -33.04
CA PRO A 327 -24.13 14.97 -32.10
C PRO A 327 -23.96 13.46 -32.05
N PHE A 328 -23.29 12.89 -33.05
CA PHE A 328 -23.19 11.44 -33.10
C PHE A 328 -22.03 10.94 -32.25
N TYR A 329 -22.15 9.75 -31.68
CA TYR A 329 -21.06 9.19 -30.90
C TYR A 329 -20.17 8.30 -31.76
N ARG A 330 -20.75 7.69 -32.78
CA ARG A 330 -19.98 6.82 -33.65
C ARG A 330 -20.35 7.06 -35.12
N ALA A 331 -19.34 7.01 -35.99
CA ALA A 331 -19.54 6.97 -37.45
C ALA A 331 -18.95 5.70 -38.02
N THR A 332 -19.58 5.19 -39.06
CA THR A 332 -19.11 4.01 -39.76
C THR A 332 -18.94 4.38 -41.23
N ILE A 333 -17.82 4.02 -41.83
CA ILE A 333 -17.67 4.19 -43.26
C ILE A 333 -18.29 2.96 -43.90
N PHE A 334 -19.61 3.00 -44.09
CA PHE A 334 -20.35 1.80 -44.45
C PHE A 334 -20.02 1.33 -45.85
N SER A 335 -19.53 2.25 -46.70
CA SER A 335 -19.12 1.86 -48.05
C SER A 335 -17.84 1.03 -48.02
N ASN A 336 -17.04 1.14 -46.96
CA ASN A 336 -15.87 0.26 -46.84
C ASN A 336 -16.22 -1.18 -46.49
N TYR A 337 -17.44 -1.42 -46.03
CA TYR A 337 -17.79 -2.74 -45.51
C TYR A 337 -18.13 -3.68 -46.64
N SER A 338 -18.77 -3.12 -47.66
CA SER A 338 -19.06 -3.85 -48.90
C SER A 338 -19.34 -2.89 -50.04
N PRO A 339 -18.90 -3.23 -51.25
CA PRO A 339 -19.22 -2.42 -52.44
C PRO A 339 -20.72 -2.41 -52.74
N TYR A 340 -21.47 -3.41 -52.28
CA TYR A 340 -22.90 -3.44 -52.50
C TYR A 340 -23.73 -2.77 -51.40
N ASN A 341 -23.07 -1.99 -50.55
CA ASN A 341 -23.80 -1.20 -49.56
C ASN A 341 -24.31 0.13 -50.17
N GLN A 342 -23.94 0.38 -51.40
CA GLN A 342 -24.30 1.62 -52.08
C GLN A 342 -24.28 1.37 -53.58
N PRO A 343 -24.84 2.31 -54.37
CA PRO A 343 -24.98 2.08 -55.80
C PRO A 343 -23.65 1.93 -56.51
N GLU A 344 -23.66 1.23 -57.65
CA GLU A 344 -22.50 1.18 -58.54
C GLU A 344 -22.21 2.59 -59.06
N ALA A 345 -20.99 2.80 -59.55
CA ALA A 345 -20.57 4.11 -60.02
C ALA A 345 -21.43 4.59 -61.18
N SER A 346 -21.98 3.66 -61.95
CA SER A 346 -22.72 4.04 -63.15
C SER A 346 -24.13 4.51 -62.80
N ALA A 347 -24.52 4.33 -61.55
CA ALA A 347 -25.84 4.78 -61.12
C ALA A 347 -25.92 6.30 -61.19
N ALA A 348 -26.96 6.82 -61.83
CA ALA A 348 -27.13 8.26 -61.93
C ALA A 348 -28.06 8.79 -60.84
N LEU A 349 -27.60 9.77 -60.09
CA LEU A 349 -28.35 10.31 -58.97
C LEU A 349 -28.15 11.79 -58.87
N PRO A 350 -29.23 12.53 -58.60
CA PRO A 350 -29.02 13.97 -58.45
C PRO A 350 -28.44 14.30 -57.07
N THR A 351 -27.73 15.42 -56.97
CA THR A 351 -27.27 15.91 -55.69
C THR A 351 -28.45 16.52 -54.95
N MET A 352 -28.66 16.09 -53.71
CA MET A 352 -29.76 16.58 -52.88
C MET A 352 -29.38 17.86 -52.16
N GLN A 353 -28.12 17.91 -51.71
CA GLN A 353 -27.59 19.08 -51.05
C GLN A 353 -26.08 18.97 -51.00
N LEU A 354 -25.42 20.09 -50.73
CA LEU A 354 -24.00 20.07 -50.41
C LEU A 354 -23.90 19.85 -48.91
N ALA A 355 -22.77 19.33 -48.46
CA ALA A 355 -22.59 19.05 -47.05
C ALA A 355 -22.70 20.32 -46.22
N ASP A 356 -22.48 21.50 -46.82
CA ASP A 356 -22.65 22.70 -46.02
C ASP A 356 -24.12 23.12 -45.92
N GLY A 357 -25.02 22.29 -46.45
CA GLY A 357 -26.45 22.55 -46.37
C GLY A 357 -27.04 23.34 -47.52
N SER A 358 -26.19 23.87 -48.40
CA SER A 358 -26.71 24.65 -49.52
C SER A 358 -27.26 23.75 -50.63
N ARG A 359 -28.03 24.35 -51.52
CA ARG A 359 -28.58 23.64 -52.67
C ARG A 359 -27.45 23.43 -53.69
N PRO A 360 -27.53 22.34 -54.46
CA PRO A 360 -26.48 22.08 -55.46
C PRO A 360 -26.59 23.01 -56.65
N GLN A 361 -25.47 23.24 -57.34
CA GLN A 361 -25.45 24.04 -58.56
C GLN A 361 -26.40 23.44 -59.59
N SER A 362 -26.33 22.13 -59.76
CA SER A 362 -27.18 21.44 -60.73
C SER A 362 -28.18 20.46 -60.11
N THR A 363 -29.40 20.45 -60.65
CA THR A 363 -30.43 19.49 -60.26
C THR A 363 -30.23 18.13 -60.96
N GLU A 364 -29.29 18.09 -61.91
CA GLU A 364 -29.17 16.98 -62.84
C GLU A 364 -28.58 15.71 -62.23
N ALA A 365 -29.16 14.57 -62.61
CA ALA A 365 -28.63 13.28 -62.22
C ALA A 365 -27.22 13.07 -62.77
N LYS A 366 -26.28 12.73 -61.89
CA LYS A 366 -24.89 12.49 -62.29
C LYS A 366 -24.43 11.14 -61.78
N GLU A 367 -23.34 10.63 -62.36
CA GLU A 367 -22.82 9.32 -62.00
C GLU A 367 -22.02 9.34 -60.71
N GLY A 368 -21.64 8.15 -60.25
CA GLY A 368 -20.81 7.99 -59.08
C GLY A 368 -19.33 8.18 -59.37
N PRO A 369 -18.45 7.47 -58.66
CA PRO A 369 -18.70 6.49 -57.59
C PRO A 369 -19.34 7.12 -56.37
N TYR A 370 -19.75 6.29 -55.42
CA TYR A 370 -20.38 6.77 -54.20
C TYR A 370 -19.73 6.14 -53.00
N TRP A 371 -19.67 6.89 -51.91
CA TRP A 371 -19.33 6.33 -50.61
C TRP A 371 -20.38 6.77 -49.60
N SER A 372 -20.25 6.29 -48.38
CA SER A 372 -21.40 6.24 -47.50
C SER A 372 -21.00 6.26 -46.04
N ILE A 373 -21.62 7.18 -45.29
CA ILE A 373 -21.38 7.33 -43.86
C ILE A 373 -22.63 6.99 -43.07
N MET A 374 -22.47 6.16 -42.05
CA MET A 374 -23.56 5.77 -41.15
C MET A 374 -23.27 6.32 -39.75
N LEU A 375 -24.21 7.08 -39.21
CA LEU A 375 -24.03 7.78 -37.93
C LEU A 375 -25.01 7.27 -36.89
N GLU A 376 -24.57 7.25 -35.63
CA GLU A 376 -25.44 6.92 -34.51
C GLU A 376 -25.54 8.07 -33.52
N VAL A 377 -26.76 8.40 -33.14
CA VAL A 377 -27.05 9.41 -32.13
C VAL A 377 -27.93 8.78 -31.06
N SER A 378 -27.54 8.93 -29.80
CA SER A 378 -28.31 8.33 -28.73
C SER A 378 -29.31 9.33 -28.17
N GLU A 379 -30.37 8.81 -27.59
CA GLU A 379 -31.38 9.64 -26.94
C GLU A 379 -31.90 8.97 -25.68
N SER A 380 -32.13 9.75 -24.63
CA SER A 380 -32.81 9.21 -23.46
C SER A 380 -33.57 10.32 -22.78
N SER A 381 -34.27 9.97 -21.70
CA SER A 381 -34.94 10.98 -20.88
C SER A 381 -33.93 11.97 -20.31
N MET A 382 -32.68 11.53 -20.15
CA MET A 382 -31.63 12.42 -19.67
C MET A 382 -30.88 13.14 -20.79
N LYS A 383 -31.19 12.84 -22.04
CA LYS A 383 -30.46 13.47 -23.14
C LYS A 383 -31.36 13.56 -24.37
N PRO A 384 -32.25 14.57 -24.38
CA PRO A 384 -33.23 14.73 -25.45
C PRO A 384 -32.55 15.02 -26.76
N VAL A 385 -33.20 14.67 -27.86
CA VAL A 385 -32.66 14.94 -29.17
C VAL A 385 -33.72 15.63 -30.00
N ASN A 386 -33.36 16.77 -30.59
CA ASN A 386 -34.26 17.44 -31.51
C ASN A 386 -34.32 16.63 -32.79
N GLN A 387 -35.39 15.87 -32.93
CA GLN A 387 -35.58 14.97 -34.04
C GLN A 387 -35.70 15.73 -35.34
N GLU A 388 -36.29 16.92 -35.26
CA GLU A 388 -36.54 17.70 -36.44
C GLU A 388 -35.22 18.21 -37.08
N THR A 389 -34.20 18.44 -36.28
CA THR A 389 -32.95 18.99 -36.83
C THR A 389 -31.79 17.99 -36.85
N ILE A 390 -32.02 16.78 -36.34
CA ILE A 390 -30.93 15.84 -36.11
C ILE A 390 -30.19 15.45 -37.41
N LEU A 391 -30.90 15.37 -38.54
CA LEU A 391 -30.23 15.03 -39.80
C LEU A 391 -29.25 16.12 -40.18
N ALA A 392 -29.73 17.35 -40.25
CA ALA A 392 -28.89 18.51 -40.56
C ALA A 392 -27.75 18.68 -39.53
N ASP A 393 -28.02 18.41 -38.26
CA ASP A 393 -26.98 18.51 -37.23
C ASP A 393 -25.90 17.47 -37.47
N CYS A 394 -26.31 16.27 -37.84
CA CYS A 394 -25.35 15.23 -38.16
C CYS A 394 -24.50 15.64 -39.35
N ILE A 395 -25.14 16.21 -40.37
CA ILE A 395 -24.39 16.58 -41.56
C ILE A 395 -23.41 17.70 -41.23
N GLN A 396 -23.84 18.68 -40.43
CA GLN A 396 -22.91 19.71 -39.98
C GLN A 396 -21.78 19.08 -39.15
N GLY A 397 -22.13 18.08 -38.34
CA GLY A 397 -21.14 17.33 -37.57
C GLY A 397 -20.09 16.72 -38.47
N LEU A 398 -20.52 16.16 -39.61
CA LEU A 398 -19.60 15.60 -40.59
C LEU A 398 -18.64 16.66 -41.15
N VAL A 399 -19.14 17.87 -41.35
CA VAL A 399 -18.30 18.97 -41.81
C VAL A 399 -17.34 19.38 -40.69
N ASN A 400 -17.86 19.58 -39.48
CA ASN A 400 -17.04 19.99 -38.35
C ASN A 400 -15.88 19.03 -38.07
N THR A 401 -16.12 17.76 -38.31
CA THR A 401 -15.12 16.74 -37.98
C THR A 401 -14.23 16.47 -39.19
N GLU A 402 -14.45 17.21 -40.28
CA GLU A 402 -13.71 17.08 -41.53
C GLU A 402 -13.88 15.71 -42.18
N MET A 403 -14.99 15.04 -41.87
CA MET A 403 -15.34 13.85 -42.61
C MET A 403 -15.88 14.23 -43.98
N LEU A 404 -16.61 15.34 -44.04
CA LEU A 404 -17.07 15.87 -45.31
C LEU A 404 -16.53 17.28 -45.51
N LYS A 405 -16.15 17.59 -46.75
CA LYS A 405 -15.88 18.98 -47.14
C LYS A 405 -17.20 19.69 -47.34
N PRO A 406 -17.21 21.02 -47.16
CA PRO A 406 -18.41 21.82 -47.41
C PRO A 406 -19.02 21.56 -48.78
N THR A 407 -18.17 21.26 -49.76
CA THR A 407 -18.60 21.12 -51.13
C THR A 407 -19.02 19.71 -51.48
N ASP A 408 -18.85 18.77 -50.56
CA ASP A 408 -19.19 17.39 -50.90
C ASP A 408 -20.67 17.29 -51.28
N GLU A 409 -20.96 16.43 -52.25
CA GLU A 409 -22.31 16.30 -52.76
C GLU A 409 -23.01 15.09 -52.15
N ILE A 410 -24.08 15.38 -51.41
CA ILE A 410 -24.88 14.35 -50.77
C ILE A 410 -26.01 13.92 -51.68
N VAL A 411 -26.09 12.62 -51.96
CA VAL A 411 -27.08 12.13 -52.94
C VAL A 411 -28.15 11.28 -52.29
N SER A 412 -28.02 11.04 -51.00
CA SER A 412 -29.00 10.23 -50.29
C SER A 412 -28.92 10.51 -48.79
N THR A 413 -30.06 10.57 -48.14
CA THR A 413 -30.07 10.70 -46.69
C THR A 413 -31.06 9.72 -46.09
N TYR A 414 -30.73 9.27 -44.89
CA TYR A 414 -31.50 8.29 -44.16
C TYR A 414 -31.55 8.72 -42.71
N HIS A 415 -32.73 8.62 -42.11
CA HIS A 415 -32.83 8.76 -40.67
C HIS A 415 -33.96 7.90 -40.13
N ARG A 416 -33.63 7.11 -39.13
CA ARG A 416 -34.63 6.31 -38.47
C ARG A 416 -34.29 6.21 -36.98
N ARG A 417 -35.31 6.34 -36.16
CA ARG A 417 -35.19 6.23 -34.74
C ARG A 417 -35.61 4.84 -34.28
N PHE A 418 -34.74 4.17 -33.53
CA PHE A 418 -35.08 2.88 -32.93
C PHE A 418 -35.26 3.09 -31.43
N ASP A 419 -36.49 2.93 -30.96
CA ASP A 419 -36.83 3.31 -29.58
C ASP A 419 -36.02 2.53 -28.54
N HIS A 420 -36.00 1.21 -28.67
CA HIS A 420 -35.10 0.41 -27.87
C HIS A 420 -33.78 0.17 -28.61
N GLY A 421 -32.79 1.02 -28.32
CA GLY A 421 -31.48 0.91 -28.95
C GLY A 421 -30.45 0.22 -28.06
N TYR A 422 -30.21 0.78 -26.87
CA TYR A 422 -29.27 0.19 -25.91
C TYR A 422 -29.94 -0.11 -24.58
N PRO A 423 -29.75 -1.33 -24.06
CA PRO A 423 -30.15 -1.58 -22.67
C PRO A 423 -29.04 -1.08 -21.75
N THR A 424 -29.39 -0.15 -20.87
CA THR A 424 -28.38 0.60 -20.13
C THR A 424 -27.94 -0.17 -18.90
N PRO A 425 -26.63 -0.35 -18.72
CA PRO A 425 -26.12 -0.95 -17.50
C PRO A 425 -26.09 0.07 -16.35
N THR A 426 -27.27 0.52 -15.96
CA THR A 426 -27.40 1.40 -14.81
C THR A 426 -27.02 0.68 -13.53
N LEU A 427 -26.76 1.45 -12.48
CA LEU A 427 -26.49 0.88 -11.18
C LEU A 427 -27.64 -0.03 -10.77
N GLU A 428 -28.86 0.30 -11.20
CA GLU A 428 -30.04 -0.39 -10.73
C GLU A 428 -30.41 -1.63 -11.53
N ARG A 429 -29.79 -1.81 -12.69
CA ARG A 429 -30.18 -2.86 -13.63
C ARG A 429 -30.30 -4.23 -13.00
N GLU A 430 -29.25 -4.71 -12.34
CA GLU A 430 -29.26 -6.08 -11.85
C GLU A 430 -30.29 -6.30 -10.73
N GLY A 431 -30.40 -5.35 -9.81
CA GLY A 431 -31.42 -5.45 -8.77
C GLY A 431 -32.79 -5.62 -9.38
N THR A 432 -33.01 -4.96 -10.51
CA THR A 432 -34.28 -5.05 -11.21
C THR A 432 -34.41 -6.38 -11.94
N LEU A 433 -33.38 -6.74 -12.69
CA LEU A 433 -33.43 -7.95 -13.52
C LEU A 433 -33.61 -9.21 -12.68
N THR A 434 -33.00 -9.28 -11.49
CA THR A 434 -33.14 -10.49 -10.67
C THR A 434 -34.50 -10.53 -9.97
N GLN A 435 -35.33 -9.53 -10.21
CA GLN A 435 -36.74 -9.62 -9.84
C GLN A 435 -37.55 -10.08 -11.05
N ILE A 436 -37.17 -9.62 -12.23
CA ILE A 436 -37.93 -9.88 -13.44
C ILE A 436 -37.71 -11.30 -14.00
N LEU A 437 -36.46 -11.61 -14.30
CA LEU A 437 -36.15 -12.85 -15.00
C LEU A 437 -36.55 -14.12 -14.23
N PRO A 438 -36.36 -14.16 -12.89
CA PRO A 438 -36.82 -15.40 -12.24
C PRO A 438 -38.35 -15.52 -12.19
N LYS A 439 -39.02 -14.39 -12.05
CA LYS A 439 -40.47 -14.37 -12.03
C LYS A 439 -41.01 -14.95 -13.35
N LEU A 440 -40.37 -14.60 -14.46
CA LEU A 440 -40.76 -15.12 -15.77
C LEU A 440 -40.36 -16.59 -15.90
N GLN A 441 -39.17 -16.90 -15.42
CA GLN A 441 -38.67 -18.28 -15.37
C GLN A 441 -39.65 -19.22 -14.68
N ASP A 442 -40.26 -18.74 -13.60
CA ASP A 442 -41.17 -19.58 -12.84
C ASP A 442 -42.49 -19.79 -13.56
N LYS A 443 -42.70 -19.05 -14.64
CA LYS A 443 -43.86 -19.28 -15.47
C LYS A 443 -43.46 -20.00 -16.78
N ASP A 444 -42.26 -20.58 -16.79
CA ASP A 444 -41.71 -21.24 -17.97
C ASP A 444 -41.56 -20.26 -19.14
N ILE A 445 -41.16 -19.04 -18.85
CA ILE A 445 -40.84 -18.08 -19.90
C ILE A 445 -39.36 -17.73 -19.86
N TRP A 446 -38.64 -18.06 -20.92
CA TRP A 446 -37.25 -17.67 -21.08
C TRP A 446 -37.23 -16.34 -21.83
N SER A 447 -37.10 -15.23 -21.11
CA SER A 447 -36.97 -13.95 -21.77
C SER A 447 -35.49 -13.70 -22.00
N ARG A 448 -35.11 -13.55 -23.25
CA ARG A 448 -33.70 -13.58 -23.61
C ARG A 448 -33.44 -12.63 -24.76
N GLY A 449 -32.24 -12.05 -24.79
CA GLY A 449 -31.86 -11.21 -25.91
C GLY A 449 -31.46 -9.84 -25.45
N ARG A 450 -31.19 -8.96 -26.41
CA ARG A 450 -30.64 -7.65 -26.09
C ARG A 450 -31.59 -6.92 -25.18
N PHE A 451 -32.88 -7.01 -25.46
CA PHE A 451 -33.86 -6.44 -24.56
C PHE A 451 -34.75 -7.51 -23.92
N GLY A 452 -34.63 -8.74 -24.41
CA GLY A 452 -35.27 -9.85 -23.76
C GLY A 452 -34.69 -10.03 -22.36
N SER A 453 -33.37 -9.92 -22.24
CA SER A 453 -32.72 -10.05 -20.94
C SER A 453 -31.82 -8.88 -20.59
N TRP A 454 -31.70 -7.91 -21.52
CA TRP A 454 -31.30 -6.56 -21.16
C TRP A 454 -29.83 -6.39 -20.69
N ARG A 455 -28.94 -7.27 -21.10
CA ARG A 455 -27.55 -7.16 -20.66
C ARG A 455 -26.62 -6.87 -21.82
N TYR A 456 -26.20 -5.61 -21.90
CA TYR A 456 -25.43 -5.12 -23.02
C TYR A 456 -24.13 -5.90 -23.20
N GLU A 457 -23.54 -6.38 -22.11
CA GLU A 457 -22.24 -7.03 -22.18
C GLU A 457 -22.37 -8.37 -22.92
N VAL A 458 -23.57 -8.90 -22.98
CA VAL A 458 -23.85 -9.98 -23.89
C VAL A 458 -24.99 -9.57 -24.83
N GLY A 459 -24.79 -8.43 -25.49
CA GLY A 459 -25.82 -7.88 -26.34
C GLY A 459 -25.51 -7.79 -27.83
N ASN A 460 -24.40 -8.38 -28.27
CA ASN A 460 -24.10 -8.39 -29.70
C ASN A 460 -24.83 -9.52 -30.43
N GLN A 461 -24.66 -9.58 -31.75
CA GLN A 461 -25.33 -10.58 -32.56
C GLN A 461 -25.01 -11.99 -32.12
N ASP A 462 -23.75 -12.26 -31.80
CA ASP A 462 -23.39 -13.61 -31.43
C ASP A 462 -23.95 -13.95 -30.05
N HIS A 463 -23.77 -13.06 -29.07
CA HIS A 463 -24.39 -13.27 -27.75
C HIS A 463 -25.86 -13.56 -27.86
N SER A 464 -26.54 -12.71 -28.63
CA SER A 464 -27.98 -12.79 -28.75
C SER A 464 -28.37 -14.14 -29.31
N PHE A 465 -27.78 -14.45 -30.46
CA PHE A 465 -27.98 -15.74 -31.09
C PHE A 465 -27.79 -16.86 -30.07
N MET A 466 -26.72 -16.79 -29.30
CA MET A 466 -26.42 -17.87 -28.36
C MET A 466 -27.33 -17.85 -27.13
N LEU A 467 -27.89 -16.69 -26.77
CA LEU A 467 -28.86 -16.65 -25.67
C LEU A 467 -30.09 -17.47 -26.03
N GLY A 468 -30.51 -17.38 -27.29
CA GLY A 468 -31.60 -18.20 -27.81
C GLY A 468 -31.26 -19.68 -27.87
N VAL A 469 -30.06 -19.98 -28.38
CA VAL A 469 -29.56 -21.34 -28.45
C VAL A 469 -29.47 -21.98 -27.06
N GLU A 470 -28.90 -21.24 -26.11
CA GLU A 470 -28.68 -21.77 -24.77
C GLU A 470 -29.99 -21.86 -23.98
N ALA A 471 -30.96 -21.02 -24.32
CA ALA A 471 -32.26 -21.11 -23.66
C ALA A 471 -32.89 -22.44 -24.04
N VAL A 472 -32.86 -22.73 -25.34
CA VAL A 472 -33.39 -23.98 -25.85
C VAL A 472 -32.65 -25.16 -25.23
N ASP A 473 -31.32 -25.05 -25.16
CA ASP A 473 -30.50 -26.10 -24.60
C ASP A 473 -30.82 -26.33 -23.13
N ASN A 474 -31.07 -25.24 -22.41
CA ASN A 474 -31.50 -25.35 -21.03
C ASN A 474 -32.87 -26.02 -20.95
N ILE A 475 -33.79 -25.58 -21.80
CA ILE A 475 -35.15 -26.12 -21.85
C ILE A 475 -35.15 -27.61 -22.14
N VAL A 476 -34.29 -28.01 -23.07
CA VAL A 476 -34.31 -29.38 -23.57
C VAL A 476 -33.28 -30.31 -22.91
N ASN A 477 -32.05 -29.83 -22.81
CA ASN A 477 -30.93 -30.68 -22.40
C ASN A 477 -30.36 -30.32 -21.04
N GLY A 478 -31.04 -29.45 -20.32
CA GLY A 478 -30.57 -29.02 -19.00
C GLY A 478 -29.23 -28.30 -19.00
N ALA A 479 -28.91 -27.61 -20.09
CA ALA A 479 -27.65 -26.85 -20.20
C ALA A 479 -27.65 -25.65 -19.27
N VAL A 480 -26.46 -25.22 -18.86
CA VAL A 480 -26.33 -23.97 -18.13
C VAL A 480 -26.46 -22.80 -19.11
N GLU A 481 -27.26 -21.79 -18.74
CA GLU A 481 -27.35 -20.61 -19.58
C GLU A 481 -26.18 -19.69 -19.28
N LEU A 482 -25.05 -20.01 -19.90
CA LEU A 482 -23.78 -19.37 -19.61
C LEU A 482 -23.72 -17.92 -20.05
N THR A 483 -24.16 -17.66 -21.29
CA THR A 483 -24.16 -16.33 -21.81
C THR A 483 -25.03 -15.41 -20.96
N LEU A 484 -26.21 -15.90 -20.58
CA LEU A 484 -27.11 -15.12 -19.74
C LEU A 484 -26.53 -14.75 -18.37
N ASN A 485 -26.02 -15.75 -17.64
CA ASN A 485 -25.67 -15.53 -16.25
C ASN A 485 -24.19 -15.26 -16.01
N TYR A 486 -23.34 -15.67 -16.95
CA TYR A 486 -21.90 -15.45 -16.80
C TYR A 486 -21.24 -14.84 -18.04
N PRO A 487 -21.55 -13.57 -18.34
CA PRO A 487 -20.93 -12.83 -19.45
C PRO A 487 -19.41 -12.93 -19.47
N ASP A 488 -18.74 -12.70 -18.34
CA ASP A 488 -17.28 -12.79 -18.28
C ASP A 488 -16.78 -14.17 -18.72
N PHE A 489 -17.56 -15.20 -18.42
CA PHE A 489 -17.17 -16.55 -18.80
C PHE A 489 -17.21 -16.72 -20.32
N VAL A 490 -18.36 -16.49 -20.94
CA VAL A 490 -18.46 -16.70 -22.38
C VAL A 490 -17.55 -15.73 -23.14
N ASN A 491 -17.40 -14.51 -22.65
CA ASN A 491 -16.60 -13.52 -23.37
C ASN A 491 -15.11 -13.74 -23.21
N GLY A 492 -14.71 -14.53 -22.20
CA GLY A 492 -13.31 -14.70 -21.89
C GLY A 492 -12.70 -15.95 -22.50
N ARG A 493 -13.48 -16.66 -23.30
CA ARG A 493 -13.01 -17.92 -23.86
C ARG A 493 -13.53 -18.07 -25.27
N GLN A 494 -12.93 -18.99 -26.00
CA GLN A 494 -13.50 -19.42 -27.27
C GLN A 494 -14.49 -20.53 -26.98
N ASN A 495 -15.75 -20.31 -27.34
CA ASN A 495 -16.75 -21.31 -27.06
C ASN A 495 -16.88 -22.26 -28.25
N THR A 496 -16.31 -23.44 -28.10
CA THR A 496 -16.14 -24.34 -29.23
C THR A 496 -16.93 -25.63 -29.11
N GLU A 497 -17.52 -25.88 -27.94
CA GLU A 497 -18.08 -27.19 -27.66
C GLU A 497 -19.36 -27.44 -28.45
N ARG A 498 -20.22 -26.43 -28.54
CA ARG A 498 -21.50 -26.59 -29.20
C ARG A 498 -21.39 -26.33 -30.70
N ARG A 499 -21.87 -27.26 -31.50
CA ARG A 499 -21.74 -27.14 -32.95
C ARG A 499 -23.09 -27.37 -33.63
N LEU A 500 -23.21 -26.89 -34.86
CA LEU A 500 -24.44 -27.07 -35.62
C LEU A 500 -24.66 -28.55 -35.90
N VAL A 501 -23.57 -29.30 -35.92
CA VAL A 501 -23.68 -30.76 -35.91
C VAL A 501 -22.96 -31.33 -34.69
N ASP A 502 -23.75 -31.80 -33.73
CA ASP A 502 -23.21 -32.41 -32.51
C ASP A 502 -23.25 -33.94 -32.65
N GLY A 503 -22.70 -34.63 -31.66
CA GLY A 503 -22.69 -36.08 -31.66
C GLY A 503 -24.08 -36.66 -31.78
N ALA A 504 -25.05 -36.04 -31.14
CA ALA A 504 -26.44 -36.49 -31.22
C ALA A 504 -26.89 -36.67 -32.67
N GLN A 505 -26.66 -35.66 -33.51
CA GLN A 505 -27.13 -35.73 -34.90
C GLN A 505 -26.33 -36.74 -35.69
N VAL A 506 -25.05 -36.87 -35.35
CA VAL A 506 -24.18 -37.86 -35.97
C VAL A 506 -24.63 -39.28 -35.65
N PHE A 507 -24.85 -39.56 -34.36
CA PHE A 507 -25.21 -40.92 -33.93
C PHE A 507 -26.60 -41.32 -34.40
N ALA A 508 -27.48 -40.33 -34.58
CA ALA A 508 -28.84 -40.61 -35.01
C ALA A 508 -28.90 -41.00 -36.49
N LYS A 509 -27.97 -40.46 -37.29
CA LYS A 509 -27.94 -40.70 -38.74
C LYS A 509 -27.32 -42.06 -39.10
N SER A 510 -26.58 -42.64 -38.16
CA SER A 510 -25.91 -43.92 -38.38
C SER A 510 -26.83 -45.12 -38.05
N HIS B 6 14.71 60.82 29.87
CA HIS B 6 15.49 59.68 30.36
C HIS B 6 14.74 58.94 31.48
N PRO B 7 14.66 57.60 31.37
CA PRO B 7 13.89 56.77 32.32
C PRO B 7 14.52 56.67 33.70
N ASP B 8 13.73 56.26 34.69
CA ASP B 8 14.21 56.14 36.06
C ASP B 8 15.31 55.10 36.19
N ILE B 9 15.15 54.01 35.44
CA ILE B 9 16.11 52.92 35.43
C ILE B 9 16.46 52.58 33.98
N SER B 10 17.72 52.21 33.73
CA SER B 10 18.13 51.75 32.40
C SER B 10 18.96 50.49 32.54
N VAL B 11 18.56 49.44 31.85
CA VAL B 11 19.28 48.17 31.86
C VAL B 11 19.46 47.70 30.45
N ASP B 12 20.45 46.83 30.23
CA ASP B 12 20.62 46.22 28.92
C ASP B 12 19.45 45.30 28.61
N VAL B 13 19.13 44.41 29.54
CA VAL B 13 18.07 43.45 29.32
C VAL B 13 17.05 43.53 30.44
N LEU B 14 15.80 43.74 30.08
CA LEU B 14 14.73 43.73 31.07
C LEU B 14 13.91 42.47 30.89
N VAL B 15 13.62 41.82 32.00
CA VAL B 15 12.84 40.61 32.05
C VAL B 15 11.51 40.94 32.72
N ILE B 16 10.40 40.72 32.03
CA ILE B 16 9.09 40.91 32.63
C ILE B 16 8.49 39.58 33.04
N GLY B 17 8.23 39.43 34.33
CA GLY B 17 7.66 38.19 34.83
C GLY B 17 8.73 37.30 35.43
N ALA B 18 8.38 36.70 36.56
CA ALA B 18 9.31 35.90 37.34
C ALA B 18 8.66 34.55 37.68
N GLY B 19 7.95 33.99 36.72
CA GLY B 19 7.65 32.57 36.75
C GLY B 19 8.90 31.90 36.22
N PRO B 20 8.84 30.58 36.01
CA PRO B 20 10.00 29.84 35.52
C PRO B 20 10.67 30.51 34.30
N THR B 21 9.89 31.01 33.34
CA THR B 21 10.53 31.57 32.15
C THR B 21 11.40 32.77 32.52
N GLY B 22 10.83 33.74 33.23
CA GLY B 22 11.60 34.90 33.64
C GLY B 22 12.79 34.55 34.53
N LEU B 23 12.57 33.68 35.50
CA LEU B 23 13.64 33.29 36.41
C LEU B 23 14.77 32.64 35.62
N GLY B 24 14.41 31.87 34.60
CA GLY B 24 15.40 31.28 33.72
C GLY B 24 16.26 32.35 33.08
N ALA B 25 15.62 33.36 32.52
CA ALA B 25 16.32 34.47 31.92
C ALA B 25 17.22 35.15 32.97
N ALA B 26 16.66 35.40 34.16
CA ALA B 26 17.41 36.01 35.24
C ALA B 26 18.61 35.16 35.67
N LYS B 27 18.43 33.85 35.78
CA LYS B 27 19.53 32.98 36.16
C LYS B 27 20.66 33.05 35.12
N ARG B 28 20.31 32.99 33.84
CA ARG B 28 21.35 33.00 32.81
C ARG B 28 22.06 34.35 32.76
N LEU B 29 21.28 35.43 32.87
CA LEU B 29 21.85 36.77 32.95
C LEU B 29 22.78 36.89 34.15
N ASN B 30 22.35 36.34 35.28
CA ASN B 30 23.16 36.37 36.48
C ASN B 30 24.47 35.61 36.30
N GLN B 31 24.38 34.46 35.64
CA GLN B 31 25.55 33.61 35.43
C GLN B 31 26.53 34.27 34.47
N ILE B 32 26.01 34.81 33.37
CA ILE B 32 26.84 35.46 32.39
C ILE B 32 27.52 36.67 33.01
N ASP B 33 26.73 37.48 33.71
CA ASP B 33 27.27 38.63 34.43
C ASP B 33 28.01 39.57 33.46
N GLY B 34 27.38 39.85 32.33
CA GLY B 34 27.88 40.82 31.38
C GLY B 34 26.95 42.01 31.32
N PRO B 35 25.95 41.94 30.44
CA PRO B 35 24.90 42.97 30.34
C PRO B 35 24.20 43.22 31.67
N SER B 36 23.90 44.49 31.93
CA SER B 36 23.05 44.85 33.06
C SER B 36 21.64 44.31 32.83
N TRP B 37 20.93 44.03 33.90
CA TRP B 37 19.59 43.47 33.77
C TRP B 37 18.80 43.70 35.04
N MET B 38 17.49 43.54 34.95
CA MET B 38 16.65 43.42 36.12
C MET B 38 15.40 42.64 35.74
N ILE B 39 14.64 42.21 36.74
CA ILE B 39 13.49 41.38 36.50
C ILE B 39 12.36 41.92 37.35
N VAL B 40 11.18 42.05 36.75
CA VAL B 40 10.03 42.56 37.47
C VAL B 40 8.89 41.54 37.47
N ASP B 41 8.06 41.58 38.50
CA ASP B 41 6.87 40.75 38.53
C ASP B 41 5.81 41.49 39.32
N SER B 42 4.55 41.36 38.91
CA SER B 42 3.45 42.03 39.59
C SER B 42 3.15 41.36 40.92
N ASN B 43 3.70 40.16 41.10
CA ASN B 43 3.50 39.39 42.32
C ASN B 43 4.74 39.43 43.21
N GLU B 44 4.53 39.57 44.51
CA GLU B 44 5.62 39.62 45.49
C GLU B 44 6.34 38.28 45.53
N THR B 45 5.59 37.21 45.28
CA THR B 45 6.12 35.86 45.29
C THR B 45 6.31 35.34 43.85
N PRO B 46 7.56 35.03 43.48
CA PRO B 46 7.86 34.49 42.14
C PRO B 46 7.31 33.08 41.94
N GLY B 47 7.16 32.64 40.69
CA GLY B 47 6.74 31.28 40.42
C GLY B 47 5.60 31.15 39.43
N GLY B 48 4.79 32.22 39.32
CA GLY B 48 3.74 32.27 38.31
C GLY B 48 2.76 31.11 38.44
N LEU B 49 2.53 30.41 37.34
CA LEU B 49 1.67 29.24 37.36
C LEU B 49 2.36 28.07 38.03
N ALA B 50 3.63 28.22 38.39
CA ALA B 50 4.31 27.16 39.12
C ALA B 50 4.42 27.53 40.59
N SER B 51 3.45 28.33 41.05
CA SER B 51 3.35 28.70 42.48
C SER B 51 2.46 27.74 43.24
N THR B 52 2.36 27.96 44.54
CA THR B 52 1.56 27.09 45.41
C THR B 52 0.72 27.93 46.38
N ASP B 53 -0.57 27.60 46.49
CA ASP B 53 -1.44 28.19 47.49
C ASP B 53 -1.54 27.30 48.73
N VAL B 54 -2.05 27.85 49.83
CA VAL B 54 -2.41 27.06 51.00
C VAL B 54 -3.77 27.51 51.53
N THR B 55 -4.60 26.56 51.93
CA THR B 55 -5.90 26.86 52.51
C THR B 55 -5.72 27.31 53.95
N PRO B 56 -6.72 28.04 54.50
CA PRO B 56 -6.65 28.40 55.93
C PRO B 56 -6.46 27.18 56.83
N GLU B 57 -6.76 25.98 56.35
CA GLU B 57 -6.65 24.78 57.16
C GLU B 57 -5.28 24.09 57.00
N GLY B 58 -4.42 24.64 56.15
CA GLY B 58 -3.08 24.13 56.01
C GLY B 58 -2.85 23.15 54.88
N PHE B 59 -3.74 23.12 53.91
CA PHE B 59 -3.56 22.22 52.78
C PHE B 59 -2.96 22.99 51.61
N LEU B 60 -1.81 22.53 51.13
CA LEU B 60 -1.16 23.17 49.99
C LEU B 60 -1.81 22.71 48.67
N TYR B 61 -1.92 23.62 47.70
CA TYR B 61 -2.28 23.20 46.34
C TYR B 61 -1.44 23.91 45.30
N ASP B 62 -0.78 23.11 44.46
CA ASP B 62 -0.14 23.65 43.25
C ASP B 62 -1.25 24.19 42.35
N VAL B 63 -0.87 24.79 41.23
CA VAL B 63 -1.85 25.16 40.23
C VAL B 63 -2.13 23.92 39.40
N GLY B 64 -2.89 22.98 39.96
CA GLY B 64 -3.10 21.71 39.30
C GLY B 64 -1.84 20.85 39.39
N GLY B 65 -1.95 19.63 38.88
CA GLY B 65 -0.87 18.65 38.96
C GLY B 65 0.40 19.14 38.30
N HIS B 66 1.44 19.32 39.11
CA HIS B 66 2.76 19.68 38.60
C HIS B 66 3.79 18.62 38.92
N VAL B 67 4.27 17.95 37.87
CA VAL B 67 5.24 16.88 38.00
C VAL B 67 6.39 17.27 37.10
N ILE B 68 7.59 17.32 37.64
CA ILE B 68 8.71 17.77 36.85
C ILE B 68 9.31 16.63 36.06
N PHE B 69 9.39 16.79 34.74
CA PHE B 69 10.29 15.94 33.98
C PHE B 69 11.23 16.85 33.21
N SER B 70 12.50 16.77 33.57
CA SER B 70 13.47 17.73 33.07
C SER B 70 14.19 17.19 31.85
N HIS B 71 14.25 18.00 30.78
CA HIS B 71 14.98 17.63 29.58
C HIS B 71 16.35 18.27 29.56
N TYR B 72 16.67 19.05 30.58
CA TYR B 72 17.87 19.90 30.55
C TYR B 72 18.71 19.86 31.82
N LYS B 73 20.01 19.66 31.65
CA LYS B 73 20.92 19.66 32.76
C LYS B 73 20.94 21.03 33.42
N TYR B 74 20.79 22.08 32.62
CA TYR B 74 20.86 23.44 33.15
C TYR B 74 19.76 23.68 34.17
N PHE B 75 18.56 23.18 33.84
CA PHE B 75 17.41 23.27 34.73
C PHE B 75 17.70 22.49 36.03
N ASP B 76 18.33 21.33 35.89
CA ASP B 76 18.70 20.53 37.04
C ASP B 76 19.68 21.29 37.92
N ASP B 77 20.70 21.89 37.30
CA ASP B 77 21.70 22.64 38.06
C ASP B 77 21.03 23.71 38.91
N CYS B 78 20.06 24.40 38.35
CA CYS B 78 19.45 25.51 39.06
C CYS B 78 18.51 25.01 40.17
N LEU B 79 17.82 23.91 39.92
CA LEU B 79 16.98 23.33 40.96
C LEU B 79 17.87 22.79 42.08
N ASP B 80 19.00 22.19 41.72
CA ASP B 80 19.92 21.65 42.72
C ASP B 80 20.51 22.77 43.56
N GLU B 81 20.85 23.88 42.91
CA GLU B 81 21.40 25.02 43.61
C GLU B 81 20.39 25.55 44.60
N ALA B 82 19.14 25.63 44.15
CA ALA B 82 18.10 26.26 44.93
C ALA B 82 17.72 25.40 46.12
N LEU B 83 17.66 24.08 45.90
CA LEU B 83 17.31 23.13 46.94
C LEU B 83 18.35 22.00 46.96
N PRO B 84 19.51 22.28 47.56
CA PRO B 84 20.69 21.41 47.53
C PRO B 84 20.62 20.20 48.46
N LYS B 85 19.74 20.21 49.44
CA LYS B 85 19.71 19.11 50.40
C LYS B 85 18.85 17.93 49.92
N GLU B 86 19.26 16.71 50.27
CA GLU B 86 18.49 15.52 49.93
C GLU B 86 17.09 15.55 50.53
N ASP B 87 16.97 16.08 51.74
CA ASP B 87 15.64 16.13 52.35
C ASP B 87 14.86 17.38 51.90
N ASP B 88 15.34 18.06 50.86
CA ASP B 88 14.57 19.14 50.26
C ASP B 88 13.60 18.56 49.25
N TRP B 89 13.75 17.27 48.97
CA TRP B 89 13.03 16.61 47.90
C TRP B 89 12.48 15.25 48.28
N TYR B 90 11.34 14.89 47.70
CA TYR B 90 10.85 13.51 47.78
C TYR B 90 10.79 12.94 46.38
N THR B 91 11.15 11.67 46.25
CA THR B 91 11.19 11.02 44.96
C THR B 91 10.06 10.01 44.87
N HIS B 92 9.33 10.05 43.77
CA HIS B 92 8.21 9.14 43.57
C HIS B 92 8.25 8.56 42.18
N GLN B 93 7.64 7.40 42.02
CA GLN B 93 7.51 6.82 40.70
C GLN B 93 6.36 7.52 40.00
N ARG B 94 6.48 7.69 38.68
CA ARG B 94 5.47 8.34 37.88
C ARG B 94 4.27 7.41 37.66
N ILE B 95 3.47 7.26 38.70
CA ILE B 95 2.35 6.34 38.71
C ILE B 95 1.05 7.02 38.30
N SER B 96 0.49 6.61 37.17
CA SER B 96 -0.79 7.20 36.77
C SER B 96 -1.75 6.16 36.22
N TYR B 97 -3.04 6.48 36.30
CA TYR B 97 -4.10 5.59 35.87
C TYR B 97 -5.19 6.38 35.16
N VAL B 98 -5.92 5.68 34.32
CA VAL B 98 -7.10 6.20 33.69
C VAL B 98 -8.32 5.58 34.36
N ARG B 99 -9.23 6.40 34.84
CA ARG B 99 -10.50 5.90 35.36
C ARG B 99 -11.42 5.51 34.20
N CYS B 100 -11.81 4.24 34.16
CA CYS B 100 -12.63 3.79 33.05
C CYS B 100 -13.52 2.65 33.44
N GLN B 101 -14.82 2.84 33.29
CA GLN B 101 -15.79 1.78 33.54
C GLN B 101 -15.53 1.08 34.88
N GLY B 102 -15.37 1.89 35.93
CA GLY B 102 -15.31 1.38 37.28
C GLY B 102 -13.95 0.83 37.65
N GLN B 103 -12.99 1.00 36.76
CA GLN B 103 -11.65 0.47 36.95
C GLN B 103 -10.59 1.56 36.92
N TRP B 104 -9.54 1.37 37.71
CA TRP B 104 -8.31 2.15 37.51
C TRP B 104 -7.42 1.42 36.51
N VAL B 105 -7.37 1.93 35.28
CA VAL B 105 -6.57 1.35 34.23
C VAL B 105 -5.21 2.00 34.18
N PRO B 106 -4.14 1.21 34.38
CA PRO B 106 -2.77 1.75 34.29
C PRO B 106 -2.53 2.48 32.98
N TYR B 107 -1.84 3.61 33.06
CA TYR B 107 -1.37 4.32 31.88
C TYR B 107 -0.07 3.65 31.41
N PRO B 108 0.13 3.48 30.10
CA PRO B 108 -0.73 3.90 28.99
C PRO B 108 -1.95 2.99 28.81
N PHE B 109 -3.09 3.61 28.56
CA PHE B 109 -4.38 2.97 28.51
C PHE B 109 -4.42 1.76 27.57
N ALA B 110 -3.87 1.94 26.38
CA ALA B 110 -4.00 0.94 25.32
C ALA B 110 -3.36 -0.38 25.71
N ASN B 111 -2.33 -0.28 26.54
CA ASN B 111 -1.57 -1.45 26.96
C ASN B 111 -2.26 -2.17 28.08
N ASN B 112 -3.39 -1.64 28.51
CA ASN B 112 -4.00 -2.17 29.72
C ASN B 112 -5.49 -2.46 29.61
N ILE B 113 -5.98 -2.52 28.38
CA ILE B 113 -7.41 -2.70 28.17
C ILE B 113 -7.84 -4.14 28.49
N SER B 114 -6.90 -5.01 28.84
CA SER B 114 -7.27 -6.34 29.34
C SER B 114 -8.13 -6.26 30.61
N MET B 115 -8.15 -5.08 31.24
CA MET B 115 -8.95 -4.87 32.44
C MET B 115 -10.41 -4.66 32.10
N LEU B 116 -10.67 -4.26 30.87
CA LEU B 116 -12.02 -4.01 30.40
C LEU B 116 -12.70 -5.33 30.06
N PRO B 117 -14.04 -5.32 29.99
CA PRO B 117 -14.74 -6.53 29.54
C PRO B 117 -14.28 -7.00 28.16
N LYS B 118 -14.39 -8.31 27.94
CA LYS B 118 -13.94 -8.93 26.71
C LYS B 118 -14.59 -8.29 25.49
N GLU B 119 -15.88 -8.00 25.58
CA GLU B 119 -16.56 -7.36 24.45
C GLU B 119 -15.97 -5.97 24.17
N GLU B 120 -15.49 -5.26 25.19
CA GLU B 120 -14.85 -3.98 24.95
C GLU B 120 -13.48 -4.20 24.30
N GLN B 121 -12.79 -5.23 24.75
CA GLN B 121 -11.51 -5.59 24.19
C GLN B 121 -11.64 -5.89 22.70
N VAL B 122 -12.69 -6.60 22.33
CA VAL B 122 -12.92 -6.93 20.92
C VAL B 122 -13.12 -5.67 20.09
N LYS B 123 -13.96 -4.75 20.58
CA LYS B 123 -14.20 -3.50 19.90
C LYS B 123 -12.89 -2.71 19.79
N CYS B 124 -12.09 -2.72 20.85
CA CYS B 124 -10.83 -1.99 20.84
C CYS B 124 -9.87 -2.54 19.81
N ILE B 125 -9.69 -3.87 19.81
CA ILE B 125 -8.70 -4.50 18.94
C ILE B 125 -9.16 -4.42 17.48
N ASP B 126 -10.44 -4.68 17.22
CA ASP B 126 -10.99 -4.49 15.87
C ASP B 126 -10.66 -3.09 15.35
N GLY B 127 -10.92 -2.08 16.16
CA GLY B 127 -10.65 -0.72 15.75
C GLY B 127 -9.18 -0.47 15.51
N MET B 128 -8.32 -1.13 16.28
CA MET B 128 -6.89 -0.90 16.11
C MET B 128 -6.36 -1.68 14.90
N ILE B 129 -7.02 -2.77 14.58
CA ILE B 129 -6.68 -3.51 13.39
C ILE B 129 -6.97 -2.64 12.16
N ASP B 130 -8.11 -1.96 12.14
CA ASP B 130 -8.42 -1.03 11.05
C ASP B 130 -7.35 0.05 10.95
N ALA B 131 -6.98 0.63 12.08
CA ALA B 131 -6.00 1.71 12.07
C ALA B 131 -4.67 1.20 11.55
N ALA B 132 -4.36 -0.06 11.87
CA ALA B 132 -3.06 -0.64 11.51
C ALA B 132 -3.01 -0.89 10.02
N LEU B 133 -4.11 -1.39 9.46
CA LEU B 133 -4.17 -1.66 8.04
C LEU B 133 -4.12 -0.35 7.24
N GLU B 134 -4.82 0.66 7.74
CA GLU B 134 -4.81 1.98 7.09
C GLU B 134 -3.43 2.60 7.18
N ALA B 135 -2.77 2.46 8.33
CA ALA B 135 -1.44 3.03 8.51
C ALA B 135 -0.44 2.36 7.58
N ARG B 136 -0.70 1.12 7.20
CA ARG B 136 0.23 0.42 6.31
C ARG B 136 0.31 1.08 4.94
N VAL B 137 -0.77 1.76 4.51
CA VAL B 137 -0.77 2.43 3.20
C VAL B 137 -0.87 3.95 3.31
N ALA B 138 -0.78 4.49 4.52
CA ALA B 138 -0.89 5.93 4.70
C ALA B 138 0.35 6.60 4.13
N ASN B 139 0.16 7.67 3.38
CA ASN B 139 1.29 8.45 2.92
C ASN B 139 1.07 9.95 3.14
N THR B 140 0.13 10.29 4.02
CA THR B 140 -0.08 11.68 4.45
C THR B 140 0.02 11.76 5.97
N LYS B 141 0.51 12.87 6.49
CA LYS B 141 0.46 13.13 7.93
C LYS B 141 -0.98 13.41 8.35
N PRO B 142 -1.35 12.99 9.56
CA PRO B 142 -2.63 13.47 10.10
C PRO B 142 -2.63 14.99 10.19
N LYS B 143 -3.79 15.59 9.95
CA LYS B 143 -3.90 17.05 9.92
C LYS B 143 -4.40 17.59 11.25
N THR B 144 -5.21 16.80 11.95
CA THR B 144 -5.76 17.23 13.24
C THR B 144 -5.40 16.28 14.38
N PHE B 145 -5.47 16.80 15.61
CA PHE B 145 -5.32 16.01 16.81
C PHE B 145 -6.22 14.76 16.76
N ASP B 146 -7.47 14.96 16.32
CA ASP B 146 -8.40 13.85 16.26
C ASP B 146 -7.94 12.78 15.28
N GLU B 147 -7.45 13.21 14.11
CA GLU B 147 -6.99 12.27 13.10
C GLU B 147 -5.79 11.50 13.64
N TRP B 148 -4.95 12.19 14.39
CA TRP B 148 -3.78 11.61 15.01
C TRP B 148 -4.21 10.55 16.02
N ILE B 149 -5.19 10.86 16.86
CA ILE B 149 -5.65 9.89 17.84
C ILE B 149 -6.20 8.64 17.18
N VAL B 150 -7.10 8.80 16.21
CA VAL B 150 -7.74 7.65 15.57
C VAL B 150 -6.70 6.78 14.86
N ARG B 151 -5.74 7.41 14.22
CA ARG B 151 -4.70 6.67 13.52
C ARG B 151 -3.78 5.90 14.48
N MET B 152 -3.53 6.46 15.66
CA MET B 152 -2.72 5.78 16.66
C MET B 152 -3.49 4.64 17.32
N MET B 153 -4.76 4.91 17.62
CA MET B 153 -5.49 4.07 18.56
C MET B 153 -6.60 3.23 17.93
N GLY B 154 -7.12 3.69 16.79
CA GLY B 154 -8.37 3.13 16.29
C GLY B 154 -9.56 3.74 17.03
N THR B 155 -10.74 3.55 16.48
CA THR B 155 -11.96 4.18 16.98
C THR B 155 -12.32 3.78 18.40
N GLY B 156 -12.38 2.48 18.63
CA GLY B 156 -12.80 1.95 19.92
C GLY B 156 -11.97 2.51 21.04
N ILE B 157 -10.66 2.39 20.91
CA ILE B 157 -9.78 2.89 21.94
C ILE B 157 -9.78 4.42 22.02
N ALA B 158 -9.83 5.10 20.87
CA ALA B 158 -9.90 6.56 20.88
C ALA B 158 -11.10 7.07 21.70
N ASP B 159 -12.26 6.44 21.46
CA ASP B 159 -13.52 6.84 22.05
C ASP B 159 -13.59 6.62 23.56
N LEU B 160 -12.80 5.66 24.05
CA LEU B 160 -12.79 5.33 25.48
C LEU B 160 -11.91 6.26 26.29
N PHE B 161 -10.85 6.78 25.69
CA PHE B 161 -9.93 7.57 26.49
C PHE B 161 -9.55 8.90 25.85
N MET B 162 -8.65 8.86 24.86
CA MET B 162 -8.03 10.09 24.38
C MET B 162 -9.00 11.12 23.79
N ARG B 163 -10.01 10.68 23.05
CA ARG B 163 -10.98 11.67 22.55
C ARG B 163 -11.74 12.36 23.70
N PRO B 164 -12.46 11.59 24.53
CA PRO B 164 -13.22 12.37 25.51
C PRO B 164 -12.32 13.03 26.55
N TYR B 165 -11.22 12.39 26.92
CA TYR B 165 -10.30 12.98 27.88
C TYR B 165 -9.77 14.32 27.37
N ASN B 166 -9.25 14.31 26.16
CA ASN B 166 -8.68 15.54 25.63
C ASN B 166 -9.67 16.65 25.39
N PHE B 167 -10.94 16.34 25.16
CA PHE B 167 -11.88 17.46 25.20
C PHE B 167 -11.99 18.04 26.62
N LYS B 168 -12.03 17.17 27.62
CA LYS B 168 -12.14 17.64 29.01
C LYS B 168 -10.94 18.48 29.43
N VAL B 169 -9.79 18.18 28.84
CA VAL B 169 -8.55 18.93 29.09
C VAL B 169 -8.52 20.24 28.33
N TRP B 170 -8.60 20.15 27.02
CA TRP B 170 -8.38 21.31 26.16
C TRP B 170 -9.56 22.26 26.03
N ALA B 171 -10.76 21.77 26.34
CA ALA B 171 -11.97 22.58 26.28
C ALA B 171 -12.23 23.04 24.87
N VAL B 172 -11.70 22.28 23.90
CA VAL B 172 -12.04 22.38 22.49
C VAL B 172 -12.05 20.96 21.91
N PRO B 173 -12.87 20.73 20.87
CA PRO B 173 -12.89 19.40 20.25
C PRO B 173 -11.53 19.03 19.68
N THR B 174 -11.21 17.74 19.67
CA THR B 174 -9.92 17.28 19.17
C THR B 174 -9.74 17.61 17.68
N THR B 175 -10.87 17.74 16.99
CA THR B 175 -10.89 18.06 15.57
C THR B 175 -10.47 19.50 15.29
N LYS B 176 -10.41 20.32 16.33
CA LYS B 176 -10.04 21.73 16.17
C LYS B 176 -8.56 22.00 16.44
N MET B 177 -7.83 20.96 16.83
CA MET B 177 -6.43 21.13 17.18
C MET B 177 -5.50 20.50 16.17
N GLN B 178 -4.32 21.09 16.03
CA GLN B 178 -3.26 20.51 15.23
C GLN B 178 -2.69 19.30 15.96
N CYS B 179 -1.71 18.65 15.37
CA CYS B 179 -1.09 17.49 16.01
C CYS B 179 0.43 17.49 15.88
N ALA B 180 1.00 18.48 15.19
CA ALA B 180 2.46 18.60 15.11
C ALA B 180 3.10 18.67 16.48
N TRP B 181 2.37 19.28 17.43
CA TRP B 181 2.85 19.47 18.79
C TRP B 181 3.08 18.14 19.51
N LEU B 182 2.50 17.07 18.99
CA LEU B 182 2.71 15.75 19.57
C LEU B 182 4.05 15.13 19.17
N GLY B 183 4.79 15.77 18.27
CA GLY B 183 6.07 15.23 17.86
C GLY B 183 6.04 14.58 16.48
N GLU B 184 7.19 14.07 16.03
CA GLU B 184 7.31 13.62 14.64
C GLU B 184 7.11 12.11 14.47
N ARG B 185 6.78 11.42 15.57
CA ARG B 185 6.54 9.98 15.49
C ARG B 185 5.33 9.70 14.60
N VAL B 186 5.49 8.74 13.68
CA VAL B 186 4.42 8.36 12.76
C VAL B 186 3.15 7.93 13.49
N ALA B 187 2.00 8.47 13.05
CA ALA B 187 0.70 8.09 13.61
C ALA B 187 0.27 6.68 13.19
N ALA B 188 0.76 5.69 13.92
CA ALA B 188 0.51 4.27 13.62
C ALA B 188 0.40 3.49 14.93
N PRO B 189 -0.45 2.45 14.95
CA PRO B 189 -0.69 1.71 16.19
C PRO B 189 0.37 0.66 16.47
N ASN B 190 0.68 0.40 17.74
CA ASN B 190 1.42 -0.83 18.05
C ASN B 190 0.42 -1.93 18.33
N LEU B 191 -0.16 -2.43 17.24
CA LEU B 191 -1.14 -3.50 17.28
C LEU B 191 -0.59 -4.70 18.02
N LYS B 192 0.66 -5.06 17.73
CA LYS B 192 1.23 -6.27 18.33
C LYS B 192 1.30 -6.17 19.84
N ALA B 193 1.80 -5.03 20.34
CA ALA B 193 1.98 -4.84 21.77
C ALA B 193 0.64 -4.79 22.48
N VAL B 194 -0.31 -4.07 21.90
CA VAL B 194 -1.62 -3.95 22.51
C VAL B 194 -2.34 -5.31 22.50
N THR B 195 -2.31 -6.04 21.38
CA THR B 195 -3.02 -7.33 21.36
C THR B 195 -2.30 -8.34 22.23
N THR B 196 -0.99 -8.22 22.34
CA THR B 196 -0.21 -9.14 23.15
C THR B 196 -0.65 -9.06 24.61
N ASN B 197 -0.77 -7.85 25.14
CA ASN B 197 -1.21 -7.71 26.53
C ASN B 197 -2.64 -8.18 26.74
N VAL B 198 -3.48 -7.98 25.73
CA VAL B 198 -4.84 -8.49 25.79
C VAL B 198 -4.84 -10.02 25.82
N ILE B 199 -4.07 -10.64 24.94
CA ILE B 199 -3.99 -12.10 24.90
C ILE B 199 -3.49 -12.68 26.24
N LEU B 200 -2.48 -12.03 26.80
CA LEU B 200 -1.85 -12.51 28.02
C LEU B 200 -2.64 -12.16 29.29
N GLY B 201 -3.57 -11.22 29.19
CA GLY B 201 -4.29 -10.75 30.36
C GLY B 201 -3.35 -9.94 31.24
N LYS B 202 -2.40 -9.28 30.58
CA LYS B 202 -1.37 -8.52 31.26
C LYS B 202 -1.75 -7.03 31.41
N THR B 203 -1.39 -6.47 32.55
CA THR B 203 -1.37 -5.03 32.75
C THR B 203 0.06 -4.60 33.03
N ALA B 204 0.38 -3.36 32.68
CA ALA B 204 1.70 -2.80 32.92
C ALA B 204 1.66 -1.29 32.78
N GLY B 205 1.99 -0.61 33.87
CA GLY B 205 2.14 0.83 33.84
C GLY B 205 3.50 1.19 33.27
N ASN B 206 3.62 2.41 32.74
CA ASN B 206 4.88 2.85 32.16
C ASN B 206 5.79 3.49 33.22
N TRP B 207 5.82 2.89 34.41
CA TRP B 207 6.68 3.39 35.47
C TRP B 207 7.43 2.23 36.09
N GLY B 208 8.40 2.57 36.93
CA GLY B 208 9.24 1.60 37.58
C GLY B 208 10.28 2.37 38.37
N PRO B 209 11.27 1.68 38.92
CA PRO B 209 12.31 2.36 39.70
C PRO B 209 13.07 3.42 38.89
N ASN B 210 13.06 3.33 37.56
CA ASN B 210 13.75 4.31 36.74
C ASN B 210 12.84 5.34 36.08
N ALA B 211 11.55 5.30 36.39
CA ALA B 211 10.61 6.30 35.90
C ALA B 211 10.08 7.12 37.08
N THR B 212 10.86 8.09 37.52
CA THR B 212 10.54 8.85 38.73
C THR B 212 10.48 10.35 38.52
N PHE B 213 9.95 11.02 39.53
CA PHE B 213 10.01 12.47 39.60
C PHE B 213 10.35 12.82 41.02
N ARG B 214 10.97 13.98 41.20
CA ARG B 214 11.19 14.51 42.52
C ARG B 214 10.29 15.72 42.75
N PHE B 215 9.81 15.86 43.99
CA PHE B 215 8.89 16.92 44.33
C PHE B 215 9.43 17.63 45.58
N PRO B 216 9.31 18.97 45.65
CA PRO B 216 9.88 19.70 46.80
C PRO B 216 9.28 19.21 48.11
N ALA B 217 10.12 19.02 49.14
CA ALA B 217 9.64 18.60 50.44
C ALA B 217 8.67 19.63 51.02
N ARG B 218 8.95 20.92 50.78
CA ARG B 218 8.13 21.97 51.39
C ARG B 218 7.73 23.08 50.43
N GLY B 219 6.54 23.65 50.67
CA GLY B 219 6.08 24.79 49.89
C GLY B 219 5.52 24.43 48.52
N GLY B 220 5.35 23.13 48.27
CA GLY B 220 4.86 22.67 46.98
C GLY B 220 5.79 23.11 45.87
N THR B 221 5.34 22.99 44.64
CA THR B 221 6.14 23.41 43.50
C THR B 221 6.63 24.86 43.66
N GLY B 222 5.80 25.69 44.29
CA GLY B 222 6.13 27.08 44.49
C GLY B 222 7.43 27.27 45.25
N GLY B 223 7.77 26.30 46.10
CA GLY B 223 8.98 26.36 46.88
C GLY B 223 10.23 26.41 46.02
N ILE B 224 10.17 25.78 44.84
CA ILE B 224 11.31 25.77 43.93
C ILE B 224 11.66 27.18 43.46
N TRP B 225 10.65 27.90 43.01
CA TRP B 225 10.87 29.18 42.36
C TRP B 225 11.12 30.31 43.37
N ILE B 226 10.58 30.14 44.57
CA ILE B 226 10.96 31.01 45.67
C ILE B 226 12.46 30.85 45.90
N ALA B 227 12.90 29.61 46.02
CA ALA B 227 14.32 29.31 46.24
C ALA B 227 15.20 29.74 45.06
N VAL B 228 14.77 29.49 43.83
CA VAL B 228 15.57 29.89 42.66
C VAL B 228 15.73 31.40 42.63
N ALA B 229 14.62 32.12 42.77
CA ALA B 229 14.64 33.57 42.83
C ALA B 229 15.56 34.07 43.94
N ASN B 230 15.54 33.40 45.09
CA ASN B 230 16.42 33.79 46.19
C ASN B 230 17.92 33.79 45.86
N THR B 231 18.31 33.04 44.84
CA THR B 231 19.71 32.99 44.45
C THR B 231 20.11 34.23 43.65
N LEU B 232 19.13 35.02 43.21
CA LEU B 232 19.40 36.24 42.47
C LEU B 232 19.73 37.42 43.37
N PRO B 233 20.52 38.38 42.86
CA PRO B 233 20.75 39.61 43.62
C PRO B 233 19.46 40.42 43.75
N LYS B 234 19.03 40.65 44.99
CA LYS B 234 17.72 41.23 45.28
C LYS B 234 17.50 42.56 44.57
N GLU B 235 18.54 43.38 44.52
CA GLU B 235 18.44 44.72 43.96
C GLU B 235 18.18 44.72 42.46
N LYS B 236 18.27 43.56 41.82
CA LYS B 236 17.95 43.46 40.40
C LYS B 236 16.53 42.93 40.24
N THR B 237 15.83 42.76 41.36
CA THR B 237 14.47 42.28 41.31
C THR B 237 13.52 43.35 41.82
N ARG B 238 12.28 43.26 41.38
CA ARG B 238 11.26 44.22 41.74
C ARG B 238 9.94 43.48 41.62
N PHE B 239 9.54 42.87 42.73
CA PHE B 239 8.41 41.96 42.79
C PHE B 239 7.31 42.56 43.63
N GLY B 240 6.07 42.52 43.14
CA GLY B 240 4.94 43.10 43.86
C GLY B 240 4.30 44.18 43.02
N GLU B 241 3.42 44.96 43.64
CA GLU B 241 2.80 46.10 42.98
C GLU B 241 3.86 47.01 42.37
N LYS B 242 4.99 47.13 43.06
CA LYS B 242 6.09 47.95 42.57
C LYS B 242 6.70 47.41 41.26
N GLY B 243 6.47 46.15 40.95
CA GLY B 243 7.03 45.58 39.72
C GLY B 243 6.01 45.23 38.65
N LYS B 244 4.80 45.78 38.79
CA LYS B 244 3.75 45.48 37.83
C LYS B 244 3.88 46.37 36.60
N VAL B 245 4.06 45.74 35.45
CA VAL B 245 4.13 46.46 34.20
C VAL B 245 2.74 46.88 33.72
N THR B 246 2.56 48.15 33.40
CA THR B 246 1.29 48.63 32.88
C THR B 246 1.41 49.11 31.46
N LYS B 247 2.60 49.52 31.06
CA LYS B 247 2.79 50.03 29.71
C LYS B 247 4.12 49.60 29.13
N VAL B 248 4.09 49.15 27.88
CA VAL B 248 5.32 48.88 27.15
C VAL B 248 5.35 49.74 25.89
N ASN B 249 6.31 50.64 25.84
CA ASN B 249 6.49 51.49 24.67
C ASN B 249 7.64 50.92 23.86
N ALA B 250 7.31 50.09 22.89
CA ALA B 250 8.30 49.33 22.14
C ALA B 250 9.17 50.23 21.30
N ASN B 251 8.59 51.31 20.77
CA ASN B 251 9.37 52.22 19.95
C ASN B 251 10.42 52.98 20.76
N ASN B 252 10.08 53.34 22.00
CA ASN B 252 11.00 54.04 22.89
C ASN B 252 11.89 53.09 23.69
N LYS B 253 11.56 51.80 23.62
CA LYS B 253 12.18 50.79 24.47
C LYS B 253 12.11 51.20 25.92
N THR B 254 10.88 51.49 26.36
CA THR B 254 10.62 51.94 27.70
C THR B 254 9.41 51.20 28.26
N VAL B 255 9.51 50.82 29.52
CA VAL B 255 8.45 50.11 30.19
C VAL B 255 8.00 50.96 31.36
N THR B 256 6.69 51.08 31.55
CA THR B 256 6.20 51.84 32.68
C THR B 256 5.55 50.89 33.67
N LEU B 257 5.90 51.04 34.94
CA LEU B 257 5.29 50.23 35.98
C LEU B 257 4.11 50.98 36.61
N GLN B 258 3.35 50.24 37.42
CA GLN B 258 2.14 50.75 38.03
C GLN B 258 2.41 52.01 38.85
N ASP B 259 3.55 52.03 39.54
CA ASP B 259 3.85 53.14 40.44
C ASP B 259 4.49 54.33 39.72
N GLY B 260 4.54 54.29 38.40
CA GLY B 260 5.10 55.40 37.64
C GLY B 260 6.54 55.20 37.19
N THR B 261 7.26 54.27 37.81
CA THR B 261 8.65 53.98 37.46
C THR B 261 8.79 53.61 35.99
N THR B 262 9.75 54.24 35.32
CA THR B 262 10.06 53.89 33.94
C THR B 262 11.40 53.16 33.84
N ILE B 263 11.42 52.14 32.99
CA ILE B 263 12.63 51.37 32.77
C ILE B 263 12.98 51.34 31.29
N GLY B 264 14.12 51.91 30.93
CA GLY B 264 14.62 51.81 29.57
C GLY B 264 15.35 50.49 29.41
N TYR B 265 15.26 49.91 28.22
CA TYR B 265 15.95 48.64 27.94
C TYR B 265 16.54 48.64 26.55
N LYS B 266 17.55 47.81 26.34
CA LYS B 266 18.01 47.55 24.98
C LYS B 266 17.30 46.31 24.44
N LYS B 267 17.12 45.30 25.28
CA LYS B 267 16.39 44.10 24.89
C LYS B 267 15.36 43.75 25.97
N LEU B 268 14.15 43.39 25.53
CA LEU B 268 13.09 43.00 26.44
C LEU B 268 12.82 41.51 26.36
N VAL B 269 12.90 40.82 27.50
CA VAL B 269 12.39 39.46 27.56
C VAL B 269 11.06 39.46 28.28
N SER B 270 9.97 39.30 27.53
CA SER B 270 8.65 39.40 28.13
C SER B 270 8.07 38.02 28.27
N THR B 271 7.67 37.66 29.49
CA THR B 271 7.18 36.33 29.77
C THR B 271 5.73 36.41 30.20
N MET B 272 5.17 37.62 30.21
CA MET B 272 3.73 37.74 30.49
C MET B 272 2.99 37.16 29.29
N ALA B 273 1.72 36.85 29.45
CA ALA B 273 0.94 36.34 28.34
C ALA B 273 1.02 37.34 27.18
N VAL B 274 1.20 36.84 25.97
CA VAL B 274 1.51 37.73 24.85
C VAL B 274 0.32 38.62 24.49
N ASP B 275 -0.90 38.16 24.77
CA ASP B 275 -2.08 39.02 24.58
C ASP B 275 -2.07 40.18 25.57
N PHE B 276 -1.65 39.91 26.81
CA PHE B 276 -1.45 40.98 27.80
C PHE B 276 -0.38 41.95 27.33
N LEU B 277 0.69 41.40 26.76
CA LEU B 277 1.78 42.25 26.28
C LEU B 277 1.26 43.19 25.18
N ALA B 278 0.54 42.64 24.22
CA ALA B 278 -0.06 43.45 23.16
C ALA B 278 -0.90 44.61 23.70
N GLU B 279 -1.70 44.35 24.75
CA GLU B 279 -2.48 45.42 25.40
C GLU B 279 -1.57 46.45 26.05
N ALA B 280 -0.57 45.96 26.79
CA ALA B 280 0.39 46.85 27.44
C ALA B 280 1.15 47.70 26.41
N MET B 281 1.31 47.15 25.21
CA MET B 281 1.98 47.89 24.14
C MET B 281 1.06 48.88 23.45
N ASN B 282 -0.22 48.86 23.78
CA ASN B 282 -1.23 49.66 23.09
C ASN B 282 -1.08 49.56 21.58
N ASP B 283 -0.86 48.34 21.13
CA ASP B 283 -0.59 48.04 19.73
C ASP B 283 -1.79 47.28 19.18
N GLN B 284 -2.72 47.99 18.54
CA GLN B 284 -4.00 47.41 18.16
C GLN B 284 -3.83 46.25 17.18
N GLU B 285 -2.88 46.37 16.25
CA GLU B 285 -2.60 45.30 15.31
C GLU B 285 -2.23 44.02 16.07
N LEU B 286 -1.34 44.16 17.04
CA LEU B 286 -0.93 43.02 17.86
C LEU B 286 -2.04 42.50 18.76
N VAL B 287 -2.88 43.40 19.25
CA VAL B 287 -3.99 42.96 20.09
C VAL B 287 -4.89 42.08 19.25
N GLY B 288 -5.19 42.53 18.04
CA GLY B 288 -6.01 41.77 17.12
C GLY B 288 -5.42 40.41 16.81
N LEU B 289 -4.11 40.36 16.61
CA LEU B 289 -3.48 39.08 16.33
C LEU B 289 -3.54 38.20 17.57
N THR B 290 -3.14 38.73 18.72
CA THR B 290 -3.07 37.86 19.89
C THR B 290 -4.47 37.41 20.30
N LYS B 291 -5.50 38.13 19.90
CA LYS B 291 -6.87 37.70 20.21
C LYS B 291 -7.31 36.51 19.38
N GLN B 292 -6.57 36.22 18.30
CA GLN B 292 -6.84 35.02 17.51
C GLN B 292 -6.24 33.77 18.14
N LEU B 293 -5.33 33.94 19.10
CA LEU B 293 -4.84 32.79 19.85
C LEU B 293 -5.98 32.24 20.69
N PHE B 294 -5.90 30.96 21.04
CA PHE B 294 -6.89 30.34 21.88
C PHE B 294 -6.22 29.81 23.13
N TYR B 295 -6.89 29.95 24.27
CA TYR B 295 -6.40 29.36 25.52
C TYR B 295 -7.57 28.94 26.39
N SER B 296 -7.33 28.00 27.31
CA SER B 296 -8.34 27.60 28.25
C SER B 296 -7.97 28.10 29.62
N SER B 297 -8.98 28.30 30.46
CA SER B 297 -8.78 28.64 31.86
C SER B 297 -8.77 27.35 32.65
N THR B 298 -8.08 27.38 33.80
CA THR B 298 -7.96 26.21 34.64
C THR B 298 -8.59 26.45 36.02
N HIS B 299 -9.60 25.66 36.36
CA HIS B 299 -10.12 25.69 37.72
C HIS B 299 -9.39 24.63 38.52
N VAL B 300 -8.70 25.07 39.57
CA VAL B 300 -8.04 24.13 40.47
C VAL B 300 -8.92 23.90 41.68
N ILE B 301 -9.36 22.67 41.90
CA ILE B 301 -10.14 22.38 43.10
C ILE B 301 -9.27 21.52 44.00
N GLY B 302 -9.25 21.86 45.27
CA GLY B 302 -8.48 21.12 46.26
C GLY B 302 -9.41 20.61 47.32
N VAL B 303 -9.20 19.36 47.72
CA VAL B 303 -10.03 18.75 48.74
C VAL B 303 -9.14 18.06 49.77
N GLY B 304 -9.26 18.51 51.02
CA GLY B 304 -8.52 17.92 52.13
C GLY B 304 -9.42 16.95 52.85
N VAL B 305 -8.92 15.74 53.08
CA VAL B 305 -9.75 14.64 53.58
C VAL B 305 -9.15 14.05 54.83
N ARG B 306 -10.00 13.74 55.81
CA ARG B 306 -9.53 13.14 57.04
C ARG B 306 -9.30 11.65 56.85
N GLY B 307 -8.18 11.16 57.36
CA GLY B 307 -7.97 9.73 57.41
C GLY B 307 -6.62 9.37 56.87
N SER B 308 -6.13 8.19 57.24
CA SER B 308 -4.93 7.66 56.64
C SER B 308 -5.27 7.37 55.19
N ARG B 309 -4.27 7.43 54.33
CA ARG B 309 -4.48 7.20 52.90
C ARG B 309 -5.16 5.85 52.65
N PRO B 310 -6.32 5.87 52.00
CA PRO B 310 -7.08 4.65 51.68
C PRO B 310 -6.33 3.71 50.75
N GLU B 311 -6.53 2.41 50.93
CA GLU B 311 -5.91 1.39 50.13
C GLU B 311 -6.25 1.55 48.64
N ARG B 312 -7.51 1.90 48.34
CA ARG B 312 -7.96 2.06 46.96
C ARG B 312 -7.18 3.17 46.26
N ILE B 313 -6.69 4.11 47.04
CA ILE B 313 -5.88 5.20 46.51
C ILE B 313 -4.42 4.76 46.38
N GLY B 314 -3.83 4.31 47.49
CA GLY B 314 -2.48 3.78 47.44
C GLY B 314 -1.46 4.78 46.92
N ASP B 315 -0.53 4.30 46.11
CA ASP B 315 0.59 5.12 45.65
C ASP B 315 0.28 5.90 44.37
N LYS B 316 -0.98 5.99 44.00
CA LYS B 316 -1.36 6.76 42.79
C LYS B 316 -0.87 8.20 42.88
N CYS B 317 -0.31 8.71 41.78
CA CYS B 317 0.12 10.10 41.74
C CYS B 317 -0.87 10.98 41.01
N TRP B 318 -1.08 10.74 39.72
CA TRP B 318 -2.10 11.49 39.02
C TRP B 318 -2.98 10.56 38.22
N LEU B 319 -4.15 11.05 37.87
CA LEU B 319 -5.21 10.20 37.38
C LEU B 319 -5.96 10.89 36.27
N TYR B 320 -6.40 10.13 35.27
CA TYR B 320 -7.07 10.74 34.12
C TYR B 320 -8.53 10.35 34.08
N PHE B 321 -9.40 11.29 33.71
CA PHE B 321 -10.84 11.00 33.71
C PHE B 321 -11.53 11.37 32.41
N PRO B 322 -11.57 10.42 31.46
CA PRO B 322 -12.28 10.59 30.19
C PRO B 322 -13.80 10.66 30.36
N GLU B 323 -14.32 10.04 31.42
CA GLU B 323 -15.75 9.81 31.52
C GLU B 323 -16.51 11.03 32.01
N ASP B 324 -17.79 11.09 31.66
CA ASP B 324 -18.61 12.24 31.99
C ASP B 324 -19.33 12.11 33.35
N ASN B 325 -18.78 11.31 34.25
CA ASN B 325 -19.35 11.22 35.61
C ASN B 325 -18.61 12.12 36.60
N CYS B 326 -17.75 12.98 36.08
CA CYS B 326 -17.02 13.96 36.89
C CYS B 326 -16.56 15.08 35.99
N PRO B 327 -16.48 16.32 36.50
CA PRO B 327 -16.10 17.45 35.64
C PRO B 327 -14.61 17.55 35.42
N PHE B 328 -13.80 17.01 36.32
CA PHE B 328 -12.36 17.21 36.23
C PHE B 328 -11.73 16.26 35.23
N TYR B 329 -10.63 16.68 34.60
CA TYR B 329 -9.92 15.80 33.68
C TYR B 329 -8.76 15.09 34.39
N ARG B 330 -8.16 15.73 35.38
CA ARG B 330 -7.05 15.12 36.10
C ARG B 330 -7.22 15.25 37.62
N ALA B 331 -6.86 14.21 38.35
CA ALA B 331 -6.78 14.29 39.80
C ALA B 331 -5.36 14.03 40.18
N THR B 332 -4.93 14.63 41.28
CA THR B 332 -3.59 14.40 41.80
C THR B 332 -3.72 14.04 43.27
N ILE B 333 -3.12 12.94 43.68
CA ILE B 333 -3.11 12.61 45.10
C ILE B 333 -1.97 13.43 45.72
N PHE B 334 -2.26 14.70 45.94
CA PHE B 334 -1.22 15.67 46.25
C PHE B 334 -0.55 15.36 47.57
N SER B 335 -1.25 14.62 48.43
CA SER B 335 -0.69 14.27 49.73
C SER B 335 0.38 13.19 49.57
N ASN B 336 0.39 12.50 48.44
CA ASN B 336 1.45 11.53 48.15
C ASN B 336 2.76 12.19 47.73
N TYR B 337 2.69 13.45 47.34
CA TYR B 337 3.87 14.12 46.79
C TYR B 337 4.81 14.58 47.90
N SER B 338 4.26 15.05 49.01
CA SER B 338 5.01 15.39 50.21
C SER B 338 4.12 15.33 51.45
N PRO B 339 4.66 14.84 52.58
CA PRO B 339 3.86 14.87 53.81
C PRO B 339 3.64 16.31 54.29
N TYR B 340 4.40 17.25 53.75
CA TYR B 340 4.21 18.65 54.15
C TYR B 340 3.27 19.39 53.21
N ASN B 341 2.52 18.66 52.37
CA ASN B 341 1.50 19.30 51.52
C ASN B 341 0.18 19.45 52.26
N GLN B 342 0.13 18.88 53.45
CA GLN B 342 -1.07 18.89 54.30
C GLN B 342 -0.66 18.83 55.76
N PRO B 343 -1.60 19.10 56.69
CA PRO B 343 -1.19 19.16 58.10
C PRO B 343 -0.74 17.81 58.63
N GLU B 344 0.06 17.85 59.70
CA GLU B 344 0.47 16.64 60.40
C GLU B 344 -0.73 16.02 61.08
N ALA B 345 -0.63 14.74 61.41
CA ALA B 345 -1.76 13.98 61.91
C ALA B 345 -2.33 14.53 63.22
N SER B 346 -1.52 15.26 63.99
CA SER B 346 -1.94 15.78 65.28
C SER B 346 -2.70 17.11 65.18
N ALA B 347 -2.73 17.69 63.98
CA ALA B 347 -3.46 18.93 63.77
C ALA B 347 -4.96 18.66 63.90
N ALA B 348 -5.66 19.49 64.66
CA ALA B 348 -7.09 19.29 64.87
C ALA B 348 -7.91 20.16 63.90
N LEU B 349 -8.81 19.52 63.16
CA LEU B 349 -9.62 20.22 62.18
C LEU B 349 -11.04 19.68 62.27
N PRO B 350 -12.03 20.57 62.28
CA PRO B 350 -13.39 20.05 62.26
C PRO B 350 -13.73 19.58 60.86
N THR B 351 -14.72 18.70 60.75
CA THR B 351 -15.20 18.29 59.45
C THR B 351 -16.06 19.37 58.83
N MET B 352 -15.74 19.79 57.62
CA MET B 352 -16.53 20.81 56.95
C MET B 352 -17.77 20.23 56.30
N GLN B 353 -17.62 19.06 55.68
CA GLN B 353 -18.73 18.37 55.08
C GLN B 353 -18.33 16.94 54.86
N LEU B 354 -19.31 16.09 54.58
CA LEU B 354 -19.03 14.75 54.12
C LEU B 354 -18.95 14.81 52.59
N ALA B 355 -18.34 13.79 52.00
CA ALA B 355 -18.22 13.75 50.56
C ALA B 355 -19.60 13.64 49.90
N ASP B 356 -20.61 13.11 50.60
CA ASP B 356 -21.93 13.06 49.96
C ASP B 356 -22.62 14.42 49.95
N GLY B 357 -21.97 15.44 50.51
CA GLY B 357 -22.53 16.77 50.49
C GLY B 357 -23.21 17.19 51.80
N SER B 358 -23.44 16.25 52.70
CA SER B 358 -24.11 16.63 53.95
C SER B 358 -23.16 17.36 54.90
N ARG B 359 -23.71 18.33 55.64
CA ARG B 359 -22.95 19.05 56.66
C ARG B 359 -23.02 18.26 57.94
N PRO B 360 -21.86 18.01 58.58
CA PRO B 360 -21.70 17.00 59.63
C PRO B 360 -22.39 17.36 60.93
N GLN B 361 -22.40 16.40 61.85
CA GLN B 361 -22.97 16.57 63.18
C GLN B 361 -22.39 17.81 63.88
N SER B 362 -21.20 17.63 64.47
CA SER B 362 -20.63 18.65 65.32
C SER B 362 -19.56 19.50 64.67
N THR B 363 -19.16 20.54 65.40
CA THR B 363 -18.03 21.36 65.03
C THR B 363 -16.74 20.88 65.69
N GLU B 364 -16.74 19.65 66.19
CA GLU B 364 -15.61 19.15 66.96
C GLU B 364 -14.37 19.04 66.09
N ALA B 365 -13.27 19.62 66.53
CA ALA B 365 -12.04 19.47 65.77
C ALA B 365 -11.43 18.13 66.11
N LYS B 366 -11.29 17.29 65.10
CA LYS B 366 -10.71 15.97 65.30
C LYS B 366 -9.33 15.95 64.69
N GLU B 367 -8.50 15.00 65.10
CA GLU B 367 -7.16 14.89 64.56
C GLU B 367 -7.13 14.20 63.21
N GLY B 368 -5.95 14.10 62.63
CA GLY B 368 -5.78 13.46 61.35
C GLY B 368 -5.56 11.97 61.52
N PRO B 369 -4.74 11.36 60.65
CA PRO B 369 -4.01 12.04 59.59
C PRO B 369 -4.90 12.52 58.43
N TYR B 370 -4.26 13.17 57.47
CA TYR B 370 -4.99 13.81 56.40
C TYR B 370 -4.40 13.41 55.06
N TRP B 371 -5.24 13.28 54.07
CA TRP B 371 -4.73 13.21 52.72
C TRP B 371 -5.49 14.24 51.91
N SER B 372 -5.15 14.33 50.63
CA SER B 372 -5.46 15.50 49.85
C SER B 372 -5.57 15.23 48.36
N ILE B 373 -6.65 15.72 47.76
CA ILE B 373 -6.87 15.56 46.34
C ILE B 373 -6.91 16.92 45.65
N MET B 374 -6.21 17.01 44.53
CA MET B 374 -6.17 18.23 43.72
C MET B 374 -6.72 17.91 42.33
N LEU B 375 -7.68 18.71 41.92
CA LEU B 375 -8.45 18.49 40.71
C LEU B 375 -8.31 19.67 39.78
N GLU B 376 -8.37 19.39 38.48
CA GLU B 376 -8.38 20.41 37.46
C GLU B 376 -9.61 20.30 36.57
N VAL B 377 -10.28 21.43 36.37
CA VAL B 377 -11.40 21.51 35.45
C VAL B 377 -11.07 22.61 34.48
N SER B 378 -11.21 22.34 33.18
CA SER B 378 -10.92 23.35 32.18
C SER B 378 -12.15 24.18 31.83
N GLU B 379 -11.91 25.39 31.35
CA GLU B 379 -12.97 26.26 30.89
C GLU B 379 -12.48 27.01 29.66
N SER B 380 -13.39 27.25 28.73
CA SER B 380 -13.11 28.10 27.56
C SER B 380 -14.44 28.62 27.01
N SER B 381 -14.40 29.44 25.97
CA SER B 381 -15.63 29.94 25.35
C SER B 381 -16.46 28.79 24.77
N MET B 382 -15.85 27.62 24.61
CA MET B 382 -16.54 26.45 24.09
C MET B 382 -16.95 25.47 25.18
N LYS B 383 -16.70 25.85 26.42
CA LYS B 383 -16.88 24.93 27.54
C LYS B 383 -16.97 25.74 28.81
N PRO B 384 -18.16 26.28 29.10
CA PRO B 384 -18.32 27.11 30.29
C PRO B 384 -18.25 26.28 31.56
N VAL B 385 -17.89 26.93 32.67
CA VAL B 385 -17.89 26.30 33.98
C VAL B 385 -18.70 27.17 34.92
N ASN B 386 -19.68 26.55 35.57
CA ASN B 386 -20.46 27.22 36.60
C ASN B 386 -19.63 27.30 37.86
N GLN B 387 -19.03 28.46 38.07
CA GLN B 387 -18.11 28.69 39.16
C GLN B 387 -18.77 28.46 40.53
N GLU B 388 -20.07 28.70 40.61
CA GLU B 388 -20.77 28.61 41.89
C GLU B 388 -20.94 27.15 42.33
N THR B 389 -20.88 26.20 41.40
CA THR B 389 -21.18 24.82 41.77
C THR B 389 -20.06 23.84 41.48
N ILE B 390 -18.95 24.32 40.96
CA ILE B 390 -17.94 23.42 40.43
C ILE B 390 -17.27 22.66 41.56
N LEU B 391 -17.10 23.31 42.72
CA LEU B 391 -16.55 22.64 43.89
C LEU B 391 -17.45 21.44 44.24
N ALA B 392 -18.76 21.69 44.38
CA ALA B 392 -19.67 20.63 44.77
C ALA B 392 -19.75 19.56 43.69
N ASP B 393 -19.73 19.98 42.42
CA ASP B 393 -19.71 19.01 41.33
C ASP B 393 -18.44 18.17 41.37
N CYS B 394 -17.30 18.80 41.65
CA CYS B 394 -16.04 18.06 41.78
C CYS B 394 -16.11 17.01 42.90
N ILE B 395 -16.64 17.41 44.04
CA ILE B 395 -16.72 16.50 45.16
C ILE B 395 -17.65 15.33 44.83
N GLN B 396 -18.79 15.61 44.19
CA GLN B 396 -19.64 14.53 43.73
C GLN B 396 -18.89 13.63 42.73
N GLY B 397 -18.06 14.24 41.87
CA GLY B 397 -17.27 13.47 40.93
C GLY B 397 -16.33 12.53 41.67
N LEU B 398 -15.82 12.98 42.81
CA LEU B 398 -14.92 12.17 43.62
C LEU B 398 -15.62 10.93 44.18
N VAL B 399 -16.89 11.10 44.53
CA VAL B 399 -17.71 9.98 44.98
C VAL B 399 -18.05 9.07 43.81
N ASN B 400 -18.47 9.65 42.68
CA ASN B 400 -18.79 8.87 41.47
C ASN B 400 -17.66 7.99 40.98
N THR B 401 -16.44 8.48 41.16
CA THR B 401 -15.26 7.77 40.66
C THR B 401 -14.64 6.93 41.75
N GLU B 402 -15.31 6.88 42.90
CA GLU B 402 -14.89 6.09 44.04
C GLU B 402 -13.54 6.51 44.61
N MET B 403 -13.19 7.78 44.42
CA MET B 403 -12.03 8.31 45.11
C MET B 403 -12.41 8.62 46.55
N LEU B 404 -13.62 9.14 46.74
CA LEU B 404 -14.12 9.32 48.11
C LEU B 404 -15.35 8.47 48.34
N LYS B 405 -15.43 7.90 49.55
CA LYS B 405 -16.65 7.33 50.06
C LYS B 405 -17.60 8.46 50.44
N PRO B 406 -18.92 8.22 50.36
CA PRO B 406 -19.94 9.16 50.81
C PRO B 406 -19.67 9.72 52.20
N THR B 407 -19.17 8.87 53.08
CA THR B 407 -18.90 9.20 54.47
C THR B 407 -17.51 9.79 54.72
N ASP B 408 -16.68 9.92 53.69
CA ASP B 408 -15.37 10.53 53.90
C ASP B 408 -15.52 11.97 54.37
N GLU B 409 -14.71 12.37 55.35
CA GLU B 409 -14.82 13.68 55.98
C GLU B 409 -13.89 14.70 55.35
N ILE B 410 -14.48 15.73 54.78
CA ILE B 410 -13.70 16.77 54.11
C ILE B 410 -13.41 17.89 55.10
N VAL B 411 -12.13 18.22 55.28
CA VAL B 411 -11.74 19.19 56.31
C VAL B 411 -11.16 20.48 55.72
N SER B 412 -11.06 20.52 54.41
CA SER B 412 -10.58 21.72 53.74
C SER B 412 -11.01 21.70 52.28
N THR B 413 -11.43 22.86 51.77
CA THR B 413 -11.70 22.98 50.34
C THR B 413 -10.95 24.16 49.78
N TYR B 414 -10.69 24.09 48.48
CA TYR B 414 -9.93 25.09 47.79
C TYR B 414 -10.45 25.17 46.36
N HIS B 415 -10.59 26.39 45.86
CA HIS B 415 -10.98 26.58 44.48
C HIS B 415 -10.47 27.91 43.98
N ARG B 416 -9.72 27.87 42.89
CA ARG B 416 -9.24 29.08 42.27
C ARG B 416 -9.23 28.90 40.76
N ARG B 417 -9.68 29.95 40.07
CA ARG B 417 -9.70 29.96 38.61
C ARG B 417 -8.49 30.70 38.09
N PHE B 418 -7.74 30.04 37.19
CA PHE B 418 -6.61 30.68 36.55
C PHE B 418 -6.95 31.00 35.11
N ASP B 419 -7.09 32.30 34.81
CA ASP B 419 -7.53 32.75 33.50
C ASP B 419 -6.76 32.11 32.34
N HIS B 420 -5.45 32.38 32.27
CA HIS B 420 -4.59 31.70 31.30
C HIS B 420 -4.06 30.41 31.90
N GLY B 421 -4.68 29.29 31.54
CA GLY B 421 -4.24 27.99 32.05
C GLY B 421 -3.45 27.21 31.02
N TYR B 422 -4.08 26.92 29.89
CA TYR B 422 -3.40 26.17 28.81
C TYR B 422 -3.44 26.98 27.53
N PRO B 423 -2.29 27.12 26.86
CA PRO B 423 -2.23 27.67 25.51
C PRO B 423 -2.61 26.57 24.53
N THR B 424 -3.67 26.78 23.76
CA THR B 424 -4.24 25.69 22.96
C THR B 424 -3.55 25.49 21.61
N PRO B 425 -3.11 24.25 21.32
CA PRO B 425 -2.57 23.98 19.97
C PRO B 425 -3.72 23.81 18.97
N THR B 426 -4.42 24.90 18.70
CA THR B 426 -5.44 24.92 17.68
C THR B 426 -4.81 24.79 16.29
N LEU B 427 -5.63 24.47 15.29
CA LEU B 427 -5.17 24.46 13.90
C LEU B 427 -4.53 25.77 13.54
N GLU B 428 -5.03 26.86 14.12
CA GLU B 428 -4.63 28.22 13.70
C GLU B 428 -3.41 28.75 14.42
N ARG B 429 -3.01 28.09 15.50
CA ARG B 429 -2.01 28.63 16.41
C ARG B 429 -0.74 29.11 15.72
N GLU B 430 -0.11 28.22 14.96
CA GLU B 430 1.17 28.53 14.29
C GLU B 430 1.05 29.65 13.29
N GLY B 431 -0.02 29.66 12.50
CA GLY B 431 -0.25 30.73 11.56
C GLY B 431 -0.31 32.10 12.26
N THR B 432 -0.90 32.12 13.45
CA THR B 432 -1.04 33.36 14.18
C THR B 432 0.27 33.74 14.85
N LEU B 433 0.97 32.76 15.43
CA LEU B 433 2.23 33.04 16.12
C LEU B 433 3.30 33.54 15.15
N THR B 434 3.27 33.10 13.88
CA THR B 434 4.29 33.56 12.95
C THR B 434 3.99 35.02 12.56
N GLN B 435 2.76 35.47 12.77
CA GLN B 435 2.46 36.89 12.56
C GLN B 435 2.79 37.71 13.81
N ILE B 436 3.03 37.05 14.93
CA ILE B 436 3.18 37.77 16.19
C ILE B 436 4.61 37.85 16.68
N LEU B 437 5.22 36.68 16.86
CA LEU B 437 6.54 36.60 17.51
C LEU B 437 7.68 37.28 16.70
N PRO B 438 7.70 37.13 15.36
CA PRO B 438 8.71 37.89 14.61
C PRO B 438 8.47 39.39 14.64
N LYS B 439 7.22 39.84 14.69
CA LYS B 439 6.97 41.28 14.80
C LYS B 439 7.53 41.80 16.12
N LEU B 440 7.36 41.02 17.17
CA LEU B 440 7.89 41.39 18.48
C LEU B 440 9.42 41.35 18.42
N GLN B 441 9.93 40.28 17.81
CA GLN B 441 11.35 40.12 17.59
C GLN B 441 11.99 41.36 16.97
N ASP B 442 11.37 41.86 15.90
CA ASP B 442 11.89 43.01 15.16
C ASP B 442 11.91 44.27 16.01
N LYS B 443 11.19 44.26 17.12
CA LYS B 443 11.24 45.38 18.05
C LYS B 443 12.15 45.05 19.25
N ASP B 444 12.98 44.03 19.11
CA ASP B 444 13.85 43.55 20.19
C ASP B 444 13.05 43.12 21.43
N ILE B 445 11.91 42.50 21.19
CA ILE B 445 11.14 41.89 22.25
C ILE B 445 11.15 40.39 22.05
N TRP B 446 11.78 39.69 23.00
CA TRP B 446 11.73 38.23 23.09
C TRP B 446 10.54 37.85 23.97
N SER B 447 9.39 37.58 23.36
CA SER B 447 8.23 37.13 24.10
C SER B 447 8.29 35.61 24.23
N ARG B 448 8.39 35.11 25.46
CA ARG B 448 8.65 33.69 25.66
C ARG B 448 7.93 33.15 26.86
N GLY B 449 7.62 31.86 26.83
CA GLY B 449 7.07 31.23 28.00
C GLY B 449 5.80 30.51 27.64
N ARG B 450 5.10 30.00 28.64
CA ARG B 450 3.90 29.20 28.38
C ARG B 450 2.87 30.03 27.64
N PHE B 451 2.76 31.31 27.99
CA PHE B 451 1.86 32.22 27.29
C PHE B 451 2.63 33.34 26.63
N GLY B 452 3.92 33.44 26.94
CA GLY B 452 4.79 34.38 26.27
C GLY B 452 4.96 33.95 24.82
N SER B 453 5.12 32.65 24.60
CA SER B 453 5.21 32.17 23.23
C SER B 453 4.19 31.06 22.93
N TRP B 454 3.37 30.68 23.91
CA TRP B 454 2.09 29.99 23.66
C TRP B 454 2.17 28.56 23.11
N ARG B 455 3.28 27.87 23.35
CA ARG B 455 3.41 26.51 22.84
C ARG B 455 3.46 25.48 23.95
N TYR B 456 2.36 24.73 24.07
CA TYR B 456 2.16 23.80 25.17
C TYR B 456 3.21 22.70 25.18
N GLU B 457 3.64 22.28 23.99
CA GLU B 457 4.58 21.17 23.87
C GLU B 457 5.97 21.56 24.44
N VAL B 458 6.21 22.85 24.57
CA VAL B 458 7.35 23.32 25.34
C VAL B 458 6.81 24.23 26.45
N GLY B 459 5.79 23.76 27.14
CA GLY B 459 5.13 24.57 28.15
C GLY B 459 5.24 24.14 29.59
N ASN B 460 6.10 23.15 29.85
CA ASN B 460 6.35 22.73 31.24
C ASN B 460 7.36 23.64 31.94
N GLN B 461 7.60 23.38 33.22
CA GLN B 461 8.53 24.20 34.00
C GLN B 461 9.93 24.20 33.42
N ASP B 462 10.42 23.04 32.99
CA ASP B 462 11.78 23.00 32.46
C ASP B 462 11.85 23.74 31.12
N HIS B 463 10.89 23.47 30.22
CA HIS B 463 10.79 24.21 28.95
C HIS B 463 10.77 25.72 29.14
N SER B 464 9.93 26.17 30.06
CA SER B 464 9.69 27.57 30.29
C SER B 464 10.97 28.22 30.76
N PHE B 465 11.58 27.62 31.78
CA PHE B 465 12.84 28.05 32.33
C PHE B 465 13.86 28.19 31.20
N MET B 466 13.94 27.16 30.37
CA MET B 466 14.92 27.17 29.30
C MET B 466 14.57 28.11 28.14
N LEU B 467 13.29 28.37 27.92
CA LEU B 467 12.91 29.44 26.95
C LEU B 467 13.50 30.78 27.38
N GLY B 468 13.50 31.02 28.70
CA GLY B 468 14.10 32.21 29.25
C GLY B 468 15.62 32.19 29.14
N VAL B 469 16.22 31.06 29.51
CA VAL B 469 17.65 30.88 29.41
C VAL B 469 18.12 31.05 27.96
N GLU B 470 17.43 30.40 27.03
CA GLU B 470 17.89 30.42 25.65
C GLU B 470 17.65 31.79 25.01
N ALA B 471 16.64 32.50 25.48
CA ALA B 471 16.39 33.85 25.00
C ALA B 471 17.58 34.76 25.33
N VAL B 472 18.03 34.69 26.58
CA VAL B 472 19.20 35.45 27.00
C VAL B 472 20.45 35.03 26.21
N ASP B 473 20.59 33.73 26.01
CA ASP B 473 21.73 33.16 25.28
C ASP B 473 21.73 33.63 23.84
N ASN B 474 20.54 33.77 23.28
CA ASN B 474 20.40 34.30 21.94
C ASN B 474 20.76 35.78 21.92
N ILE B 475 20.22 36.53 22.88
CA ILE B 475 20.50 37.94 23.06
C ILE B 475 21.99 38.21 23.22
N VAL B 476 22.64 37.43 24.08
CA VAL B 476 24.03 37.72 24.43
C VAL B 476 25.04 36.96 23.56
N ASN B 477 24.79 35.67 23.34
CA ASN B 477 25.80 34.78 22.76
C ASN B 477 25.48 34.25 21.37
N GLY B 478 24.42 34.77 20.75
CA GLY B 478 23.99 34.31 19.44
C GLY B 478 23.55 32.85 19.41
N ALA B 479 23.03 32.35 20.54
CA ALA B 479 22.59 30.96 20.59
C ALA B 479 21.31 30.73 19.80
N VAL B 480 21.15 29.51 19.29
CA VAL B 480 19.88 29.14 18.70
C VAL B 480 18.81 28.96 19.79
N GLU B 481 17.64 29.54 19.58
CA GLU B 481 16.54 29.32 20.51
C GLU B 481 15.85 28.02 20.13
N LEU B 482 16.42 26.93 20.62
CA LEU B 482 16.03 25.58 20.21
C LEU B 482 14.70 25.16 20.81
N THR B 483 14.48 25.48 22.07
CA THR B 483 13.23 25.12 22.72
C THR B 483 12.05 25.84 22.05
N LEU B 484 12.22 27.12 21.77
CA LEU B 484 11.18 27.90 21.09
C LEU B 484 10.84 27.36 19.69
N ASN B 485 11.86 27.18 18.86
CA ASN B 485 11.64 26.86 17.46
C ASN B 485 11.61 25.38 17.15
N TYR B 486 12.24 24.56 17.99
CA TYR B 486 12.31 23.13 17.69
C TYR B 486 11.98 22.25 18.89
N PRO B 487 10.72 22.29 19.35
CA PRO B 487 10.31 21.47 20.50
C PRO B 487 10.68 20.00 20.34
N ASP B 488 10.51 19.45 19.13
CA ASP B 488 10.88 18.07 18.88
C ASP B 488 12.37 17.85 19.15
N PHE B 489 13.18 18.83 18.81
CA PHE B 489 14.60 18.68 19.01
C PHE B 489 14.92 18.61 20.51
N VAL B 490 14.44 19.57 21.29
CA VAL B 490 14.85 19.59 22.69
C VAL B 490 14.17 18.47 23.46
N ASN B 491 12.96 18.10 23.07
CA ASN B 491 12.28 17.03 23.77
C ASN B 491 12.80 15.63 23.41
N GLY B 492 13.47 15.49 22.27
CA GLY B 492 13.97 14.18 21.88
C GLY B 492 15.39 13.85 22.30
N ARG B 493 16.02 14.75 23.04
CA ARG B 493 17.38 14.50 23.48
C ARG B 493 17.53 14.88 24.94
N GLN B 494 18.63 14.46 25.55
CA GLN B 494 19.05 15.02 26.83
C GLN B 494 19.90 16.25 26.57
N ASN B 495 19.46 17.39 27.06
CA ASN B 495 20.20 18.61 26.83
C ASN B 495 21.17 18.86 27.95
N THR B 496 22.43 18.50 27.71
CA THR B 496 23.45 18.45 28.74
C THR B 496 24.51 19.54 28.60
N GLU B 497 24.49 20.24 27.47
CA GLU B 497 25.62 21.09 27.10
C GLU B 497 25.69 22.35 27.94
N ARG B 498 24.54 22.97 28.15
CA ARG B 498 24.50 24.23 28.89
C ARG B 498 24.41 23.96 30.39
N ARG B 499 25.32 24.55 31.16
CA ARG B 499 25.37 24.30 32.60
C ARG B 499 25.42 25.61 33.39
N LEU B 500 25.09 25.55 34.66
CA LEU B 500 25.08 26.73 35.52
C LEU B 500 26.51 27.26 35.70
N VAL B 501 27.48 26.39 35.56
CA VAL B 501 28.88 26.80 35.45
C VAL B 501 29.37 26.34 34.07
N ASP B 502 29.49 27.27 33.12
CA ASP B 502 30.06 27.00 31.80
C ASP B 502 31.55 27.35 31.81
N GLY B 503 32.27 26.93 30.77
CA GLY B 503 33.69 27.23 30.67
C GLY B 503 34.00 28.70 30.90
N ALA B 504 33.15 29.58 30.39
CA ALA B 504 33.33 31.01 30.55
C ALA B 504 33.57 31.40 32.00
N GLN B 505 32.74 30.89 32.91
CA GLN B 505 32.91 31.22 34.33
C GLN B 505 34.15 30.53 34.93
N VAL B 506 34.43 29.29 34.50
CA VAL B 506 35.63 28.59 34.94
C VAL B 506 36.88 29.36 34.53
N PHE B 507 36.93 29.80 33.29
CA PHE B 507 38.12 30.49 32.78
C PHE B 507 38.26 31.85 33.44
N ALA B 508 37.14 32.50 33.69
CA ALA B 508 37.15 33.84 34.25
C ALA B 508 37.68 33.83 35.68
N LYS B 509 37.36 32.78 36.43
CA LYS B 509 37.83 32.65 37.83
C LYS B 509 39.28 32.15 37.89
N SER B 510 40.12 32.64 36.97
CA SER B 510 41.53 32.28 36.89
C SER B 510 42.39 33.49 36.49
N HIS C 6 -13.40 -56.28 -37.74
CA HIS C 6 -14.74 -56.40 -37.18
C HIS C 6 -14.73 -56.95 -35.74
N PRO C 7 -14.86 -56.05 -34.74
CA PRO C 7 -14.81 -56.44 -33.32
C PRO C 7 -16.04 -57.22 -32.85
N ASP C 8 -15.96 -57.82 -31.66
CA ASP C 8 -17.05 -58.63 -31.12
C ASP C 8 -18.26 -57.79 -30.76
N ILE C 9 -17.99 -56.57 -30.32
CA ILE C 9 -19.01 -55.63 -29.90
C ILE C 9 -18.71 -54.27 -30.50
N SER C 10 -19.75 -53.58 -30.98
CA SER C 10 -19.61 -52.19 -31.41
C SER C 10 -20.63 -51.31 -30.73
N VAL C 11 -20.18 -50.20 -30.17
CA VAL C 11 -21.04 -49.22 -29.52
C VAL C 11 -20.62 -47.82 -29.95
N ASP C 12 -21.52 -46.85 -29.83
CA ASP C 12 -21.17 -45.47 -30.12
C ASP C 12 -20.19 -44.95 -29.07
N VAL C 13 -20.56 -45.14 -27.80
CA VAL C 13 -19.76 -44.63 -26.69
C VAL C 13 -19.43 -45.76 -25.72
N LEU C 14 -18.14 -46.00 -25.51
CA LEU C 14 -17.71 -47.01 -24.57
C LEU C 14 -17.17 -46.33 -23.32
N VAL C 15 -17.65 -46.78 -22.16
CA VAL C 15 -17.17 -46.26 -20.89
C VAL C 15 -16.28 -47.28 -20.21
N ILE C 16 -15.04 -46.90 -19.93
CA ILE C 16 -14.17 -47.75 -19.15
C ILE C 16 -14.15 -47.29 -17.69
N GLY C 17 -14.60 -48.19 -16.81
CA GLY C 17 -14.63 -47.94 -15.38
C GLY C 17 -16.03 -47.65 -14.87
N ALA C 18 -16.36 -48.25 -13.73
CA ALA C 18 -17.65 -48.00 -13.09
C ALA C 18 -17.47 -47.53 -11.66
N GLY C 19 -16.46 -46.68 -11.44
CA GLY C 19 -16.43 -45.81 -10.28
C GLY C 19 -17.49 -44.74 -10.52
N PRO C 20 -17.53 -43.72 -9.65
CA PRO C 20 -18.51 -42.64 -9.82
C PRO C 20 -18.49 -41.99 -11.21
N THR C 21 -17.29 -41.77 -11.76
CA THR C 21 -17.18 -41.07 -13.03
C THR C 21 -17.83 -41.88 -14.16
N GLY C 22 -17.45 -43.14 -14.28
CA GLY C 22 -18.00 -44.00 -15.32
C GLY C 22 -19.50 -44.18 -15.15
N LEU C 23 -19.94 -44.35 -13.91
CA LEU C 23 -21.36 -44.50 -13.64
C LEU C 23 -22.10 -43.21 -14.02
N GLY C 24 -21.42 -42.08 -13.91
CA GLY C 24 -22.02 -40.81 -14.28
C GLY C 24 -22.25 -40.78 -15.78
N ALA C 25 -21.21 -41.17 -16.51
CA ALA C 25 -21.30 -41.31 -17.95
C ALA C 25 -22.46 -42.25 -18.31
N ALA C 26 -22.50 -43.40 -17.64
CA ALA C 26 -23.52 -44.40 -17.92
C ALA C 26 -24.91 -43.87 -17.63
N LYS C 27 -25.07 -43.18 -16.51
CA LYS C 27 -26.36 -42.65 -16.11
C LYS C 27 -26.87 -41.64 -17.12
N ARG C 28 -25.98 -40.75 -17.57
CA ARG C 28 -26.38 -39.75 -18.54
C ARG C 28 -26.68 -40.40 -19.89
N LEU C 29 -25.85 -41.36 -20.29
CA LEU C 29 -26.08 -42.07 -21.53
C LEU C 29 -27.41 -42.80 -21.49
N ASN C 30 -27.70 -43.41 -20.34
CA ASN C 30 -28.93 -44.15 -20.15
C ASN C 30 -30.14 -43.23 -20.21
N GLN C 31 -30.00 -42.05 -19.61
CA GLN C 31 -31.05 -41.03 -19.66
C GLN C 31 -31.28 -40.49 -21.08
N ILE C 32 -30.20 -40.17 -21.78
CA ILE C 32 -30.32 -39.64 -23.12
C ILE C 32 -30.95 -40.69 -24.04
N ASP C 33 -30.53 -41.94 -23.87
CA ASP C 33 -31.06 -43.06 -24.67
C ASP C 33 -31.08 -42.73 -26.16
N GLY C 34 -29.95 -42.23 -26.64
CA GLY C 34 -29.77 -41.99 -28.05
C GLY C 34 -28.72 -42.97 -28.56
N PRO C 35 -27.45 -42.54 -28.55
CA PRO C 35 -26.33 -43.38 -28.96
C PRO C 35 -26.20 -44.66 -28.13
N SER C 36 -25.75 -45.72 -28.79
CA SER C 36 -25.53 -46.99 -28.15
C SER C 36 -24.30 -46.88 -27.27
N TRP C 37 -24.27 -47.63 -26.18
CA TRP C 37 -23.21 -47.47 -25.20
C TRP C 37 -23.07 -48.72 -24.36
N MET C 38 -21.98 -48.76 -23.59
CA MET C 38 -21.62 -49.92 -22.82
C MET C 38 -20.63 -49.51 -21.74
N ILE C 39 -20.70 -50.13 -20.58
CA ILE C 39 -19.73 -49.81 -19.54
C ILE C 39 -19.06 -51.07 -19.01
N VAL C 40 -17.73 -51.02 -18.91
CA VAL C 40 -16.98 -52.14 -18.38
C VAL C 40 -16.21 -51.73 -17.14
N ASP C 41 -15.90 -52.72 -16.30
CA ASP C 41 -15.07 -52.53 -15.12
C ASP C 41 -14.41 -53.87 -14.81
N SER C 42 -13.18 -53.82 -14.33
CA SER C 42 -12.43 -55.02 -14.00
C SER C 42 -12.93 -55.64 -12.69
N ASN C 43 -13.69 -54.86 -11.94
CA ASN C 43 -14.26 -55.29 -10.68
C ASN C 43 -15.73 -55.68 -10.85
N GLU C 44 -16.14 -56.80 -10.26
CA GLU C 44 -17.52 -57.24 -10.34
C GLU C 44 -18.42 -56.25 -9.62
N THR C 45 -17.85 -55.55 -8.65
CA THR C 45 -18.58 -54.55 -7.89
C THR C 45 -18.20 -53.13 -8.29
N PRO C 46 -19.19 -52.35 -8.74
CA PRO C 46 -18.93 -50.95 -9.10
C PRO C 46 -18.65 -50.08 -7.87
N GLY C 47 -17.98 -48.95 -8.08
CA GLY C 47 -17.74 -48.03 -7.00
C GLY C 47 -16.33 -47.47 -6.93
N GLY C 48 -15.37 -48.18 -7.54
CA GLY C 48 -13.98 -47.76 -7.51
C GLY C 48 -13.48 -47.37 -6.13
N LEU C 49 -12.88 -46.19 -6.04
CA LEU C 49 -12.39 -45.69 -4.76
C LEU C 49 -13.53 -45.26 -3.84
N ALA C 50 -14.76 -45.25 -4.35
CA ALA C 50 -15.89 -44.98 -3.50
C ALA C 50 -16.57 -46.29 -3.07
N SER C 51 -15.82 -47.38 -3.10
CA SER C 51 -16.33 -48.68 -2.65
C SER C 51 -16.08 -48.87 -1.16
N THR C 52 -16.56 -50.00 -0.64
CA THR C 52 -16.48 -50.28 0.78
C THR C 52 -16.09 -51.73 1.00
N ASP C 53 -15.12 -51.94 1.89
CA ASP C 53 -14.72 -53.28 2.30
C ASP C 53 -15.34 -53.61 3.64
N VAL C 54 -15.38 -54.90 3.97
CA VAL C 54 -15.79 -55.30 5.30
C VAL C 54 -14.85 -56.38 5.79
N THR C 55 -14.42 -56.28 7.05
CA THR C 55 -13.54 -57.26 7.66
C THR C 55 -14.31 -58.54 7.98
N PRO C 56 -13.58 -59.64 8.25
CA PRO C 56 -14.25 -60.88 8.65
C PRO C 56 -15.11 -60.72 9.92
N GLU C 57 -14.82 -59.69 10.70
CA GLU C 57 -15.56 -59.49 11.95
C GLU C 57 -16.77 -58.59 11.74
N GLY C 58 -16.95 -58.07 10.53
CA GLY C 58 -18.13 -57.29 10.20
C GLY C 58 -18.01 -55.79 10.36
N PHE C 59 -16.78 -55.28 10.35
CA PHE C 59 -16.58 -53.83 10.36
C PHE C 59 -16.35 -53.36 8.93
N LEU C 60 -17.17 -52.40 8.50
CA LEU C 60 -17.07 -51.82 7.17
C LEU C 60 -16.02 -50.72 7.17
N TYR C 61 -15.31 -50.59 6.06
CA TYR C 61 -14.44 -49.44 5.88
C TYR C 61 -14.52 -48.93 4.44
N ASP C 62 -14.81 -47.65 4.32
CA ASP C 62 -14.69 -46.94 3.07
C ASP C 62 -13.20 -46.88 2.71
N VAL C 63 -12.88 -46.36 1.53
CA VAL C 63 -11.50 -46.11 1.19
C VAL C 63 -11.12 -44.79 1.86
N GLY C 64 -10.98 -44.82 3.18
CA GLY C 64 -10.74 -43.60 3.93
C GLY C 64 -12.01 -42.78 4.08
N GLY C 65 -11.90 -41.65 4.77
CA GLY C 65 -13.05 -40.81 5.07
C GLY C 65 -13.73 -40.35 3.80
N HIS C 66 -14.99 -40.74 3.62
CA HIS C 66 -15.75 -40.32 2.44
C HIS C 66 -17.00 -39.59 2.89
N VAL C 67 -17.00 -38.26 2.77
CA VAL C 67 -18.14 -37.48 3.18
C VAL C 67 -18.64 -36.73 1.97
N ILE C 68 -19.95 -36.79 1.72
CA ILE C 68 -20.49 -36.18 0.51
C ILE C 68 -20.90 -34.73 0.72
N PHE C 69 -20.37 -33.85 -0.12
CA PHE C 69 -20.98 -32.54 -0.32
C PHE C 69 -21.24 -32.36 -1.81
N SER C 70 -22.50 -32.27 -2.19
CA SER C 70 -22.83 -32.25 -3.61
C SER C 70 -22.94 -30.84 -4.16
N HIS C 71 -22.35 -30.61 -5.32
CA HIS C 71 -22.49 -29.32 -5.99
C HIS C 71 -23.53 -29.38 -7.09
N TYR C 72 -24.20 -30.52 -7.25
CA TYR C 72 -25.06 -30.71 -8.41
C TYR C 72 -26.40 -31.39 -8.08
N LYS C 73 -27.48 -30.82 -8.62
CA LYS C 73 -28.78 -31.44 -8.40
C LYS C 73 -28.85 -32.76 -9.16
N TYR C 74 -28.10 -32.84 -10.26
CA TYR C 74 -28.08 -34.06 -11.07
C TYR C 74 -27.57 -35.23 -10.24
N PHE C 75 -26.47 -34.99 -9.55
CA PHE C 75 -25.88 -35.95 -8.63
C PHE C 75 -26.90 -36.31 -7.57
N ASP C 76 -27.54 -35.28 -6.98
CA ASP C 76 -28.60 -35.52 -6.00
C ASP C 76 -29.72 -36.39 -6.57
N ASP C 77 -30.15 -36.11 -7.80
CA ASP C 77 -31.20 -36.90 -8.44
C ASP C 77 -30.83 -38.37 -8.52
N CYS C 78 -29.59 -38.66 -8.89
CA CYS C 78 -29.21 -40.05 -9.10
C CYS C 78 -29.06 -40.79 -7.76
N LEU C 79 -28.53 -40.12 -6.74
CA LEU C 79 -28.46 -40.73 -5.42
C LEU C 79 -29.87 -40.98 -4.86
N ASP C 80 -30.78 -40.02 -5.04
CA ASP C 80 -32.17 -40.17 -4.59
C ASP C 80 -32.85 -41.30 -5.32
N GLU C 81 -32.51 -41.49 -6.59
CA GLU C 81 -33.09 -42.57 -7.35
C GLU C 81 -32.55 -43.88 -6.81
N ALA C 82 -31.24 -43.93 -6.62
CA ALA C 82 -30.57 -45.14 -6.15
C ALA C 82 -31.08 -45.59 -4.79
N LEU C 83 -31.19 -44.64 -3.87
CA LEU C 83 -31.57 -44.90 -2.49
C LEU C 83 -32.72 -43.97 -2.06
N PRO C 84 -33.95 -44.27 -2.51
CA PRO C 84 -35.06 -43.33 -2.37
C PRO C 84 -35.72 -43.25 -0.99
N LYS C 85 -35.50 -44.24 -0.13
CA LYS C 85 -36.15 -44.25 1.20
C LYS C 85 -35.44 -43.28 2.15
N GLU C 86 -36.20 -42.67 3.06
CA GLU C 86 -35.57 -41.81 4.06
C GLU C 86 -34.68 -42.62 5.03
N ASP C 87 -35.00 -43.90 5.23
CA ASP C 87 -34.15 -44.73 6.07
C ASP C 87 -33.01 -45.40 5.27
N ASP C 88 -32.80 -44.96 4.04
CA ASP C 88 -31.60 -45.35 3.30
C ASP C 88 -30.42 -44.47 3.70
N TRP C 89 -30.68 -43.45 4.52
CA TRP C 89 -29.65 -42.46 4.84
C TRP C 89 -29.67 -42.01 6.27
N TYR C 90 -28.50 -41.64 6.77
CA TYR C 90 -28.38 -40.98 8.06
C TYR C 90 -27.76 -39.62 7.86
N THR C 91 -28.31 -38.61 8.54
CA THR C 91 -27.83 -37.26 8.41
C THR C 91 -26.97 -36.90 9.62
N HIS C 92 -25.83 -36.26 9.36
CA HIS C 92 -24.94 -35.83 10.44
C HIS C 92 -24.44 -34.42 10.20
N GLN C 93 -24.02 -33.75 11.26
CA GLN C 93 -23.37 -32.46 11.10
C GLN C 93 -21.92 -32.69 10.71
N ARG C 94 -21.34 -31.77 9.94
CA ARG C 94 -19.96 -31.89 9.49
C ARG C 94 -19.02 -31.53 10.64
N ILE C 95 -18.83 -32.46 11.56
CA ILE C 95 -18.07 -32.18 12.76
C ILE C 95 -16.62 -32.64 12.60
N SER C 96 -15.69 -31.70 12.59
CA SER C 96 -14.29 -32.07 12.48
C SER C 96 -13.42 -31.31 13.48
N TYR C 97 -12.28 -31.91 13.81
CA TYR C 97 -11.34 -31.34 14.78
C TYR C 97 -9.92 -31.55 14.33
N VAL C 98 -9.03 -30.69 14.80
CA VAL C 98 -7.59 -30.86 14.62
C VAL C 98 -6.98 -31.30 15.95
N ARG C 99 -6.24 -32.42 15.95
CA ARG C 99 -5.49 -32.79 17.15
C ARG C 99 -4.25 -31.94 17.27
N CYS C 100 -4.12 -31.19 18.37
CA CYS C 100 -2.97 -30.32 18.50
C CYS C 100 -2.57 -30.12 19.95
N GLN C 101 -1.34 -30.50 20.29
CA GLN C 101 -0.80 -30.34 21.65
C GLN C 101 -1.80 -30.74 22.71
N GLY C 102 -2.24 -31.99 22.64
CA GLY C 102 -3.07 -32.59 23.66
C GLY C 102 -4.53 -32.18 23.60
N GLN C 103 -4.90 -31.44 22.55
CA GLN C 103 -6.27 -30.91 22.46
C GLN C 103 -6.99 -31.24 21.16
N TRP C 104 -8.31 -31.39 21.25
CA TRP C 104 -9.14 -31.46 20.06
C TRP C 104 -9.58 -30.05 19.69
N VAL C 105 -8.96 -29.50 18.66
CA VAL C 105 -9.26 -28.14 18.27
C VAL C 105 -10.30 -28.13 17.15
N PRO C 106 -11.47 -27.52 17.40
CA PRO C 106 -12.54 -27.42 16.41
C PRO C 106 -12.02 -26.82 15.11
N TYR C 107 -12.43 -27.39 13.98
CA TYR C 107 -12.16 -26.79 12.70
C TYR C 107 -13.20 -25.71 12.46
N PRO C 108 -12.79 -24.55 11.90
CA PRO C 108 -11.43 -24.23 11.44
C PRO C 108 -10.48 -23.90 12.57
N PHE C 109 -9.28 -24.45 12.44
CA PHE C 109 -8.20 -24.32 13.41
C PHE C 109 -7.97 -22.88 13.86
N ALA C 110 -7.87 -21.97 12.90
CA ALA C 110 -7.44 -20.61 13.19
C ALA C 110 -8.42 -19.93 14.15
N ASN C 111 -9.69 -20.31 14.06
CA ASN C 111 -10.74 -19.67 14.85
C ASN C 111 -10.82 -20.24 16.25
N ASN C 112 -9.90 -21.13 16.58
CA ASN C 112 -10.00 -21.87 17.83
C ASN C 112 -8.66 -22.00 18.54
N ILE C 113 -7.72 -21.11 18.23
CA ILE C 113 -6.44 -21.24 18.88
C ILE C 113 -6.46 -20.73 20.33
N SER C 114 -7.62 -20.27 20.81
CA SER C 114 -7.78 -19.94 22.25
C SER C 114 -7.55 -21.15 23.14
N MET C 115 -7.58 -22.35 22.55
CA MET C 115 -7.31 -23.58 23.30
C MET C 115 -5.82 -23.84 23.52
N LEU C 116 -4.97 -23.17 22.74
CA LEU C 116 -3.52 -23.30 22.90
C LEU C 116 -3.00 -22.43 24.04
N PRO C 117 -1.77 -22.70 24.50
CA PRO C 117 -1.17 -21.82 25.52
C PRO C 117 -1.09 -20.37 25.05
N LYS C 118 -1.27 -19.45 25.99
CA LYS C 118 -1.30 -18.02 25.68
C LYS C 118 -0.05 -17.55 24.94
N GLU C 119 1.11 -18.05 25.32
CA GLU C 119 2.37 -17.67 24.70
C GLU C 119 2.33 -18.04 23.22
N GLU C 120 1.68 -19.16 22.92
CA GLU C 120 1.58 -19.63 21.55
C GLU C 120 0.55 -18.81 20.76
N GLN C 121 -0.53 -18.44 21.43
CA GLN C 121 -1.52 -17.55 20.83
C GLN C 121 -0.89 -16.25 20.38
N VAL C 122 -0.02 -15.69 21.23
CA VAL C 122 0.66 -14.45 20.92
C VAL C 122 1.47 -14.61 19.66
N LYS C 123 2.23 -15.71 19.58
CA LYS C 123 3.03 -15.95 18.39
C LYS C 123 2.13 -16.11 17.17
N CYS C 124 1.01 -16.82 17.35
CA CYS C 124 0.09 -17.02 16.24
C CYS C 124 -0.48 -15.71 15.74
N ILE C 125 -1.00 -14.91 16.65
CA ILE C 125 -1.62 -13.64 16.31
C ILE C 125 -0.58 -12.68 15.72
N ASP C 126 0.62 -12.67 16.28
CA ASP C 126 1.69 -11.83 15.72
C ASP C 126 1.97 -12.20 14.27
N GLY C 127 2.01 -13.50 13.98
CA GLY C 127 2.25 -13.95 12.62
C GLY C 127 1.13 -13.53 11.71
N MET C 128 -0.09 -13.55 12.24
CA MET C 128 -1.22 -13.25 11.39
C MET C 128 -1.32 -11.75 11.20
N ILE C 129 -0.88 -10.99 12.20
CA ILE C 129 -0.75 -9.55 12.01
C ILE C 129 0.23 -9.27 10.86
N ASP C 130 1.40 -9.89 10.89
CA ASP C 130 2.36 -9.73 9.78
C ASP C 130 1.69 -10.02 8.44
N ALA C 131 0.99 -11.16 8.38
CA ALA C 131 0.33 -11.58 7.14
C ALA C 131 -0.75 -10.58 6.70
N ALA C 132 -1.48 -10.02 7.66
CA ALA C 132 -2.56 -9.09 7.37
C ALA C 132 -1.99 -7.80 6.75
N LEU C 133 -0.89 -7.34 7.32
CA LEU C 133 -0.26 -6.12 6.86
C LEU C 133 0.34 -6.35 5.48
N GLU C 134 0.97 -7.51 5.28
CA GLU C 134 1.51 -7.84 3.95
C GLU C 134 0.38 -7.94 2.93
N ALA C 135 -0.73 -8.57 3.30
CA ALA C 135 -1.82 -8.76 2.34
C ALA C 135 -2.41 -7.42 1.93
N ARG C 136 -2.33 -6.44 2.81
CA ARG C 136 -2.90 -5.11 2.52
C ARG C 136 -2.20 -4.45 1.31
N VAL C 137 -0.92 -4.75 1.10
CA VAL C 137 -0.18 -4.15 0.00
C VAL C 137 0.22 -5.19 -1.06
N ALA C 138 -0.37 -6.37 -0.99
CA ALA C 138 -0.03 -7.44 -1.94
C ALA C 138 -0.54 -7.14 -3.35
N ASN C 139 0.31 -7.30 -4.36
CA ASN C 139 -0.14 -7.15 -5.73
C ASN C 139 0.19 -8.37 -6.60
N THR C 140 0.61 -9.46 -5.98
CA THR C 140 0.85 -10.72 -6.68
C THR C 140 0.02 -11.86 -6.11
N LYS C 141 -0.27 -12.87 -6.93
CA LYS C 141 -0.92 -14.07 -6.41
C LYS C 141 0.14 -14.98 -5.81
N PRO C 142 -0.21 -15.74 -4.76
CA PRO C 142 0.75 -16.73 -4.29
C PRO C 142 0.98 -17.76 -5.40
N LYS C 143 2.20 -18.28 -5.51
CA LYS C 143 2.55 -19.21 -6.58
C LYS C 143 2.61 -20.67 -6.10
N THR C 144 2.82 -20.87 -4.80
CA THR C 144 2.82 -22.21 -4.24
C THR C 144 1.78 -22.36 -3.15
N PHE C 145 1.35 -23.60 -2.94
CA PHE C 145 0.52 -23.94 -1.80
C PHE C 145 1.12 -23.33 -0.53
N ASP C 146 2.43 -23.45 -0.36
CA ASP C 146 3.04 -22.96 0.87
C ASP C 146 2.91 -21.45 1.05
N GLU C 147 3.12 -20.68 -0.02
CA GLU C 147 2.94 -19.23 0.05
C GLU C 147 1.49 -18.91 0.39
N TRP C 148 0.57 -19.66 -0.21
CA TRP C 148 -0.85 -19.46 0.00
C TRP C 148 -1.15 -19.64 1.48
N ILE C 149 -0.64 -20.71 2.05
CA ILE C 149 -0.90 -20.97 3.46
C ILE C 149 -0.37 -19.84 4.35
N VAL C 150 0.88 -19.42 4.13
CA VAL C 150 1.51 -18.42 4.99
C VAL C 150 0.80 -17.09 4.87
N ARG C 151 0.43 -16.73 3.65
CA ARG C 151 -0.31 -15.51 3.41
C ARG C 151 -1.68 -15.50 4.07
N MET C 152 -2.34 -16.66 4.11
CA MET C 152 -3.62 -16.78 4.79
C MET C 152 -3.52 -16.78 6.32
N MET C 153 -2.52 -17.49 6.84
CA MET C 153 -2.46 -17.83 8.25
C MET C 153 -1.37 -17.10 9.03
N GLY C 154 -0.31 -16.72 8.33
CA GLY C 154 0.91 -16.29 9.00
C GLY C 154 1.71 -17.50 9.46
N THR C 155 2.99 -17.26 9.71
CA THR C 155 3.94 -18.31 10.05
C THR C 155 3.51 -19.19 11.23
N GLY C 156 3.13 -18.56 12.34
CA GLY C 156 2.78 -19.31 13.53
C GLY C 156 1.68 -20.31 13.29
N ILE C 157 0.58 -19.85 12.74
CA ILE C 157 -0.55 -20.73 12.52
C ILE C 157 -0.27 -21.73 11.39
N ALA C 158 0.43 -21.30 10.34
CA ALA C 158 0.81 -22.20 9.27
C ALA C 158 1.58 -23.40 9.84
N ASP C 159 2.55 -23.12 10.71
CA ASP C 159 3.42 -24.15 11.23
C ASP C 159 2.70 -25.14 12.16
N LEU C 160 1.57 -24.72 12.73
CA LEU C 160 0.89 -25.57 13.69
C LEU C 160 0.01 -26.59 13.01
N PHE C 161 -0.62 -26.18 11.90
CA PHE C 161 -1.60 -27.06 11.31
C PHE C 161 -1.36 -27.29 9.83
N MET C 162 -1.76 -26.34 8.97
CA MET C 162 -1.76 -26.60 7.53
C MET C 162 -0.41 -26.99 6.91
N ARG C 163 0.71 -26.45 7.38
CA ARG C 163 1.98 -26.92 6.79
C ARG C 163 2.26 -28.38 7.15
N PRO C 164 2.32 -28.71 8.47
CA PRO C 164 2.70 -30.11 8.67
C PRO C 164 1.57 -31.05 8.25
N TYR C 165 0.32 -30.64 8.43
CA TYR C 165 -0.79 -31.48 8.02
C TYR C 165 -0.72 -31.83 6.53
N ASN C 166 -0.53 -30.81 5.70
CA ASN C 166 -0.59 -31.06 4.26
C ASN C 166 0.59 -31.90 3.77
N PHE C 167 1.74 -31.83 4.43
CA PHE C 167 2.77 -32.79 4.08
C PHE C 167 2.33 -34.23 4.38
N LYS C 168 1.68 -34.44 5.52
CA LYS C 168 1.24 -35.78 5.91
C LYS C 168 0.17 -36.32 4.97
N VAL C 169 -0.59 -35.43 4.36
CA VAL C 169 -1.61 -35.79 3.38
C VAL C 169 -1.02 -36.07 1.99
N TRP C 170 -0.33 -35.08 1.42
CA TRP C 170 0.10 -35.16 0.02
C TRP C 170 1.41 -35.91 -0.16
N ALA C 171 2.11 -36.12 0.94
CA ALA C 171 3.39 -36.81 0.93
C ALA C 171 4.39 -36.08 0.02
N VAL C 172 4.19 -34.77 -0.11
CA VAL C 172 5.13 -33.85 -0.74
C VAL C 172 5.09 -32.54 0.06
N PRO C 173 6.19 -31.78 0.05
CA PRO C 173 6.16 -30.49 0.76
C PRO C 173 5.20 -29.49 0.10
N THR C 174 4.63 -28.60 0.91
CA THR C 174 3.69 -27.59 0.44
C THR C 174 4.35 -26.65 -0.57
N THR C 175 5.67 -26.55 -0.50
CA THR C 175 6.43 -25.68 -1.37
C THR C 175 6.50 -26.23 -2.79
N LYS C 176 6.12 -27.50 -2.96
CA LYS C 176 6.19 -28.15 -4.26
C LYS C 176 4.82 -28.25 -4.94
N MET C 177 3.79 -27.67 -4.32
CA MET C 177 2.46 -27.74 -4.90
C MET C 177 1.99 -26.37 -5.35
N GLN C 178 1.10 -26.37 -6.34
CA GLN C 178 0.44 -25.14 -6.77
C GLN C 178 -0.65 -24.79 -5.78
N CYS C 179 -1.28 -23.65 -6.00
CA CYS C 179 -2.36 -23.24 -5.11
C CYS C 179 -3.62 -22.77 -5.88
N ALA C 180 -3.55 -22.73 -7.21
CA ALA C 180 -4.73 -22.38 -8.01
C ALA C 180 -5.94 -23.30 -7.69
N TRP C 181 -5.65 -24.57 -7.37
CA TRP C 181 -6.69 -25.54 -7.02
C TRP C 181 -7.49 -25.21 -5.76
N LEU C 182 -7.00 -24.27 -4.97
CA LEU C 182 -7.75 -23.90 -3.77
C LEU C 182 -8.82 -22.85 -4.11
N GLY C 183 -8.80 -22.37 -5.34
CA GLY C 183 -9.82 -21.44 -5.80
C GLY C 183 -9.37 -19.99 -5.90
N GLU C 184 -10.31 -19.10 -6.22
CA GLU C 184 -10.00 -17.70 -6.54
C GLU C 184 -9.95 -16.80 -5.31
N ARG C 185 -10.31 -17.32 -4.14
CA ARG C 185 -10.29 -16.53 -2.89
C ARG C 185 -8.90 -15.94 -2.62
N VAL C 186 -8.87 -14.66 -2.27
CA VAL C 186 -7.60 -13.98 -2.03
C VAL C 186 -6.91 -14.52 -0.77
N ALA C 187 -5.61 -14.79 -0.91
CA ALA C 187 -4.77 -15.24 0.20
C ALA C 187 -4.59 -14.13 1.26
N ALA C 188 -5.61 -13.95 2.10
CA ALA C 188 -5.63 -12.91 3.11
C ALA C 188 -6.20 -13.46 4.42
N PRO C 189 -5.68 -12.99 5.57
CA PRO C 189 -6.12 -13.51 6.86
C PRO C 189 -7.40 -12.84 7.33
N ASN C 190 -8.32 -13.58 7.96
CA ASN C 190 -9.37 -12.87 8.70
C ASN C 190 -8.83 -12.62 10.10
N LEU C 191 -8.01 -11.60 10.20
CA LEU C 191 -7.34 -11.26 11.44
C LEU C 191 -8.36 -10.98 12.54
N LYS C 192 -9.40 -10.24 12.18
CA LYS C 192 -10.44 -9.84 13.15
C LYS C 192 -11.13 -11.04 13.79
N ALA C 193 -11.57 -11.98 12.95
CA ALA C 193 -12.25 -13.17 13.40
C ALA C 193 -11.36 -13.95 14.35
N VAL C 194 -10.10 -14.10 13.95
CA VAL C 194 -9.17 -14.90 14.72
C VAL C 194 -8.88 -14.25 16.06
N THR C 195 -8.62 -12.93 16.06
CA THR C 195 -8.27 -12.30 17.31
C THR C 195 -9.50 -12.22 18.19
N THR C 196 -10.67 -12.04 17.57
CA THR C 196 -11.90 -11.95 18.34
C THR C 196 -12.12 -13.22 19.17
N ASN C 197 -11.98 -14.38 18.55
CA ASN C 197 -12.20 -15.63 19.28
C ASN C 197 -11.11 -15.87 20.33
N VAL C 198 -9.89 -15.44 20.03
CA VAL C 198 -8.85 -15.48 21.03
C VAL C 198 -9.24 -14.62 22.25
N ILE C 199 -9.66 -13.38 21.98
CA ILE C 199 -10.03 -12.46 23.04
C ILE C 199 -11.21 -12.97 23.85
N LEU C 200 -12.21 -13.51 23.16
CA LEU C 200 -13.40 -14.00 23.86
C LEU C 200 -13.15 -15.34 24.55
N GLY C 201 -12.06 -16.01 24.22
CA GLY C 201 -11.80 -17.35 24.74
C GLY C 201 -12.86 -18.28 24.20
N LYS C 202 -13.24 -18.00 22.96
CA LYS C 202 -14.34 -18.69 22.31
C LYS C 202 -13.83 -19.81 21.41
N THR C 203 -14.56 -20.91 21.42
CA THR C 203 -14.37 -21.93 20.39
C THR C 203 -15.62 -22.04 19.54
N ALA C 204 -15.43 -22.36 18.28
CA ALA C 204 -16.54 -22.45 17.33
C ALA C 204 -16.17 -23.28 16.12
N GLY C 205 -16.82 -24.42 15.95
CA GLY C 205 -16.65 -25.21 14.75
C GLY C 205 -17.44 -24.64 13.58
N ASN C 206 -17.12 -25.03 12.36
CA ASN C 206 -17.87 -24.55 11.20
C ASN C 206 -19.04 -25.50 10.86
N TRP C 207 -19.74 -25.97 11.88
CA TRP C 207 -20.93 -26.78 11.64
C TRP C 207 -22.11 -26.29 12.46
N GLY C 208 -23.25 -26.94 12.23
CA GLY C 208 -24.50 -26.56 12.84
C GLY C 208 -25.57 -27.31 12.10
N PRO C 209 -26.84 -26.99 12.39
CA PRO C 209 -28.00 -27.72 11.85
C PRO C 209 -28.06 -27.76 10.33
N ASN C 210 -27.43 -26.81 9.65
CA ASN C 210 -27.47 -26.75 8.19
C ASN C 210 -26.15 -27.17 7.53
N ALA C 211 -25.11 -27.37 8.33
CA ALA C 211 -23.84 -27.84 7.78
C ALA C 211 -23.77 -29.33 8.02
N THR C 212 -24.42 -30.08 7.13
CA THR C 212 -24.64 -31.49 7.31
C THR C 212 -24.18 -32.33 6.11
N PHE C 213 -24.14 -33.63 6.32
CA PHE C 213 -23.96 -34.55 5.22
C PHE C 213 -24.87 -35.75 5.45
N ARG C 214 -25.14 -36.50 4.40
CA ARG C 214 -25.92 -37.71 4.56
C ARG C 214 -25.05 -38.90 4.16
N PHE C 215 -25.16 -39.96 4.94
CA PHE C 215 -24.34 -41.14 4.71
C PHE C 215 -25.27 -42.33 4.58
N PRO C 216 -24.91 -43.27 3.69
CA PRO C 216 -25.80 -44.41 3.46
C PRO C 216 -25.97 -45.29 4.69
N ALA C 217 -27.18 -45.73 4.93
CA ALA C 217 -27.49 -46.54 6.09
C ALA C 217 -26.77 -47.87 6.04
N ARG C 218 -26.61 -48.42 4.84
CA ARG C 218 -26.04 -49.75 4.69
C ARG C 218 -25.01 -49.83 3.56
N GLY C 219 -24.00 -50.68 3.76
CA GLY C 219 -23.00 -50.93 2.74
C GLY C 219 -21.96 -49.84 2.58
N GLY C 220 -21.98 -48.87 3.49
CA GLY C 220 -21.02 -47.78 3.42
C GLY C 220 -21.21 -46.97 2.15
N THR C 221 -20.21 -46.17 1.81
CA THR C 221 -20.30 -45.33 0.64
C THR C 221 -20.51 -46.22 -0.59
N GLY C 222 -19.92 -47.42 -0.53
CA GLY C 222 -20.01 -48.35 -1.63
C GLY C 222 -21.44 -48.72 -2.00
N GLY C 223 -22.36 -48.54 -1.05
CA GLY C 223 -23.74 -48.94 -1.24
C GLY C 223 -24.45 -48.01 -2.20
N ILE C 224 -23.99 -46.77 -2.26
CA ILE C 224 -24.52 -45.80 -3.21
C ILE C 224 -24.30 -46.26 -4.63
N TRP C 225 -23.06 -46.62 -4.92
CA TRP C 225 -22.69 -46.88 -6.30
C TRP C 225 -23.18 -48.24 -6.77
N ILE C 226 -23.29 -49.19 -5.85
CA ILE C 226 -23.97 -50.44 -6.19
C ILE C 226 -25.42 -50.13 -6.56
N ALA C 227 -26.09 -49.32 -5.75
CA ALA C 227 -27.48 -48.99 -5.98
C ALA C 227 -27.66 -48.18 -7.29
N VAL C 228 -26.75 -47.24 -7.54
CA VAL C 228 -26.78 -46.46 -8.77
C VAL C 228 -26.58 -47.35 -10.00
N ALA C 229 -25.55 -48.20 -9.96
CA ALA C 229 -25.31 -49.13 -11.07
C ALA C 229 -26.51 -50.03 -11.30
N ASN C 230 -27.19 -50.43 -10.23
CA ASN C 230 -28.37 -51.30 -10.35
C ASN C 230 -29.50 -50.68 -11.17
N THR C 231 -29.48 -49.36 -11.37
CA THR C 231 -30.51 -48.69 -12.17
C THR C 231 -30.21 -48.75 -13.68
N LEU C 232 -29.00 -49.18 -14.02
CA LEU C 232 -28.60 -49.33 -15.42
C LEU C 232 -29.08 -50.64 -16.03
N PRO C 233 -29.35 -50.64 -17.36
CA PRO C 233 -29.65 -51.91 -18.03
C PRO C 233 -28.45 -52.85 -17.98
N LYS C 234 -28.62 -53.97 -17.27
CA LYS C 234 -27.52 -54.89 -16.96
C LYS C 234 -26.79 -55.38 -18.22
N GLU C 235 -27.51 -55.58 -19.31
CA GLU C 235 -26.88 -56.12 -20.51
C GLU C 235 -25.91 -55.12 -21.13
N LYS C 236 -25.92 -53.88 -20.64
CA LYS C 236 -25.00 -52.86 -21.14
C LYS C 236 -23.83 -52.66 -20.17
N THR C 237 -23.77 -53.53 -19.16
CA THR C 237 -22.69 -53.48 -18.20
C THR C 237 -21.87 -54.73 -18.33
N ARG C 238 -20.58 -54.62 -18.06
CA ARG C 238 -19.73 -55.79 -18.10
C ARG C 238 -18.69 -55.67 -17.01
N PHE C 239 -18.98 -56.30 -15.88
CA PHE C 239 -18.21 -56.09 -14.66
C PHE C 239 -17.56 -57.38 -14.15
N GLY C 240 -16.31 -57.30 -13.73
CA GLY C 240 -15.56 -58.47 -13.30
C GLY C 240 -14.36 -58.71 -14.20
N GLU C 241 -13.73 -59.89 -14.08
CA GLU C 241 -12.61 -60.24 -14.94
C GLU C 241 -13.00 -60.08 -16.41
N LYS C 242 -14.28 -60.33 -16.70
CA LYS C 242 -14.81 -60.22 -18.06
C LYS C 242 -14.86 -58.78 -18.55
N GLY C 243 -14.75 -57.82 -17.63
CA GLY C 243 -14.85 -56.43 -18.00
C GLY C 243 -13.51 -55.71 -17.94
N LYS C 244 -12.44 -56.46 -17.69
CA LYS C 244 -11.13 -55.85 -17.51
C LYS C 244 -10.50 -55.47 -18.84
N VAL C 245 -10.22 -54.18 -19.01
CA VAL C 245 -9.53 -53.70 -20.21
C VAL C 245 -8.03 -53.95 -20.11
N THR C 246 -7.44 -54.52 -21.16
CA THR C 246 -6.01 -54.79 -21.18
C THR C 246 -5.29 -54.03 -22.29
N LYS C 247 -6.00 -53.80 -23.39
CA LYS C 247 -5.43 -53.06 -24.52
C LYS C 247 -6.43 -52.03 -25.04
N VAL C 248 -5.93 -50.83 -25.33
CA VAL C 248 -6.70 -49.82 -26.06
C VAL C 248 -5.95 -49.42 -27.34
N ASN C 249 -6.50 -49.79 -28.49
CA ASN C 249 -5.93 -49.39 -29.78
C ASN C 249 -6.60 -48.09 -30.23
N ALA C 250 -5.99 -46.96 -29.89
CA ALA C 250 -6.58 -45.65 -30.17
C ALA C 250 -6.84 -45.44 -31.66
N ASN C 251 -5.97 -45.98 -32.50
CA ASN C 251 -6.07 -45.68 -33.94
C ASN C 251 -7.21 -46.45 -34.61
N ASN C 252 -7.45 -47.69 -34.18
CA ASN C 252 -8.60 -48.47 -34.67
C ASN C 252 -9.88 -48.26 -33.88
N LYS C 253 -9.79 -47.46 -32.81
CA LYS C 253 -10.91 -47.29 -31.88
C LYS C 253 -11.45 -48.64 -31.42
N THR C 254 -10.53 -49.45 -30.90
CA THR C 254 -10.84 -50.79 -30.43
C THR C 254 -10.26 -50.99 -29.04
N VAL C 255 -11.02 -51.62 -28.17
CA VAL C 255 -10.56 -51.99 -26.85
C VAL C 255 -10.54 -53.51 -26.74
N THR C 256 -9.48 -54.06 -26.16
CA THR C 256 -9.44 -55.51 -25.97
C THR C 256 -9.51 -55.80 -24.47
N LEU C 257 -10.37 -56.74 -24.11
CA LEU C 257 -10.55 -57.13 -22.72
C LEU C 257 -9.66 -58.34 -22.39
N GLN C 258 -9.58 -58.67 -21.11
CA GLN C 258 -8.69 -59.73 -20.65
C GLN C 258 -9.05 -61.09 -21.23
N ASP C 259 -10.35 -61.34 -21.43
CA ASP C 259 -10.76 -62.64 -21.97
C ASP C 259 -10.69 -62.68 -23.50
N GLY C 260 -10.25 -61.59 -24.10
CA GLY C 260 -9.98 -61.55 -25.53
C GLY C 260 -11.06 -60.85 -26.34
N THR C 261 -12.13 -60.45 -25.65
CA THR C 261 -13.24 -59.73 -26.27
C THR C 261 -12.80 -58.36 -26.78
N THR C 262 -13.17 -58.05 -28.02
CA THR C 262 -12.84 -56.74 -28.57
C THR C 262 -14.09 -55.87 -28.64
N ILE C 263 -13.92 -54.60 -28.30
CA ILE C 263 -15.02 -53.65 -28.37
C ILE C 263 -14.66 -52.48 -29.28
N GLY C 264 -15.50 -52.24 -30.28
CA GLY C 264 -15.36 -51.07 -31.14
C GLY C 264 -16.16 -49.91 -30.59
N TYR C 265 -15.55 -48.73 -30.57
CA TYR C 265 -16.24 -47.52 -30.12
C TYR C 265 -16.05 -46.42 -31.13
N LYS C 266 -16.95 -45.44 -31.09
CA LYS C 266 -16.73 -44.19 -31.82
C LYS C 266 -16.11 -43.15 -30.88
N LYS C 267 -16.58 -43.13 -29.64
CA LYS C 267 -16.04 -42.23 -28.63
C LYS C 267 -15.74 -43.05 -27.38
N LEU C 268 -14.65 -42.72 -26.71
CA LEU C 268 -14.27 -43.44 -25.50
C LEU C 268 -14.20 -42.53 -24.28
N VAL C 269 -15.00 -42.86 -23.26
CA VAL C 269 -14.87 -42.23 -21.96
C VAL C 269 -14.07 -43.13 -21.05
N SER C 270 -12.83 -42.76 -20.78
CA SER C 270 -11.96 -43.58 -19.97
C SER C 270 -11.86 -42.98 -18.58
N THR C 271 -12.09 -43.80 -17.56
CA THR C 271 -12.05 -43.31 -16.20
C THR C 271 -10.99 -44.08 -15.38
N MET C 272 -10.22 -44.93 -16.03
CA MET C 272 -9.06 -45.53 -15.35
C MET C 272 -7.99 -44.47 -15.18
N ALA C 273 -7.03 -44.72 -14.31
CA ALA C 273 -5.91 -43.79 -14.11
C ALA C 273 -5.26 -43.54 -15.46
N VAL C 274 -5.03 -42.27 -15.80
CA VAL C 274 -4.58 -41.92 -17.15
C VAL C 274 -3.21 -42.52 -17.45
N ASP C 275 -2.39 -42.76 -16.42
CA ASP C 275 -1.11 -43.40 -16.66
C ASP C 275 -1.27 -44.87 -17.03
N PHE C 276 -2.31 -45.52 -16.51
CA PHE C 276 -2.68 -46.87 -16.97
C PHE C 276 -3.24 -46.86 -18.39
N LEU C 277 -4.02 -45.83 -18.73
CA LEU C 277 -4.58 -45.72 -20.07
C LEU C 277 -3.45 -45.64 -21.09
N ALA C 278 -2.48 -44.75 -20.82
CA ALA C 278 -1.31 -44.59 -21.68
C ALA C 278 -0.62 -45.93 -21.91
N GLU C 279 -0.46 -46.68 -20.83
CA GLU C 279 0.14 -48.01 -20.94
C GLU C 279 -0.73 -48.93 -21.79
N ALA C 280 -2.03 -48.95 -21.53
CA ALA C 280 -2.95 -49.79 -22.28
C ALA C 280 -2.96 -49.42 -23.76
N MET C 281 -2.62 -48.17 -24.07
CA MET C 281 -2.58 -47.69 -25.43
C MET C 281 -1.26 -48.01 -26.14
N ASN C 282 -0.26 -48.47 -25.38
CA ASN C 282 1.11 -48.65 -25.86
C ASN C 282 1.59 -47.42 -26.61
N ASP C 283 1.25 -46.26 -26.05
CA ASP C 283 1.61 -44.97 -26.60
C ASP C 283 2.78 -44.43 -25.79
N GLN C 284 3.99 -44.61 -26.30
CA GLN C 284 5.21 -44.26 -25.58
C GLN C 284 5.26 -42.79 -25.18
N GLU C 285 4.75 -41.92 -26.05
CA GLU C 285 4.73 -40.51 -25.73
C GLU C 285 3.81 -40.20 -24.54
N LEU C 286 2.60 -40.77 -24.57
CA LEU C 286 1.65 -40.60 -23.47
C LEU C 286 2.15 -41.27 -22.20
N VAL C 287 2.85 -42.38 -22.34
CA VAL C 287 3.40 -43.07 -21.19
C VAL C 287 4.43 -42.15 -20.52
N GLY C 288 5.35 -41.62 -21.32
CA GLY C 288 6.35 -40.69 -20.81
C GLY C 288 5.72 -39.49 -20.11
N LEU C 289 4.69 -38.93 -20.72
CA LEU C 289 4.03 -37.78 -20.17
C LEU C 289 3.26 -38.13 -18.89
N THR C 290 2.61 -39.28 -18.88
CA THR C 290 1.79 -39.60 -17.71
C THR C 290 2.63 -39.96 -16.48
N LYS C 291 3.83 -40.51 -16.65
CA LYS C 291 4.58 -40.77 -15.43
C LYS C 291 5.28 -39.50 -14.94
N GLN C 292 5.04 -38.38 -15.62
CA GLN C 292 5.45 -37.08 -15.10
C GLN C 292 4.42 -36.52 -14.11
N LEU C 293 3.22 -37.10 -14.12
CA LEU C 293 2.20 -36.77 -13.15
C LEU C 293 2.58 -37.37 -11.80
N PHE C 294 2.30 -36.66 -10.72
CA PHE C 294 2.61 -37.16 -9.39
C PHE C 294 1.35 -37.61 -8.66
N TYR C 295 1.46 -38.68 -7.87
CA TYR C 295 0.36 -39.09 -7.01
C TYR C 295 0.88 -39.79 -5.77
N SER C 296 0.04 -39.83 -4.74
CA SER C 296 0.34 -40.59 -3.53
C SER C 296 -0.59 -41.79 -3.40
N SER C 297 -0.11 -42.81 -2.71
CA SER C 297 -0.92 -43.97 -2.40
C SER C 297 -1.62 -43.77 -1.05
N THR C 298 -2.73 -44.47 -0.83
CA THR C 298 -3.43 -44.35 0.43
C THR C 298 -3.46 -45.68 1.15
N HIS C 299 -3.01 -45.67 2.40
CA HIS C 299 -3.22 -46.83 3.27
C HIS C 299 -4.45 -46.56 4.12
N VAL C 300 -5.44 -47.42 4.02
CA VAL C 300 -6.59 -47.30 4.89
C VAL C 300 -6.41 -48.31 6.01
N ILE C 301 -6.46 -47.83 7.24
CA ILE C 301 -6.38 -48.71 8.40
C ILE C 301 -7.68 -48.59 9.17
N GLY C 302 -8.31 -49.72 9.44
CA GLY C 302 -9.55 -49.75 10.19
C GLY C 302 -9.29 -50.44 11.53
N VAL C 303 -9.93 -49.93 12.58
CA VAL C 303 -9.79 -50.48 13.91
C VAL C 303 -11.16 -50.53 14.54
N GLY C 304 -11.64 -51.74 14.80
CA GLY C 304 -12.90 -51.93 15.48
C GLY C 304 -12.63 -52.10 16.96
N VAL C 305 -13.42 -51.40 17.77
CA VAL C 305 -13.16 -51.27 19.19
C VAL C 305 -14.38 -51.66 19.98
N ARG C 306 -14.18 -52.42 21.05
CA ARG C 306 -15.32 -52.82 21.89
C ARG C 306 -15.74 -51.67 22.82
N GLY C 307 -17.05 -51.53 23.00
CA GLY C 307 -17.58 -50.59 23.97
C GLY C 307 -18.49 -49.58 23.32
N SER C 308 -19.35 -48.95 24.13
CA SER C 308 -20.13 -47.83 23.61
C SER C 308 -19.15 -46.70 23.36
N ARG C 309 -19.53 -45.80 22.46
CA ARG C 309 -18.73 -44.65 22.11
C ARG C 309 -18.25 -43.85 23.33
N PRO C 310 -16.94 -43.71 23.49
CA PRO C 310 -16.39 -42.92 24.60
C PRO C 310 -16.80 -41.45 24.54
N GLU C 311 -16.98 -40.84 25.71
CA GLU C 311 -17.34 -39.42 25.80
C GLU C 311 -16.34 -38.54 25.06
N ARG C 312 -15.06 -38.92 25.10
CA ARG C 312 -14.01 -38.10 24.52
C ARG C 312 -14.10 -38.08 23.00
N ILE C 313 -14.74 -39.09 22.44
CA ILE C 313 -14.95 -39.18 21.01
C ILE C 313 -16.23 -38.43 20.65
N GLY C 314 -17.35 -38.84 21.26
CA GLY C 314 -18.63 -38.18 21.05
C GLY C 314 -19.07 -38.08 19.59
N ASP C 315 -19.57 -36.93 19.18
CA ASP C 315 -20.14 -36.81 17.84
C ASP C 315 -19.10 -36.46 16.77
N LYS C 316 -17.82 -36.58 17.12
CA LYS C 316 -16.73 -36.35 16.18
C LYS C 316 -16.89 -37.19 14.90
N CYS C 317 -16.74 -36.56 13.73
CA CYS C 317 -16.84 -37.29 12.47
C CYS C 317 -15.47 -37.57 11.87
N TRP C 318 -14.76 -36.53 11.46
CA TRP C 318 -13.38 -36.74 10.99
C TRP C 318 -12.42 -35.80 11.69
N LEU C 319 -11.16 -36.19 11.71
CA LEU C 319 -10.16 -35.56 12.56
C LEU C 319 -8.84 -35.38 11.82
N TYR C 320 -8.19 -34.26 12.07
CA TYR C 320 -6.96 -33.93 11.36
C TYR C 320 -5.74 -34.05 12.27
N PHE C 321 -4.65 -34.59 11.73
CA PHE C 321 -3.49 -34.84 12.58
C PHE C 321 -2.20 -34.28 12.00
N PRO C 322 -1.94 -33.01 12.28
CA PRO C 322 -0.72 -32.34 11.84
C PRO C 322 0.55 -32.90 12.50
N GLU C 323 0.43 -33.47 13.69
CA GLU C 323 1.61 -33.79 14.49
C GLU C 323 2.22 -35.14 14.11
N ASP C 324 3.47 -35.35 14.50
CA ASP C 324 4.16 -36.57 14.11
C ASP C 324 4.16 -37.64 15.22
N ASN C 325 3.17 -37.62 16.12
CA ASN C 325 3.03 -38.69 17.11
C ASN C 325 2.05 -39.78 16.65
N CYS C 326 1.62 -39.66 15.40
CA CYS C 326 0.81 -40.67 14.74
C CYS C 326 1.13 -40.59 13.25
N PRO C 327 1.06 -41.73 12.55
CA PRO C 327 1.38 -41.72 11.10
C PRO C 327 0.22 -41.28 10.20
N PHE C 328 -1.00 -41.40 10.68
CA PHE C 328 -2.16 -41.05 9.87
C PHE C 328 -2.38 -39.53 9.82
N TYR C 329 -2.94 -39.05 8.70
CA TYR C 329 -3.22 -37.62 8.61
C TYR C 329 -4.67 -37.36 8.98
N ARG C 330 -5.50 -38.37 8.81
CA ARG C 330 -6.91 -38.19 9.09
C ARG C 330 -7.51 -39.42 9.73
N ALA C 331 -8.41 -39.19 10.68
CA ALA C 331 -9.17 -40.28 11.29
C ALA C 331 -10.66 -40.03 11.15
N THR C 332 -11.41 -41.09 10.94
CA THR C 332 -12.87 -40.98 10.85
C THR C 332 -13.51 -41.87 11.90
N ILE C 333 -14.46 -41.32 12.64
CA ILE C 333 -15.23 -42.14 13.56
C ILE C 333 -16.36 -42.78 12.75
N PHE C 334 -16.00 -43.83 12.02
CA PHE C 334 -16.87 -44.39 11.00
C PHE C 334 -18.13 -44.99 11.61
N SER C 335 -18.03 -45.44 12.86
CA SER C 335 -19.21 -45.92 13.58
C SER C 335 -20.23 -44.80 13.82
N ASN C 336 -19.80 -43.55 13.79
CA ASN C 336 -20.76 -42.44 13.88
C ASN C 336 -21.57 -42.22 12.60
N TYR C 337 -21.10 -42.78 11.48
CA TYR C 337 -21.71 -42.48 10.17
C TYR C 337 -22.95 -43.32 9.93
N SER C 338 -22.92 -44.56 10.40
CA SER C 338 -24.06 -45.45 10.35
C SER C 338 -23.91 -46.53 11.39
N PRO C 339 -25.00 -46.86 12.10
CA PRO C 339 -24.96 -47.98 13.03
C PRO C 339 -24.65 -49.28 12.29
N TYR C 340 -24.81 -49.30 10.97
CA TYR C 340 -24.63 -50.55 10.26
C TYR C 340 -23.23 -50.68 9.66
N ASN C 341 -22.33 -49.77 10.04
CA ASN C 341 -20.93 -49.87 9.64
C ASN C 341 -20.12 -50.84 10.50
N GLN C 342 -20.74 -51.36 11.56
CA GLN C 342 -20.08 -52.27 12.49
C GLN C 342 -21.14 -53.21 13.06
N PRO C 343 -20.72 -54.33 13.66
CA PRO C 343 -21.74 -55.29 14.10
C PRO C 343 -22.67 -54.72 15.18
N GLU C 344 -23.84 -55.30 15.32
CA GLU C 344 -24.78 -54.89 16.35
C GLU C 344 -24.22 -55.30 17.70
N ALA C 345 -24.75 -54.67 18.75
CA ALA C 345 -24.23 -54.84 20.10
C ALA C 345 -24.27 -56.30 20.57
N SER C 346 -25.24 -57.07 20.09
CA SER C 346 -25.41 -58.44 20.56
C SER C 346 -24.42 -59.40 19.93
N ALA C 347 -23.72 -58.95 18.89
CA ALA C 347 -22.75 -59.81 18.22
C ALA C 347 -21.54 -60.08 19.10
N ALA C 348 -21.12 -61.34 19.17
CA ALA C 348 -20.00 -61.73 20.01
C ALA C 348 -18.72 -61.78 19.20
N LEU C 349 -17.71 -61.06 19.68
CA LEU C 349 -16.41 -61.08 19.05
C LEU C 349 -15.35 -61.20 20.11
N PRO C 350 -14.31 -62.00 19.84
CA PRO C 350 -13.20 -62.07 20.78
C PRO C 350 -12.33 -60.83 20.65
N THR C 351 -11.61 -60.48 21.72
CA THR C 351 -10.69 -59.36 21.66
C THR C 351 -9.37 -59.82 21.04
N MET C 352 -8.96 -59.14 19.99
CA MET C 352 -7.73 -59.50 19.26
C MET C 352 -6.48 -59.01 19.98
N GLN C 353 -6.55 -57.80 20.53
CA GLN C 353 -5.45 -57.20 21.27
C GLN C 353 -5.95 -55.99 22.02
N LEU C 354 -5.19 -55.52 22.99
CA LEU C 354 -5.48 -54.22 23.58
C LEU C 354 -4.78 -53.17 22.75
N ALA C 355 -5.20 -51.93 22.89
CA ALA C 355 -4.64 -50.82 22.13
C ALA C 355 -3.15 -50.65 22.40
N ASP C 356 -2.67 -51.08 23.58
CA ASP C 356 -1.25 -50.92 23.84
C ASP C 356 -0.45 -52.08 23.30
N GLY C 357 -1.14 -52.98 22.60
CA GLY C 357 -0.50 -54.09 21.94
C GLY C 357 -0.50 -55.39 22.74
N SER C 358 -0.99 -55.34 23.96
CA SER C 358 -0.93 -56.55 24.78
C SER C 358 -2.09 -57.50 24.44
N ARG C 359 -1.93 -58.75 24.84
CA ARG C 359 -2.94 -59.77 24.68
C ARG C 359 -4.09 -59.53 25.65
N PRO C 360 -5.31 -59.93 25.27
CA PRO C 360 -6.43 -59.79 26.19
C PRO C 360 -6.35 -60.83 27.31
N GLN C 361 -6.95 -60.55 28.46
CA GLN C 361 -6.97 -61.51 29.57
C GLN C 361 -7.69 -62.77 29.14
N SER C 362 -8.77 -62.59 28.38
CA SER C 362 -9.59 -63.71 27.94
C SER C 362 -9.70 -63.76 26.42
N THR C 363 -9.69 -64.98 25.89
CA THR C 363 -9.82 -65.18 24.47
C THR C 363 -11.28 -65.40 24.06
N GLU C 364 -12.18 -65.38 25.05
CA GLU C 364 -13.60 -65.67 24.83
C GLU C 364 -14.26 -64.57 24.03
N ALA C 365 -15.22 -64.95 23.19
CA ALA C 365 -16.00 -63.95 22.45
C ALA C 365 -16.94 -63.25 23.42
N LYS C 366 -16.97 -61.92 23.37
CA LYS C 366 -17.85 -61.16 24.22
C LYS C 366 -18.69 -60.22 23.34
N GLU C 367 -19.80 -59.71 23.88
CA GLU C 367 -20.68 -58.87 23.09
C GLU C 367 -20.15 -57.45 23.03
N GLY C 368 -20.76 -56.65 22.16
CA GLY C 368 -20.43 -55.25 22.06
C GLY C 368 -21.13 -54.47 23.14
N PRO C 369 -21.55 -53.23 22.84
CA PRO C 369 -21.54 -52.58 21.52
C PRO C 369 -20.13 -52.29 20.99
N TYR C 370 -20.06 -51.82 19.75
CA TYR C 370 -18.77 -51.58 19.09
C TYR C 370 -18.72 -50.21 18.45
N TRP C 371 -17.53 -49.62 18.41
CA TRP C 371 -17.32 -48.43 17.60
C TRP C 371 -16.10 -48.64 16.72
N SER C 372 -15.85 -47.71 15.81
CA SER C 372 -14.90 -47.98 14.73
C SER C 372 -14.14 -46.75 14.27
N ILE C 373 -12.82 -46.89 14.15
CA ILE C 373 -12.00 -45.80 13.66
C ILE C 373 -11.39 -46.20 12.32
N MET C 374 -11.46 -45.29 11.36
CA MET C 374 -10.90 -45.49 10.03
C MET C 374 -9.78 -44.48 9.82
N LEU C 375 -8.59 -44.96 9.51
CA LEU C 375 -7.42 -44.08 9.42
C LEU C 375 -6.84 -44.07 8.02
N GLU C 376 -6.23 -42.95 7.66
CA GLU C 376 -5.58 -42.81 6.39
C GLU C 376 -4.13 -42.45 6.56
N VAL C 377 -3.26 -43.23 5.92
CA VAL C 377 -1.85 -42.90 5.85
C VAL C 377 -1.44 -42.77 4.39
N SER C 378 -0.78 -41.65 4.07
CA SER C 378 -0.33 -41.41 2.70
C SER C 378 1.04 -42.01 2.44
N GLU C 379 1.29 -42.39 1.20
CA GLU C 379 2.60 -42.86 0.81
C GLU C 379 3.01 -42.25 -0.51
N SER C 380 4.27 -41.87 -0.63
CA SER C 380 4.85 -41.47 -1.89
C SER C 380 6.31 -41.84 -1.90
N SER C 381 6.96 -41.60 -3.04
CA SER C 381 8.41 -41.74 -3.16
C SER C 381 9.16 -40.83 -2.17
N MET C 382 8.49 -39.76 -1.73
CA MET C 382 9.09 -38.84 -0.76
C MET C 382 8.68 -39.16 0.67
N LYS C 383 7.87 -40.19 0.85
CA LYS C 383 7.31 -40.53 2.16
C LYS C 383 6.96 -42.02 2.16
N PRO C 384 7.96 -42.88 2.35
CA PRO C 384 7.75 -44.32 2.29
C PRO C 384 6.89 -44.79 3.45
N VAL C 385 6.16 -45.89 3.23
CA VAL C 385 5.37 -46.49 4.30
C VAL C 385 5.77 -47.95 4.47
N ASN C 386 6.17 -48.31 5.68
CA ASN C 386 6.48 -49.70 5.99
C ASN C 386 5.18 -50.48 6.15
N GLN C 387 4.82 -51.24 5.13
CA GLN C 387 3.55 -51.95 5.12
C GLN C 387 3.45 -52.99 6.23
N GLU C 388 4.59 -53.47 6.72
CA GLU C 388 4.59 -54.51 7.75
C GLU C 388 4.32 -53.95 9.15
N THR C 389 4.56 -52.67 9.37
CA THR C 389 4.38 -52.13 10.71
C THR C 389 3.32 -51.03 10.79
N ILE C 390 2.76 -50.62 9.66
CA ILE C 390 1.87 -49.45 9.64
C ILE C 390 0.63 -49.64 10.53
N LEU C 391 0.11 -50.87 10.63
CA LEU C 391 -1.08 -51.11 11.42
C LEU C 391 -0.76 -50.90 12.90
N ALA C 392 0.33 -51.50 13.34
CA ALA C 392 0.80 -51.35 14.70
C ALA C 392 1.13 -49.89 15.01
N ASP C 393 1.70 -49.20 14.03
CA ASP C 393 2.08 -47.81 14.21
C ASP C 393 0.84 -46.92 14.26
N CYS C 394 -0.19 -47.29 13.50
CA CYS C 394 -1.46 -46.57 13.56
C CYS C 394 -2.11 -46.75 14.93
N ILE C 395 -2.09 -47.99 15.42
CA ILE C 395 -2.73 -48.27 16.69
C ILE C 395 -1.98 -47.54 17.82
N GLN C 396 -0.65 -47.60 17.80
CA GLN C 396 0.13 -46.76 18.71
C GLN C 396 -0.25 -45.27 18.57
N GLY C 397 -0.45 -44.83 17.32
CA GLY C 397 -0.88 -43.46 17.08
C GLY C 397 -2.22 -43.15 17.72
N LEU C 398 -3.10 -44.15 17.77
CA LEU C 398 -4.40 -44.01 18.43
C LEU C 398 -4.23 -43.78 19.93
N VAL C 399 -3.26 -44.44 20.53
CA VAL C 399 -3.00 -44.24 21.94
C VAL C 399 -2.34 -42.88 22.19
N ASN C 400 -1.37 -42.54 21.34
CA ASN C 400 -0.65 -41.29 21.48
C ASN C 400 -1.54 -40.07 21.39
N THR C 401 -2.56 -40.16 20.55
CA THR C 401 -3.46 -39.04 20.30
C THR C 401 -4.67 -39.09 21.24
N GLU C 402 -4.66 -40.04 22.17
CA GLU C 402 -5.74 -40.25 23.16
C GLU C 402 -7.10 -40.57 22.56
N MET C 403 -7.10 -41.15 21.38
CA MET C 403 -8.34 -41.69 20.83
C MET C 403 -8.64 -43.03 21.47
N LEU C 404 -7.60 -43.79 21.75
CA LEU C 404 -7.78 -45.02 22.49
C LEU C 404 -7.02 -44.97 23.79
N LYS C 405 -7.60 -45.56 24.82
CA LYS C 405 -6.88 -45.85 26.04
C LYS C 405 -6.09 -47.13 25.79
N PRO C 406 -4.94 -47.28 26.49
CA PRO C 406 -4.15 -48.52 26.36
C PRO C 406 -4.99 -49.77 26.61
N THR C 407 -6.00 -49.62 27.47
CA THR C 407 -6.89 -50.72 27.82
C THR C 407 -7.97 -51.04 26.77
N ASP C 408 -8.19 -50.15 25.81
CA ASP C 408 -9.26 -50.39 24.85
C ASP C 408 -9.09 -51.69 24.09
N GLU C 409 -10.21 -52.36 23.86
CA GLU C 409 -10.19 -53.69 23.27
C GLU C 409 -10.46 -53.64 21.77
N ILE C 410 -9.45 -54.01 21.00
CA ILE C 410 -9.54 -54.05 19.56
C ILE C 410 -10.06 -55.40 19.12
N VAL C 411 -11.15 -55.41 18.36
CA VAL C 411 -11.78 -56.66 17.99
C VAL C 411 -11.72 -56.86 16.49
N SER C 412 -11.14 -55.91 15.77
CA SER C 412 -11.02 -56.04 14.33
C SER C 412 -10.00 -55.06 13.78
N THR C 413 -9.18 -55.52 12.85
CA THR C 413 -8.27 -54.64 12.14
C THR C 413 -8.45 -54.78 10.64
N TYR C 414 -8.12 -53.72 9.91
CA TYR C 414 -8.22 -53.66 8.47
C TYR C 414 -7.07 -52.82 7.95
N HIS C 415 -6.42 -53.31 6.91
CA HIS C 415 -5.41 -52.51 6.27
C HIS C 415 -5.39 -52.84 4.79
N ARG C 416 -5.48 -51.80 3.98
CA ARG C 416 -5.39 -51.98 2.55
C ARG C 416 -4.70 -50.78 1.92
N ARG C 417 -3.75 -51.07 1.03
CA ARG C 417 -3.06 -50.03 0.29
C ARG C 417 -3.72 -49.84 -1.06
N PHE C 418 -4.02 -48.58 -1.37
CA PHE C 418 -4.59 -48.19 -2.65
C PHE C 418 -3.53 -47.42 -3.43
N ASP C 419 -3.11 -47.99 -4.56
CA ASP C 419 -1.99 -47.47 -5.32
C ASP C 419 -2.19 -46.02 -5.72
N HIS C 420 -3.26 -45.77 -6.49
CA HIS C 420 -3.65 -44.41 -6.82
C HIS C 420 -4.64 -43.86 -5.80
N GLY C 421 -4.14 -43.02 -4.90
CA GLY C 421 -4.96 -42.48 -3.84
C GLY C 421 -5.34 -41.04 -4.10
N TYR C 422 -4.31 -40.18 -4.14
CA TYR C 422 -4.50 -38.76 -4.38
C TYR C 422 -3.71 -38.34 -5.60
N PRO C 423 -4.36 -37.69 -6.55
CA PRO C 423 -3.63 -37.03 -7.64
C PRO C 423 -3.11 -35.70 -7.14
N THR C 424 -1.80 -35.49 -7.17
CA THR C 424 -1.22 -34.35 -6.45
C THR C 424 -1.20 -33.06 -7.25
N PRO C 425 -1.73 -31.98 -6.66
CA PRO C 425 -1.67 -30.67 -7.32
C PRO C 425 -0.26 -30.07 -7.25
N THR C 426 0.71 -30.75 -7.87
CA THR C 426 2.07 -30.26 -7.92
C THR C 426 2.13 -29.03 -8.81
N LEU C 427 3.23 -28.30 -8.73
CA LEU C 427 3.46 -27.17 -9.61
C LEU C 427 3.42 -27.58 -11.08
N GLU C 428 3.93 -28.77 -11.39
CA GLU C 428 4.04 -29.21 -12.78
C GLU C 428 2.78 -29.89 -13.34
N ARG C 429 1.78 -30.13 -12.50
CA ARG C 429 0.59 -30.88 -12.91
C ARG C 429 -0.09 -30.33 -14.16
N GLU C 430 -0.43 -29.04 -14.13
CA GLU C 430 -1.13 -28.44 -15.26
C GLU C 430 -0.29 -28.44 -16.55
N GLY C 431 1.01 -28.22 -16.43
CA GLY C 431 1.88 -28.22 -17.60
C GLY C 431 1.85 -29.58 -18.28
N THR C 432 1.82 -30.62 -17.46
CA THR C 432 1.74 -31.98 -17.95
C THR C 432 0.35 -32.33 -18.47
N LEU C 433 -0.69 -32.02 -17.70
CA LEU C 433 -2.04 -32.38 -18.08
C LEU C 433 -2.46 -31.74 -19.40
N THR C 434 -2.00 -30.52 -19.66
CA THR C 434 -2.43 -29.83 -20.88
C THR C 434 -1.64 -30.30 -22.10
N GLN C 435 -0.71 -31.23 -21.88
CA GLN C 435 -0.15 -31.98 -23.00
C GLN C 435 -0.91 -33.29 -23.20
N ILE C 436 -1.33 -33.90 -22.08
CA ILE C 436 -1.93 -35.23 -22.13
C ILE C 436 -3.37 -35.23 -22.63
N LEU C 437 -4.22 -34.45 -21.98
CA LEU C 437 -5.65 -34.44 -22.31
C LEU C 437 -5.94 -34.01 -23.76
N PRO C 438 -5.23 -32.98 -24.27
CA PRO C 438 -5.50 -32.69 -25.70
C PRO C 438 -5.13 -33.81 -26.65
N LYS C 439 -4.07 -34.56 -26.36
CA LYS C 439 -3.69 -35.64 -27.26
C LYS C 439 -4.75 -36.75 -27.20
N LEU C 440 -5.23 -37.05 -26.00
CA LEU C 440 -6.30 -38.03 -25.84
C LEU C 440 -7.58 -37.55 -26.52
N GLN C 441 -7.90 -36.28 -26.32
CA GLN C 441 -9.04 -35.66 -27.00
C GLN C 441 -8.98 -35.80 -28.51
N ASP C 442 -7.81 -35.55 -29.09
CA ASP C 442 -7.60 -35.66 -30.54
C ASP C 442 -7.92 -37.06 -31.07
N LYS C 443 -7.91 -38.04 -30.17
CA LYS C 443 -8.16 -39.44 -30.55
C LYS C 443 -9.56 -39.88 -30.14
N ASP C 444 -10.40 -38.90 -29.82
CA ASP C 444 -11.77 -39.13 -29.37
C ASP C 444 -11.81 -39.94 -28.08
N ILE C 445 -10.85 -39.66 -27.20
CA ILE C 445 -10.82 -40.28 -25.89
C ILE C 445 -11.04 -39.21 -24.85
N TRP C 446 -12.15 -39.32 -24.13
CA TRP C 446 -12.41 -38.46 -22.99
C TRP C 446 -11.85 -39.15 -21.74
N SER C 447 -10.65 -38.77 -21.34
CA SER C 447 -10.08 -39.31 -20.11
C SER C 447 -10.51 -38.42 -18.96
N ARG C 448 -11.28 -38.98 -18.04
CA ARG C 448 -11.94 -38.18 -17.01
C ARG C 448 -12.01 -38.94 -15.69
N GLY C 449 -11.95 -38.20 -14.59
CA GLY C 449 -12.14 -38.81 -13.29
C GLY C 449 -11.04 -38.38 -12.35
N ARG C 450 -11.03 -38.93 -11.14
CA ARG C 450 -10.07 -38.53 -10.14
C ARG C 450 -8.66 -38.76 -10.66
N PHE C 451 -8.47 -39.87 -11.34
CA PHE C 451 -7.19 -40.15 -12.01
C PHE C 451 -7.34 -40.22 -13.52
N GLY C 452 -8.58 -40.15 -14.00
CA GLY C 452 -8.81 -40.03 -15.43
C GLY C 452 -8.35 -38.66 -15.89
N SER C 453 -8.62 -37.63 -15.09
CA SER C 453 -8.20 -36.28 -15.44
C SER C 453 -7.38 -35.62 -14.32
N TRP C 454 -7.21 -36.31 -13.20
CA TRP C 454 -6.13 -36.01 -12.25
C TRP C 454 -6.22 -34.67 -11.49
N ARG C 455 -7.42 -34.09 -11.36
CA ARG C 455 -7.54 -32.81 -10.67
C ARG C 455 -8.31 -32.93 -9.35
N TYR C 456 -7.55 -32.95 -8.26
CA TYR C 456 -8.10 -33.13 -6.91
C TYR C 456 -9.26 -32.18 -6.62
N GLU C 457 -9.13 -30.92 -7.03
CA GLU C 457 -10.14 -29.92 -6.71
C GLU C 457 -11.50 -30.26 -7.32
N VAL C 458 -11.53 -31.15 -8.29
CA VAL C 458 -12.78 -31.73 -8.75
C VAL C 458 -12.64 -33.25 -8.67
N GLY C 459 -12.21 -33.72 -7.51
CA GLY C 459 -11.91 -35.11 -7.32
C GLY C 459 -12.82 -35.86 -6.35
N ASN C 460 -13.87 -35.19 -5.86
CA ASN C 460 -14.84 -35.87 -4.99
C ASN C 460 -15.84 -36.69 -5.79
N GLN C 461 -16.70 -37.41 -5.07
CA GLN C 461 -17.64 -38.30 -5.75
C GLN C 461 -18.56 -37.55 -6.69
N ASP C 462 -19.04 -36.39 -6.26
CA ASP C 462 -19.96 -35.63 -7.10
C ASP C 462 -19.26 -35.06 -8.33
N HIS C 463 -18.04 -34.54 -8.15
CA HIS C 463 -17.26 -34.05 -9.29
C HIS C 463 -17.03 -35.17 -10.29
N SER C 464 -16.56 -36.30 -9.76
CA SER C 464 -16.24 -37.44 -10.58
C SER C 464 -17.46 -37.86 -11.35
N PHE C 465 -18.55 -38.11 -10.64
CA PHE C 465 -19.82 -38.42 -11.26
C PHE C 465 -20.14 -37.45 -12.40
N MET C 466 -19.99 -36.16 -12.13
CA MET C 466 -20.36 -35.16 -13.13
C MET C 466 -19.36 -35.07 -14.29
N LEU C 467 -18.10 -35.38 -14.02
CA LEU C 467 -17.11 -35.43 -15.10
C LEU C 467 -17.58 -36.46 -16.12
N GLY C 468 -18.01 -37.61 -15.65
CA GLY C 468 -18.62 -38.61 -16.52
C GLY C 468 -19.84 -38.08 -17.25
N VAL C 469 -20.76 -37.50 -16.48
CA VAL C 469 -21.97 -36.94 -17.06
C VAL C 469 -21.66 -35.88 -18.13
N GLU C 470 -20.88 -34.87 -17.75
CA GLU C 470 -20.54 -33.79 -18.68
C GLU C 470 -19.75 -34.29 -19.89
N ALA C 471 -18.94 -35.32 -19.71
CA ALA C 471 -18.19 -35.86 -20.84
C ALA C 471 -19.18 -36.40 -21.87
N VAL C 472 -20.17 -37.15 -21.39
CA VAL C 472 -21.23 -37.63 -22.26
C VAL C 472 -22.01 -36.48 -22.89
N ASP C 473 -22.30 -35.46 -22.09
CA ASP C 473 -23.06 -34.32 -22.59
C ASP C 473 -22.28 -33.57 -23.68
N ASN C 474 -20.97 -33.48 -23.50
CA ASN C 474 -20.10 -32.92 -24.53
C ASN C 474 -20.12 -33.77 -25.80
N ILE C 475 -19.93 -35.08 -25.65
CA ILE C 475 -19.96 -36.00 -26.78
C ILE C 475 -21.26 -35.94 -27.57
N VAL C 476 -22.37 -35.84 -26.84
CA VAL C 476 -23.69 -35.91 -27.47
C VAL C 476 -24.27 -34.54 -27.79
N ASN C 477 -24.24 -33.63 -26.83
CA ASN C 477 -25.01 -32.40 -26.96
C ASN C 477 -24.16 -31.14 -27.14
N GLY C 478 -22.84 -31.28 -27.13
CA GLY C 478 -21.97 -30.13 -27.29
C GLY C 478 -21.83 -29.27 -26.04
N ALA C 479 -22.10 -29.88 -24.89
CA ALA C 479 -22.02 -29.17 -23.62
C ALA C 479 -20.57 -28.81 -23.26
N VAL C 480 -20.41 -27.70 -22.56
CA VAL C 480 -19.09 -27.36 -22.02
C VAL C 480 -18.76 -28.31 -20.87
N GLU C 481 -17.54 -28.84 -20.84
CA GLU C 481 -17.11 -29.64 -19.69
C GLU C 481 -16.62 -28.72 -18.57
N LEU C 482 -17.59 -28.25 -17.81
CA LEU C 482 -17.35 -27.20 -16.84
C LEU C 482 -16.56 -27.72 -15.65
N THR C 483 -16.90 -28.91 -15.18
CA THR C 483 -16.21 -29.47 -14.02
C THR C 483 -14.74 -29.73 -14.37
N LEU C 484 -14.53 -30.31 -15.55
CA LEU C 484 -13.18 -30.58 -16.03
C LEU C 484 -12.28 -29.34 -16.12
N ASN C 485 -12.77 -28.29 -16.77
CA ASN C 485 -11.94 -27.15 -17.12
C ASN C 485 -12.09 -25.92 -16.22
N TYR C 486 -13.19 -25.85 -15.47
CA TYR C 486 -13.42 -24.71 -14.61
C TYR C 486 -13.87 -25.13 -13.20
N PRO C 487 -12.97 -25.77 -12.44
CA PRO C 487 -13.28 -26.19 -11.07
C PRO C 487 -13.93 -25.08 -10.24
N ASP C 488 -13.34 -23.88 -10.28
CA ASP C 488 -13.85 -22.73 -9.53
C ASP C 488 -15.30 -22.41 -9.88
N PHE C 489 -15.64 -22.56 -11.16
CA PHE C 489 -16.99 -22.27 -11.61
C PHE C 489 -17.99 -23.23 -10.98
N VAL C 490 -17.77 -24.54 -11.13
CA VAL C 490 -18.74 -25.51 -10.64
C VAL C 490 -18.76 -25.56 -9.12
N ASN C 491 -17.65 -25.22 -8.48
CA ASN C 491 -17.61 -25.30 -7.02
C ASN C 491 -18.21 -24.07 -6.36
N GLY C 492 -18.32 -22.97 -7.12
CA GLY C 492 -18.83 -21.72 -6.57
C GLY C 492 -20.33 -21.48 -6.77
N ARG C 493 -21.04 -22.52 -7.21
CA ARG C 493 -22.47 -22.39 -7.42
C ARG C 493 -23.17 -23.70 -7.11
N GLN C 494 -24.49 -23.67 -6.99
CA GLN C 494 -25.22 -24.92 -7.05
C GLN C 494 -25.62 -25.10 -8.50
N ASN C 495 -25.09 -26.15 -9.09
CA ASN C 495 -25.41 -26.51 -10.45
C ASN C 495 -26.74 -27.22 -10.50
N THR C 496 -27.75 -26.51 -10.98
CA THR C 496 -29.14 -26.95 -10.87
C THR C 496 -29.79 -27.25 -12.21
N GLU C 497 -29.14 -26.90 -13.32
CA GLU C 497 -29.78 -26.94 -14.62
C GLU C 497 -29.99 -28.36 -15.13
N ARG C 498 -28.97 -29.19 -14.97
CA ARG C 498 -29.03 -30.53 -15.51
C ARG C 498 -29.66 -31.45 -14.50
N ARG C 499 -30.70 -32.14 -14.94
CA ARG C 499 -31.46 -33.00 -14.04
C ARG C 499 -31.59 -34.42 -14.63
N LEU C 500 -31.94 -35.38 -13.77
CA LEU C 500 -32.10 -36.77 -14.22
C LEU C 500 -33.29 -36.88 -15.15
N VAL C 501 -34.21 -35.93 -15.04
CA VAL C 501 -35.27 -35.81 -16.03
C VAL C 501 -35.22 -34.42 -16.61
N ASP C 502 -34.70 -34.30 -17.83
CA ASP C 502 -34.61 -33.01 -18.53
C ASP C 502 -35.80 -32.83 -19.47
N GLY C 503 -35.94 -31.64 -20.04
CA GLY C 503 -37.02 -31.37 -20.97
C GLY C 503 -37.12 -32.38 -22.10
N ALA C 504 -35.98 -32.86 -22.57
CA ALA C 504 -35.93 -33.80 -23.69
C ALA C 504 -36.72 -35.07 -23.41
N GLN C 505 -36.60 -35.62 -22.20
CA GLN C 505 -37.35 -36.85 -21.88
C GLN C 505 -38.82 -36.54 -21.64
N VAL C 506 -39.11 -35.36 -21.10
CA VAL C 506 -40.49 -34.94 -20.91
C VAL C 506 -41.22 -34.82 -22.25
N PHE C 507 -40.62 -34.10 -23.18
CA PHE C 507 -41.23 -33.92 -24.50
C PHE C 507 -41.33 -35.24 -25.26
N ALA C 508 -40.33 -36.11 -25.07
CA ALA C 508 -40.30 -37.40 -25.76
C ALA C 508 -41.44 -38.32 -25.33
N LYS C 509 -41.70 -38.38 -24.02
CA LYS C 509 -42.76 -39.22 -23.47
C LYS C 509 -44.13 -38.73 -23.97
N SER C 510 -44.25 -37.41 -24.13
CA SER C 510 -45.45 -36.79 -24.69
C SER C 510 -45.45 -36.82 -26.22
N HIS D 6 56.09 22.09 34.15
CA HIS D 6 55.81 23.43 33.65
C HIS D 6 56.16 23.58 32.16
N PRO D 7 55.14 23.58 31.27
CA PRO D 7 55.27 23.73 29.82
C PRO D 7 55.77 25.10 29.38
N ASP D 8 56.26 25.20 28.16
CA ASP D 8 56.79 26.45 27.62
C ASP D 8 55.71 27.53 27.47
N ILE D 9 54.55 27.14 26.94
CA ILE D 9 53.42 28.04 26.84
C ILE D 9 52.19 27.39 27.49
N SER D 10 51.39 28.20 28.19
CA SER D 10 50.12 27.75 28.72
C SER D 10 48.98 28.58 28.16
N VAL D 11 47.95 27.91 27.65
CA VAL D 11 46.74 28.58 27.23
C VAL D 11 45.52 27.81 27.71
N ASP D 12 44.38 28.50 27.77
CA ASP D 12 43.14 27.84 28.16
C ASP D 12 42.69 26.90 27.05
N VAL D 13 42.66 27.41 25.83
CA VAL D 13 42.24 26.60 24.69
C VAL D 13 43.30 26.56 23.61
N LEU D 14 43.75 25.36 23.25
CA LEU D 14 44.70 25.20 22.18
C LEU D 14 43.98 24.67 20.94
N VAL D 15 44.20 25.32 19.82
CA VAL D 15 43.65 24.88 18.54
C VAL D 15 44.75 24.31 17.67
N ILE D 16 44.64 23.05 17.31
CA ILE D 16 45.60 22.47 16.37
C ILE D 16 45.01 22.50 14.97
N GLY D 17 45.72 23.14 14.05
CA GLY D 17 45.30 23.20 12.66
C GLY D 17 44.68 24.53 12.31
N ALA D 18 45.08 25.07 11.17
CA ALA D 18 44.60 26.36 10.69
C ALA D 18 43.99 26.24 9.31
N GLY D 19 43.36 25.10 9.05
CA GLY D 19 42.38 25.00 7.99
C GLY D 19 41.12 25.70 8.48
N PRO D 20 40.04 25.63 7.69
CA PRO D 20 38.80 26.31 8.05
C PRO D 20 38.29 26.00 9.46
N THR D 21 38.40 24.75 9.89
CA THR D 21 37.87 24.39 11.21
C THR D 21 38.60 25.14 12.32
N GLY D 22 39.92 25.07 12.29
CA GLY D 22 40.73 25.65 13.34
C GLY D 22 40.63 27.16 13.34
N LEU D 23 40.54 27.74 12.14
CA LEU D 23 40.31 29.16 12.01
C LEU D 23 38.91 29.55 12.51
N GLY D 24 37.95 28.65 12.37
CA GLY D 24 36.64 28.86 12.96
C GLY D 24 36.78 28.98 14.47
N ALA D 25 37.47 28.01 15.06
CA ALA D 25 37.73 28.04 16.49
C ALA D 25 38.48 29.30 16.88
N ALA D 26 39.51 29.64 16.10
CA ALA D 26 40.30 30.85 16.38
C ALA D 26 39.45 32.11 16.31
N LYS D 27 38.63 32.23 15.27
CA LYS D 27 37.81 33.42 15.09
C LYS D 27 36.86 33.58 16.28
N ARG D 28 36.24 32.48 16.69
CA ARG D 28 35.28 32.54 17.78
C ARG D 28 35.98 32.81 19.10
N LEU D 29 37.16 32.23 19.29
CA LEU D 29 37.95 32.51 20.49
C LEU D 29 38.35 33.97 20.52
N ASN D 30 38.75 34.49 19.36
CA ASN D 30 39.17 35.89 19.25
C ASN D 30 38.05 36.86 19.54
N GLN D 31 36.86 36.56 18.98
CA GLN D 31 35.66 37.35 19.21
C GLN D 31 35.26 37.38 20.70
N ILE D 32 35.18 36.18 21.29
CA ILE D 32 34.80 36.07 22.69
C ILE D 32 35.81 36.78 23.57
N ASP D 33 37.09 36.66 23.23
CA ASP D 33 38.15 37.36 23.94
C ASP D 33 38.03 37.16 25.46
N GLY D 34 37.77 35.92 25.86
CA GLY D 34 37.76 35.53 27.24
C GLY D 34 38.97 34.66 27.53
N PRO D 35 38.80 33.33 27.46
CA PRO D 35 39.90 32.38 27.71
C PRO D 35 41.08 32.63 26.80
N SER D 36 42.28 32.42 27.31
CA SER D 36 43.48 32.57 26.50
C SER D 36 43.54 31.43 25.51
N TRP D 37 44.20 31.64 24.37
CA TRP D 37 44.19 30.63 23.32
C TRP D 37 45.35 30.82 22.36
N MET D 38 45.60 29.76 21.60
CA MET D 38 46.65 29.82 20.57
C MET D 38 46.26 28.85 19.48
N ILE D 39 46.70 29.13 18.25
CA ILE D 39 46.45 28.22 17.15
C ILE D 39 47.76 27.88 16.46
N VAL D 40 47.97 26.59 16.19
CA VAL D 40 49.20 26.11 15.55
C VAL D 40 48.85 25.39 14.26
N ASP D 41 49.80 25.40 13.33
CA ASP D 41 49.67 24.65 12.09
C ASP D 41 51.06 24.32 11.58
N SER D 42 51.22 23.13 11.00
CA SER D 42 52.50 22.69 10.47
C SER D 42 52.83 23.43 9.18
N ASN D 43 51.82 24.07 8.62
CA ASN D 43 51.96 24.81 7.39
C ASN D 43 52.03 26.32 7.63
N GLU D 44 52.92 27.01 6.93
CA GLU D 44 53.08 28.45 7.09
C GLU D 44 51.87 29.21 6.55
N THR D 45 51.20 28.59 5.58
CA THR D 45 50.01 29.19 4.98
C THR D 45 48.76 28.48 5.50
N PRO D 46 47.86 29.25 6.14
CA PRO D 46 46.64 28.61 6.61
C PRO D 46 45.75 28.19 5.44
N GLY D 47 44.80 27.30 5.68
CA GLY D 47 43.84 26.94 4.66
C GLY D 47 43.54 25.45 4.55
N GLY D 48 44.47 24.62 4.98
CA GLY D 48 44.33 23.18 4.86
C GLY D 48 43.98 22.72 3.46
N LEU D 49 42.96 21.88 3.36
CA LEU D 49 42.47 21.43 2.06
C LEU D 49 41.70 22.52 1.33
N ALA D 50 41.52 23.67 1.97
CA ALA D 50 40.89 24.80 1.31
C ALA D 50 41.95 25.78 0.84
N SER D 51 43.17 25.30 0.67
CA SER D 51 44.27 26.11 0.17
C SER D 51 44.33 26.05 -1.34
N THR D 52 45.29 26.77 -1.91
CA THR D 52 45.45 26.87 -3.35
C THR D 52 46.92 26.83 -3.76
N ASP D 53 47.22 26.00 -4.74
CA ASP D 53 48.58 25.93 -5.30
C ASP D 53 48.66 26.73 -6.59
N VAL D 54 49.88 27.04 -6.99
CA VAL D 54 50.08 27.66 -8.28
C VAL D 54 51.22 26.91 -8.97
N THR D 55 51.10 26.74 -10.28
CA THR D 55 52.15 26.13 -11.10
C THR D 55 53.17 27.19 -11.48
N PRO D 56 54.39 26.76 -11.88
CA PRO D 56 55.40 27.72 -12.35
C PRO D 56 54.92 28.58 -13.52
N GLU D 57 53.87 28.17 -14.21
CA GLU D 57 53.38 28.93 -15.35
C GLU D 57 52.31 29.95 -14.98
N GLY D 58 51.82 29.89 -13.73
CA GLY D 58 50.89 30.87 -13.23
C GLY D 58 49.45 30.41 -13.17
N PHE D 59 49.24 29.09 -13.19
CA PHE D 59 47.88 28.56 -13.11
C PHE D 59 47.59 28.12 -11.68
N LEU D 60 46.57 28.71 -11.07
CA LEU D 60 46.15 28.34 -9.71
C LEU D 60 45.27 27.11 -9.75
N TYR D 61 45.40 26.27 -8.73
CA TYR D 61 44.46 25.17 -8.55
C TYR D 61 44.11 24.99 -7.07
N ASP D 62 42.81 25.02 -6.77
CA ASP D 62 42.36 24.63 -5.44
C ASP D 62 42.65 23.13 -5.30
N VAL D 63 42.34 22.60 -4.13
CA VAL D 63 42.40 21.15 -3.92
C VAL D 63 41.12 20.57 -4.51
N GLY D 64 41.06 20.48 -5.83
CA GLY D 64 39.82 20.07 -6.48
C GLY D 64 38.77 21.17 -6.39
N GLY D 65 37.64 20.93 -7.04
CA GLY D 65 36.60 21.93 -7.13
C GLY D 65 36.08 22.31 -5.76
N HIS D 66 36.21 23.59 -5.43
CA HIS D 66 35.74 24.15 -4.17
C HIS D 66 34.72 25.23 -4.45
N VAL D 67 33.46 24.93 -4.18
CA VAL D 67 32.39 25.87 -4.40
C VAL D 67 31.72 26.11 -3.06
N ILE D 68 31.62 27.37 -2.67
CA ILE D 68 31.06 27.67 -1.36
C ILE D 68 29.55 27.77 -1.39
N PHE D 69 28.90 26.97 -0.55
CA PHE D 69 27.50 27.20 -0.23
C PHE D 69 27.39 27.33 1.27
N SER D 70 27.04 28.52 1.75
CA SER D 70 27.07 28.75 3.19
C SER D 70 25.73 28.52 3.85
N HIS D 71 25.74 27.79 4.96
CA HIS D 71 24.51 27.56 5.73
C HIS D 71 24.48 28.45 6.96
N TYR D 72 25.47 29.33 7.10
CA TYR D 72 25.64 30.07 8.33
C TYR D 72 25.93 31.55 8.10
N LYS D 73 25.26 32.42 8.86
CA LYS D 73 25.52 33.85 8.83
C LYS D 73 26.92 34.15 9.33
N TYR D 74 27.34 33.40 10.34
CA TYR D 74 28.61 33.62 11.01
C TYR D 74 29.77 33.46 10.02
N PHE D 75 29.67 32.38 9.24
CA PHE D 75 30.63 32.09 8.19
C PHE D 75 30.64 33.24 7.18
N ASP D 76 29.46 33.70 6.76
CA ASP D 76 29.39 34.87 5.87
C ASP D 76 30.06 36.10 6.52
N ASP D 77 29.77 36.35 7.79
CA ASP D 77 30.37 37.48 8.50
C ASP D 77 31.88 37.46 8.40
N CYS D 78 32.46 36.31 8.71
CA CYS D 78 33.91 36.20 8.71
C CYS D 78 34.47 36.36 7.29
N LEU D 79 33.78 35.80 6.29
CA LEU D 79 34.23 35.96 4.91
C LEU D 79 34.14 37.42 4.48
N ASP D 80 33.08 38.10 4.93
CA ASP D 80 32.90 39.52 4.58
C ASP D 80 33.96 40.38 5.27
N GLU D 81 34.27 40.05 6.52
CA GLU D 81 35.31 40.76 7.22
C GLU D 81 36.65 40.57 6.52
N ALA D 82 36.91 39.35 6.06
CA ALA D 82 38.19 38.99 5.49
C ALA D 82 38.39 39.61 4.11
N LEU D 83 37.35 39.56 3.29
CA LEU D 83 37.39 40.15 1.95
C LEU D 83 36.17 41.05 1.74
N PRO D 84 36.26 42.29 2.23
CA PRO D 84 35.10 43.20 2.30
C PRO D 84 34.72 43.90 0.99
N LYS D 85 35.66 44.03 0.06
CA LYS D 85 35.39 44.76 -1.17
C LYS D 85 34.56 43.92 -2.15
N GLU D 86 33.74 44.59 -2.96
CA GLU D 86 32.97 43.90 -3.99
C GLU D 86 33.87 43.24 -5.03
N ASP D 87 35.01 43.87 -5.32
CA ASP D 87 35.88 43.30 -6.33
C ASP D 87 36.86 42.30 -5.72
N ASP D 88 36.66 41.96 -4.45
CA ASP D 88 37.36 40.82 -3.86
C ASP D 88 36.70 39.51 -4.28
N TRP D 89 35.55 39.60 -4.95
CA TRP D 89 34.76 38.40 -5.26
C TRP D 89 34.18 38.42 -6.67
N TYR D 90 33.94 37.24 -7.20
CA TYR D 90 33.19 37.10 -8.45
C TYR D 90 32.03 36.19 -8.20
N THR D 91 30.89 36.53 -8.79
CA THR D 91 29.69 35.75 -8.59
C THR D 91 29.38 34.94 -9.84
N HIS D 92 28.99 33.69 -9.65
CA HIS D 92 28.62 32.85 -10.78
C HIS D 92 27.41 32.02 -10.42
N GLN D 93 26.67 31.62 -11.44
CA GLN D 93 25.58 30.68 -11.26
C GLN D 93 26.14 29.27 -11.06
N ARG D 94 25.45 28.48 -10.27
CA ARG D 94 25.87 27.12 -9.96
C ARG D 94 25.63 26.18 -11.14
N ILE D 95 26.51 26.26 -12.13
CA ILE D 95 26.26 25.55 -13.39
C ILE D 95 27.03 24.24 -13.48
N SER D 96 26.30 23.13 -13.49
CA SER D 96 26.96 21.84 -13.55
C SER D 96 26.26 20.87 -14.51
N TYR D 97 27.05 19.97 -15.10
CA TYR D 97 26.54 19.01 -16.07
C TYR D 97 27.07 17.63 -15.78
N VAL D 98 26.35 16.63 -16.27
CA VAL D 98 26.81 15.27 -16.24
C VAL D 98 27.21 14.85 -17.66
N ARG D 99 28.45 14.42 -17.84
CA ARG D 99 28.87 13.88 -19.13
C ARG D 99 28.29 12.49 -19.32
N CYS D 100 27.38 12.35 -20.27
CA CYS D 100 26.75 11.05 -20.49
C CYS D 100 26.50 10.77 -21.96
N GLN D 101 27.08 9.68 -22.47
CA GLN D 101 26.89 9.23 -23.85
C GLN D 101 27.00 10.35 -24.89
N GLY D 102 28.14 11.02 -24.89
CA GLY D 102 28.42 12.09 -25.84
C GLY D 102 27.70 13.40 -25.55
N GLN D 103 27.03 13.49 -24.40
CA GLN D 103 26.19 14.65 -24.09
C GLN D 103 26.58 15.33 -22.77
N TRP D 104 26.48 16.65 -22.75
CA TRP D 104 26.52 17.37 -21.49
C TRP D 104 25.08 17.49 -20.97
N VAL D 105 24.75 16.69 -19.98
CA VAL D 105 23.41 16.68 -19.45
C VAL D 105 23.33 17.58 -18.24
N PRO D 106 22.48 18.61 -18.28
CA PRO D 106 22.35 19.55 -17.17
C PRO D 106 21.99 18.84 -15.89
N TYR D 107 22.60 19.22 -14.78
CA TYR D 107 22.25 18.69 -13.48
C TYR D 107 20.99 19.43 -13.01
N PRO D 108 20.03 18.73 -12.40
CA PRO D 108 20.00 17.31 -12.02
C PRO D 108 19.76 16.37 -13.20
N PHE D 109 20.48 15.26 -13.18
CA PHE D 109 20.49 14.33 -14.28
C PHE D 109 19.09 13.83 -14.64
N ALA D 110 18.32 13.43 -13.63
CA ALA D 110 17.01 12.84 -13.87
C ALA D 110 16.11 13.76 -14.70
N ASN D 111 16.22 15.07 -14.50
CA ASN D 111 15.32 16.03 -15.13
C ASN D 111 15.73 16.35 -16.55
N ASN D 112 16.76 15.67 -17.05
CA ASN D 112 17.28 16.05 -18.37
C ASN D 112 17.60 14.86 -19.22
N ILE D 113 17.04 13.71 -18.90
CA ILE D 113 17.31 12.54 -19.71
C ILE D 113 16.63 12.61 -21.08
N SER D 114 15.88 13.67 -21.37
CA SER D 114 15.38 13.84 -22.74
C SER D 114 16.54 13.98 -23.73
N MET D 115 17.75 14.25 -23.25
CA MET D 115 18.91 14.30 -24.15
C MET D 115 19.39 12.91 -24.56
N LEU D 116 18.96 11.88 -23.84
CA LEU D 116 19.37 10.52 -24.18
C LEU D 116 18.52 9.94 -25.31
N PRO D 117 18.98 8.83 -25.91
CA PRO D 117 18.13 8.15 -26.88
C PRO D 117 16.78 7.76 -26.28
N LYS D 118 15.74 7.81 -27.11
CA LYS D 118 14.39 7.52 -26.68
C LYS D 118 14.27 6.17 -25.99
N GLU D 119 14.92 5.15 -26.56
CA GLU D 119 14.74 3.78 -26.08
C GLU D 119 15.28 3.69 -24.67
N GLU D 120 16.28 4.51 -24.39
CA GLU D 120 16.90 4.61 -23.09
C GLU D 120 16.01 5.40 -22.10
N GLN D 121 15.39 6.45 -22.60
CA GLN D 121 14.39 7.19 -21.81
C GLN D 121 13.29 6.24 -21.35
N VAL D 122 12.86 5.35 -22.23
CA VAL D 122 11.87 4.34 -21.89
C VAL D 122 12.32 3.47 -20.71
N LYS D 123 13.52 2.91 -20.82
CA LYS D 123 14.09 2.12 -19.72
C LYS D 123 14.19 2.94 -18.42
N CYS D 124 14.69 4.16 -18.53
CA CYS D 124 14.77 5.03 -17.37
C CYS D 124 13.42 5.28 -16.72
N ILE D 125 12.43 5.62 -17.54
CA ILE D 125 11.12 5.98 -17.01
C ILE D 125 10.46 4.75 -16.43
N ASP D 126 10.61 3.62 -17.13
CA ASP D 126 10.07 2.36 -16.63
C ASP D 126 10.64 2.01 -15.26
N GLY D 127 11.95 2.21 -15.07
CA GLY D 127 12.58 1.89 -13.80
C GLY D 127 12.08 2.80 -12.69
N MET D 128 11.83 4.05 -13.05
CA MET D 128 11.41 5.03 -12.07
C MET D 128 9.93 4.84 -11.73
N ILE D 129 9.14 4.36 -12.70
CA ILE D 129 7.78 3.93 -12.41
C ILE D 129 7.81 2.80 -11.38
N ASP D 130 8.69 1.83 -11.57
CA ASP D 130 8.86 0.76 -10.59
C ASP D 130 9.19 1.34 -9.24
N ALA D 131 10.14 2.26 -9.21
CA ALA D 131 10.56 2.83 -7.96
C ALA D 131 9.42 3.60 -7.30
N ALA D 132 8.66 4.34 -8.12
CA ALA D 132 7.52 5.08 -7.61
C ALA D 132 6.47 4.16 -7.01
N LEU D 133 6.19 3.06 -7.68
CA LEU D 133 5.16 2.14 -7.22
C LEU D 133 5.61 1.46 -5.93
N GLU D 134 6.89 1.11 -5.84
CA GLU D 134 7.42 0.52 -4.61
C GLU D 134 7.39 1.52 -3.46
N ALA D 135 7.74 2.77 -3.77
CA ALA D 135 7.84 3.79 -2.75
C ALA D 135 6.47 4.03 -2.10
N ARG D 136 5.42 3.89 -2.90
CA ARG D 136 4.06 4.08 -2.42
C ARG D 136 3.71 3.13 -1.27
N VAL D 137 4.32 1.94 -1.24
CA VAL D 137 4.00 0.96 -0.20
C VAL D 137 5.20 0.69 0.71
N ALA D 138 6.21 1.54 0.61
CA ALA D 138 7.42 1.38 1.41
C ALA D 138 7.15 1.65 2.89
N ASN D 139 7.69 0.83 3.77
CA ASN D 139 7.61 1.13 5.20
C ASN D 139 8.94 0.88 5.92
N THR D 140 10.05 0.98 5.20
CA THR D 140 11.38 0.86 5.78
C THR D 140 12.30 1.91 5.15
N LYS D 141 13.29 2.37 5.89
CA LYS D 141 14.27 3.29 5.32
C LYS D 141 15.32 2.49 4.55
N PRO D 142 15.91 3.08 3.51
CA PRO D 142 17.02 2.36 2.87
C PRO D 142 18.18 2.20 3.86
N LYS D 143 18.90 1.10 3.74
CA LYS D 143 19.99 0.82 4.67
C LYS D 143 21.33 1.22 4.07
N THR D 144 21.42 1.21 2.74
CA THR D 144 22.66 1.54 2.06
C THR D 144 22.48 2.69 1.09
N PHE D 145 23.58 3.39 0.81
CA PHE D 145 23.64 4.39 -0.26
C PHE D 145 23.00 3.83 -1.54
N ASP D 146 23.36 2.60 -1.89
CA ASP D 146 22.86 2.01 -3.14
C ASP D 146 21.34 1.86 -3.13
N GLU D 147 20.77 1.38 -2.02
CA GLU D 147 19.33 1.24 -1.94
C GLU D 147 18.68 2.61 -2.05
N TRP D 148 19.28 3.58 -1.37
CA TRP D 148 18.79 4.94 -1.40
C TRP D 148 18.72 5.43 -2.85
N ILE D 149 19.79 5.21 -3.59
CA ILE D 149 19.85 5.64 -4.98
C ILE D 149 18.75 4.96 -5.80
N VAL D 150 18.63 3.64 -5.70
CA VAL D 150 17.67 2.93 -6.54
C VAL D 150 16.24 3.32 -6.18
N ARG D 151 15.99 3.59 -4.90
CA ARG D 151 14.66 4.01 -4.48
C ARG D 151 14.31 5.40 -5.00
N MET D 152 15.29 6.29 -5.05
CA MET D 152 15.10 7.62 -5.63
C MET D 152 14.94 7.58 -7.14
N MET D 153 15.78 6.80 -7.81
CA MET D 153 15.97 6.94 -9.26
C MET D 153 15.39 5.81 -10.09
N GLY D 154 15.25 4.64 -9.49
CA GLY D 154 14.94 3.45 -10.25
C GLY D 154 16.24 2.94 -10.86
N THR D 155 16.20 1.72 -11.37
CA THR D 155 17.40 1.04 -11.82
C THR D 155 18.10 1.75 -12.98
N GLY D 156 17.35 2.02 -14.04
CA GLY D 156 17.92 2.58 -15.24
C GLY D 156 18.67 3.88 -14.99
N ILE D 157 18.01 4.81 -14.31
CA ILE D 157 18.63 6.08 -14.06
C ILE D 157 19.79 5.93 -13.09
N ALA D 158 19.64 5.07 -12.09
CA ALA D 158 20.73 4.83 -11.14
C ALA D 158 21.99 4.33 -11.86
N ASP D 159 21.80 3.43 -12.80
CA ASP D 159 22.92 2.82 -13.52
C ASP D 159 23.64 3.81 -14.41
N LEU D 160 22.94 4.86 -14.82
CA LEU D 160 23.51 5.85 -15.75
C LEU D 160 24.42 6.86 -15.08
N PHE D 161 24.03 7.32 -13.88
CA PHE D 161 24.77 8.40 -13.25
C PHE D 161 25.21 8.04 -11.82
N MET D 162 24.28 8.10 -10.86
CA MET D 162 24.71 8.05 -9.46
C MET D 162 25.45 6.80 -9.03
N ARG D 163 25.12 5.64 -9.58
CA ARG D 163 25.85 4.44 -9.19
C ARG D 163 27.29 4.43 -9.70
N PRO D 164 27.50 4.59 -11.03
CA PRO D 164 28.92 4.57 -11.42
C PRO D 164 29.65 5.84 -11.00
N TYR D 165 28.94 6.96 -10.90
CA TYR D 165 29.60 8.22 -10.50
C TYR D 165 30.11 8.13 -9.07
N ASN D 166 29.29 7.63 -8.16
CA ASN D 166 29.72 7.60 -6.78
C ASN D 166 30.81 6.59 -6.52
N PHE D 167 30.87 5.52 -7.30
CA PHE D 167 32.02 4.64 -7.13
C PHE D 167 33.29 5.39 -7.54
N LYS D 168 33.24 6.17 -8.61
CA LYS D 168 34.43 6.92 -9.05
C LYS D 168 34.79 8.02 -8.07
N VAL D 169 33.80 8.50 -7.31
CA VAL D 169 34.08 9.47 -6.27
C VAL D 169 34.63 8.84 -5.01
N TRP D 170 33.87 7.92 -4.43
CA TRP D 170 34.16 7.43 -3.08
C TRP D 170 35.20 6.34 -3.09
N ALA D 171 35.45 5.78 -4.27
CA ALA D 171 36.39 4.68 -4.44
C ALA D 171 35.97 3.48 -3.57
N VAL D 172 34.68 3.39 -3.29
CA VAL D 172 34.06 2.22 -2.66
C VAL D 172 32.69 2.02 -3.32
N PRO D 173 32.16 0.80 -3.30
CA PRO D 173 30.83 0.58 -3.89
C PRO D 173 29.73 1.29 -3.12
N THR D 174 28.65 1.64 -3.80
CA THR D 174 27.55 2.31 -3.15
C THR D 174 26.87 1.39 -2.13
N THR D 175 26.97 0.08 -2.36
CA THR D 175 26.45 -0.92 -1.43
C THR D 175 27.18 -0.94 -0.09
N LYS D 176 28.38 -0.36 -0.04
CA LYS D 176 29.17 -0.39 1.20
C LYS D 176 29.03 0.90 2.02
N MET D 177 28.27 1.85 1.51
CA MET D 177 28.08 3.11 2.22
C MET D 177 26.70 3.21 2.87
N GLN D 178 26.63 3.94 3.96
CA GLN D 178 25.36 4.28 4.57
C GLN D 178 24.68 5.38 3.75
N CYS D 179 23.48 5.78 4.14
CA CYS D 179 22.75 6.80 3.41
C CYS D 179 22.10 7.84 4.34
N ALA D 180 22.22 7.67 5.66
CA ALA D 180 21.74 8.70 6.61
C ALA D 180 22.36 10.08 6.31
N TRP D 181 23.64 10.06 5.93
CA TRP D 181 24.39 11.28 5.64
C TRP D 181 23.74 12.12 4.54
N LEU D 182 22.87 11.49 3.76
CA LEU D 182 22.21 12.18 2.66
C LEU D 182 21.03 13.03 3.12
N GLY D 183 20.55 12.79 4.35
CA GLY D 183 19.50 13.63 4.91
C GLY D 183 18.21 12.88 5.15
N GLU D 184 17.21 13.60 5.69
CA GLU D 184 15.97 12.96 6.16
C GLU D 184 14.91 12.80 5.07
N ARG D 185 15.15 13.35 3.88
CA ARG D 185 14.17 13.29 2.79
C ARG D 185 13.86 11.83 2.44
N VAL D 186 12.58 11.53 2.19
CA VAL D 186 12.18 10.17 1.86
C VAL D 186 12.79 9.76 0.51
N ALA D 187 13.39 8.57 0.48
CA ALA D 187 13.95 8.03 -0.76
C ALA D 187 12.81 7.63 -1.71
N ALA D 188 12.34 8.59 -2.48
CA ALA D 188 11.19 8.42 -3.35
C ALA D 188 11.37 9.25 -4.62
N PRO D 189 10.96 8.70 -5.76
CA PRO D 189 11.19 9.36 -7.05
C PRO D 189 10.19 10.49 -7.33
N ASN D 190 10.66 11.61 -7.88
CA ASN D 190 9.72 12.59 -8.42
C ASN D 190 9.41 12.21 -9.87
N LEU D 191 8.59 11.18 -10.00
CA LEU D 191 8.24 10.61 -11.30
C LEU D 191 7.65 11.67 -12.20
N LYS D 192 6.77 12.48 -11.63
CA LYS D 192 6.07 13.48 -12.45
C LYS D 192 7.02 14.51 -13.05
N ALA D 193 8.00 14.95 -12.26
CA ALA D 193 8.95 15.95 -12.75
C ALA D 193 9.77 15.36 -13.86
N VAL D 194 10.18 14.11 -13.68
CA VAL D 194 11.04 13.47 -14.67
C VAL D 194 10.26 13.22 -15.96
N THR D 195 9.06 12.65 -15.86
CA THR D 195 8.29 12.32 -17.04
C THR D 195 7.86 13.60 -17.74
N THR D 196 7.55 14.62 -16.95
CA THR D 196 7.12 15.89 -17.52
C THR D 196 8.20 16.47 -18.42
N ASN D 197 9.44 16.47 -17.96
CA ASN D 197 10.51 17.05 -18.77
C ASN D 197 10.82 16.19 -19.98
N VAL D 198 10.71 14.87 -19.82
CA VAL D 198 10.87 13.99 -20.98
C VAL D 198 9.78 14.27 -22.01
N ILE D 199 8.54 14.43 -21.56
CA ILE D 199 7.46 14.62 -22.51
C ILE D 199 7.64 15.95 -23.23
N LEU D 200 8.09 16.96 -22.49
CA LEU D 200 8.21 18.29 -23.07
C LEU D 200 9.50 18.44 -23.87
N GLY D 201 10.42 17.49 -23.71
CA GLY D 201 11.71 17.55 -24.37
C GLY D 201 12.58 18.60 -23.72
N LYS D 202 12.17 18.95 -22.50
CA LYS D 202 12.76 19.98 -21.68
C LYS D 202 14.15 19.57 -21.17
N THR D 203 15.10 20.49 -21.27
CA THR D 203 16.30 20.41 -20.47
C THR D 203 16.33 21.60 -19.52
N ALA D 204 16.66 21.37 -18.26
CA ALA D 204 16.74 22.46 -17.30
C ALA D 204 17.75 22.15 -16.21
N GLY D 205 18.73 23.04 -16.05
CA GLY D 205 19.64 22.95 -14.93
C GLY D 205 19.03 23.57 -13.69
N ASN D 206 19.48 23.12 -12.51
CA ASN D 206 18.97 23.66 -11.25
C ASN D 206 19.71 24.94 -10.86
N TRP D 207 19.85 25.86 -11.82
CA TRP D 207 20.53 27.12 -11.56
C TRP D 207 19.85 28.28 -12.29
N GLY D 208 20.22 29.48 -11.87
CA GLY D 208 19.62 30.71 -12.35
C GLY D 208 20.13 31.80 -11.44
N PRO D 209 19.67 33.04 -11.65
CA PRO D 209 20.09 34.19 -10.85
C PRO D 209 19.92 34.01 -9.32
N ASN D 210 19.05 33.09 -8.90
CA ASN D 210 18.91 32.75 -7.49
C ASN D 210 20.04 31.84 -6.99
N ALA D 211 20.39 30.85 -7.81
CA ALA D 211 21.35 29.82 -7.42
C ALA D 211 22.77 30.20 -7.84
N THR D 212 23.47 30.89 -6.95
CA THR D 212 24.79 31.41 -7.26
C THR D 212 25.84 31.03 -6.22
N PHE D 213 27.11 31.17 -6.58
CA PHE D 213 28.16 31.11 -5.58
C PHE D 213 29.09 32.28 -5.82
N ARG D 214 29.85 32.65 -4.81
CA ARG D 214 30.86 33.67 -5.00
C ARG D 214 32.24 33.03 -4.85
N PHE D 215 33.18 33.46 -5.67
CA PHE D 215 34.51 32.91 -5.61
C PHE D 215 35.52 34.05 -5.48
N PRO D 216 36.58 33.84 -4.72
CA PRO D 216 37.54 34.93 -4.51
C PRO D 216 38.18 35.39 -5.80
N ALA D 217 38.30 36.70 -5.96
CA ALA D 217 38.92 37.30 -7.11
C ALA D 217 40.38 36.87 -7.24
N ARG D 218 41.06 36.68 -6.13
CA ARG D 218 42.49 36.39 -6.17
C ARG D 218 42.90 35.31 -5.20
N GLY D 219 43.93 34.55 -5.54
CA GLY D 219 44.50 33.56 -4.65
C GLY D 219 43.70 32.27 -4.53
N GLY D 220 42.65 32.15 -5.33
CA GLY D 220 41.81 30.97 -5.28
C GLY D 220 41.08 30.88 -3.95
N THR D 221 40.49 29.73 -3.68
CA THR D 221 39.79 29.52 -2.42
C THR D 221 40.74 29.80 -1.25
N GLY D 222 42.02 29.48 -1.43
CA GLY D 222 43.00 29.65 -0.37
C GLY D 222 43.18 31.09 0.07
N GLY D 223 42.83 32.03 -0.80
CA GLY D 223 42.95 33.45 -0.47
C GLY D 223 41.98 33.85 0.63
N ILE D 224 40.86 33.15 0.72
CA ILE D 224 39.90 33.38 1.79
C ILE D 224 40.52 33.16 3.16
N TRP D 225 41.17 32.02 3.29
CA TRP D 225 41.62 31.58 4.61
C TRP D 225 42.88 32.31 5.02
N ILE D 226 43.65 32.75 4.04
CA ILE D 226 44.77 33.63 4.34
C ILE D 226 44.24 34.93 4.92
N ALA D 227 43.20 35.48 4.30
CA ALA D 227 42.62 36.75 4.73
C ALA D 227 41.92 36.62 6.08
N VAL D 228 41.23 35.51 6.29
CA VAL D 228 40.60 35.24 7.59
C VAL D 228 41.66 35.13 8.67
N ALA D 229 42.75 34.42 8.37
CA ALA D 229 43.81 34.23 9.35
C ALA D 229 44.49 35.56 9.68
N ASN D 230 44.55 36.46 8.70
CA ASN D 230 45.14 37.78 8.93
C ASN D 230 44.31 38.68 9.85
N THR D 231 43.10 38.26 10.20
CA THR D 231 42.32 39.04 11.15
C THR D 231 42.63 38.63 12.61
N LEU D 232 43.39 37.54 12.76
CA LEU D 232 43.78 37.06 14.08
C LEU D 232 44.99 37.80 14.59
N PRO D 233 45.06 38.03 15.92
CA PRO D 233 46.29 38.60 16.48
C PRO D 233 47.48 37.67 16.18
N LYS D 234 48.46 38.18 15.43
CA LYS D 234 49.55 37.35 14.91
C LYS D 234 50.23 36.55 16.02
N GLU D 235 50.44 37.18 17.17
CA GLU D 235 51.20 36.58 18.27
C GLU D 235 50.52 35.36 18.89
N LYS D 236 49.22 35.16 18.60
CA LYS D 236 48.50 33.98 19.07
C LYS D 236 48.49 32.88 18.01
N THR D 237 49.25 33.07 16.94
CA THR D 237 49.34 32.06 15.91
C THR D 237 50.77 31.55 15.82
N ARG D 238 50.93 30.32 15.35
CA ARG D 238 52.24 29.70 15.22
C ARG D 238 52.21 28.73 14.04
N PHE D 239 52.49 29.26 12.84
CA PHE D 239 52.30 28.52 11.59
C PHE D 239 53.62 28.17 10.93
N GLY D 240 53.77 26.92 10.51
CA GLY D 240 55.00 26.46 9.87
C GLY D 240 55.63 25.30 10.62
N GLU D 241 56.89 25.00 10.30
CA GLU D 241 57.60 23.93 10.99
C GLU D 241 57.57 24.16 12.50
N LYS D 242 57.54 25.44 12.91
CA LYS D 242 57.48 25.77 14.32
C LYS D 242 56.17 25.35 14.97
N GLY D 243 55.14 25.17 14.14
CA GLY D 243 53.81 24.89 14.64
C GLY D 243 53.36 23.45 14.47
N LYS D 244 54.27 22.61 13.98
CA LYS D 244 53.95 21.20 13.73
C LYS D 244 53.84 20.43 15.03
N VAL D 245 52.63 19.94 15.34
CA VAL D 245 52.44 19.09 16.50
C VAL D 245 52.99 17.69 16.22
N THR D 246 53.81 17.18 17.13
CA THR D 246 54.35 15.83 16.98
C THR D 246 53.86 14.90 18.09
N LYS D 247 53.43 15.49 19.21
CA LYS D 247 52.97 14.66 20.33
C LYS D 247 51.84 15.35 21.11
N VAL D 248 50.83 14.57 21.45
CA VAL D 248 49.79 15.00 22.38
C VAL D 248 49.77 14.05 23.58
N ASN D 249 50.06 14.60 24.76
CA ASN D 249 49.92 13.85 26.01
C ASN D 249 48.60 14.22 26.67
N ALA D 250 47.56 13.45 26.37
CA ALA D 250 46.21 13.77 26.81
C ALA D 250 46.07 13.75 28.33
N ASN D 251 46.85 12.89 28.98
CA ASN D 251 46.74 12.74 30.43
C ASN D 251 47.34 13.93 31.16
N ASN D 252 48.33 14.57 30.55
CA ASN D 252 49.00 15.74 31.13
C ASN D 252 48.48 17.04 30.52
N LYS D 253 47.67 16.91 29.48
CA LYS D 253 47.16 18.04 28.70
C LYS D 253 48.30 18.93 28.20
N THR D 254 49.26 18.28 27.56
CA THR D 254 50.41 18.95 26.98
C THR D 254 50.60 18.52 25.54
N VAL D 255 50.91 19.48 24.68
CA VAL D 255 51.23 19.20 23.30
C VAL D 255 52.71 19.52 23.08
N THR D 256 53.39 18.71 22.25
CA THR D 256 54.78 18.97 21.92
C THR D 256 54.96 19.23 20.43
N LEU D 257 55.64 20.33 20.11
CA LEU D 257 55.87 20.71 18.73
C LEU D 257 57.20 20.14 18.25
N GLN D 258 57.37 20.18 16.92
CA GLN D 258 58.57 19.76 16.23
C GLN D 258 59.86 20.26 16.87
N ASP D 259 59.92 21.57 17.11
CA ASP D 259 61.13 22.20 17.60
C ASP D 259 61.36 21.93 19.10
N GLY D 260 60.39 21.31 19.75
CA GLY D 260 60.53 20.96 21.15
C GLY D 260 59.64 21.76 22.07
N THR D 261 58.99 22.79 21.52
CA THR D 261 58.09 23.63 22.30
C THR D 261 56.92 22.84 22.89
N THR D 262 56.71 22.96 24.19
CA THR D 262 55.59 22.32 24.83
C THR D 262 54.50 23.33 25.16
N ILE D 263 53.26 22.97 24.86
CA ILE D 263 52.13 23.81 25.16
C ILE D 263 51.17 23.11 26.09
N GLY D 264 50.83 23.76 27.19
CA GLY D 264 49.82 23.25 28.10
C GLY D 264 48.47 23.86 27.77
N TYR D 265 47.43 23.06 27.83
CA TYR D 265 46.07 23.52 27.55
C TYR D 265 45.10 23.00 28.60
N LYS D 266 43.96 23.68 28.73
CA LYS D 266 42.87 23.14 29.53
C LYS D 266 41.89 22.39 28.63
N LYS D 267 41.71 22.90 27.42
CA LYS D 267 40.86 22.24 26.44
C LYS D 267 41.57 22.24 25.11
N LEU D 268 41.40 21.16 24.35
CA LEU D 268 42.05 21.02 23.06
C LEU D 268 41.04 20.93 21.93
N VAL D 269 41.12 21.85 20.97
CA VAL D 269 40.35 21.72 19.75
C VAL D 269 41.30 21.23 18.68
N SER D 270 41.17 19.96 18.32
CA SER D 270 42.11 19.36 17.37
C SER D 270 41.44 19.16 16.01
N THR D 271 42.04 19.73 14.96
CA THR D 271 41.41 19.66 13.65
C THR D 271 42.24 18.88 12.66
N MET D 272 43.32 18.26 13.14
CA MET D 272 44.08 17.37 12.27
C MET D 272 43.29 16.09 12.10
N ALA D 273 43.66 15.27 11.11
CA ALA D 273 42.96 14.02 10.89
C ALA D 273 43.00 13.18 12.17
N VAL D 274 41.86 12.61 12.55
CA VAL D 274 41.76 12.01 13.88
C VAL D 274 42.62 10.73 13.99
N ASP D 275 42.96 10.13 12.86
CA ASP D 275 43.89 9.00 12.90
C ASP D 275 45.32 9.47 13.19
N PHE D 276 45.69 10.64 12.68
CA PHE D 276 46.99 11.21 13.02
C PHE D 276 46.99 11.63 14.49
N LEU D 277 45.86 12.18 14.95
CA LEU D 277 45.73 12.54 16.37
C LEU D 277 46.00 11.33 17.25
N ALA D 278 45.39 10.20 16.93
CA ALA D 278 45.58 8.98 17.72
C ALA D 278 47.06 8.61 17.75
N GLU D 279 47.72 8.72 16.60
CA GLU D 279 49.14 8.44 16.53
C GLU D 279 49.92 9.43 17.40
N ALA D 280 49.51 10.70 17.38
CA ALA D 280 50.23 11.71 18.13
C ALA D 280 50.02 11.51 19.64
N MET D 281 48.92 10.84 19.99
CA MET D 281 48.61 10.60 21.38
C MET D 281 49.30 9.35 21.91
N ASN D 282 49.89 8.57 21.00
CA ASN D 282 50.44 7.26 21.32
C ASN D 282 49.43 6.40 22.10
N ASP D 283 48.15 6.59 21.78
CA ASP D 283 47.06 5.84 22.38
C ASP D 283 46.68 4.69 21.44
N GLN D 284 47.03 3.47 21.82
CA GLN D 284 46.89 2.35 20.89
C GLN D 284 45.43 1.93 20.69
N GLU D 285 44.60 2.11 21.72
CA GLU D 285 43.18 1.88 21.56
C GLU D 285 42.58 2.80 20.49
N LEU D 286 42.96 4.08 20.54
CA LEU D 286 42.48 5.05 19.57
C LEU D 286 43.05 4.81 18.18
N VAL D 287 44.33 4.45 18.12
CA VAL D 287 44.95 4.08 16.87
C VAL D 287 44.17 2.94 16.24
N GLY D 288 43.86 1.92 17.03
CA GLY D 288 43.05 0.81 16.58
C GLY D 288 41.72 1.25 15.99
N LEU D 289 40.99 2.04 16.76
CA LEU D 289 39.68 2.52 16.33
C LEU D 289 39.78 3.39 15.06
N THR D 290 40.63 4.39 15.07
CA THR D 290 40.74 5.28 13.91
C THR D 290 41.24 4.57 12.66
N LYS D 291 41.97 3.46 12.81
CA LYS D 291 42.38 2.70 11.63
C LYS D 291 41.19 2.00 10.97
N GLN D 292 40.11 1.81 11.73
CA GLN D 292 38.89 1.24 11.16
C GLN D 292 38.07 2.26 10.36
N LEU D 293 38.46 3.52 10.40
CA LEU D 293 37.78 4.52 9.58
C LEU D 293 38.26 4.38 8.16
N PHE D 294 37.40 4.72 7.21
CA PHE D 294 37.80 4.65 5.82
C PHE D 294 37.88 6.04 5.22
N TYR D 295 38.83 6.23 4.30
CA TYR D 295 38.96 7.49 3.61
C TYR D 295 39.56 7.26 2.22
N SER D 296 39.27 8.15 1.28
CA SER D 296 39.91 8.11 -0.03
C SER D 296 40.93 9.23 -0.16
N SER D 297 41.94 9.01 -0.99
CA SER D 297 42.88 10.07 -1.30
C SER D 297 42.41 10.79 -2.55
N THR D 298 42.81 12.05 -2.69
CA THR D 298 42.42 12.82 -3.86
C THR D 298 43.60 13.24 -4.71
N HIS D 299 43.56 12.89 -5.99
CA HIS D 299 44.55 13.39 -6.94
C HIS D 299 43.97 14.58 -7.68
N VAL D 300 44.62 15.74 -7.53
CA VAL D 300 44.18 16.92 -8.24
C VAL D 300 45.05 17.11 -9.47
N ILE D 301 44.43 17.07 -10.65
CA ILE D 301 45.18 17.30 -11.88
C ILE D 301 44.70 18.61 -12.50
N GLY D 302 45.66 19.46 -12.84
CA GLY D 302 45.36 20.75 -13.41
C GLY D 302 45.94 20.82 -14.81
N VAL D 303 45.17 21.39 -15.73
CA VAL D 303 45.60 21.54 -17.10
C VAL D 303 45.34 22.96 -17.57
N GLY D 304 46.40 23.69 -17.90
CA GLY D 304 46.26 25.00 -18.49
C GLY D 304 46.24 24.91 -20.00
N VAL D 305 45.23 25.51 -20.61
CA VAL D 305 45.09 25.40 -22.06
C VAL D 305 45.15 26.77 -22.73
N ARG D 306 45.83 26.84 -23.87
CA ARG D 306 45.84 28.08 -24.62
C ARG D 306 44.52 28.27 -25.37
N GLY D 307 44.08 29.52 -25.44
CA GLY D 307 42.96 29.88 -26.29
C GLY D 307 41.91 30.61 -25.50
N SER D 308 41.08 31.38 -26.18
CA SER D 308 39.90 31.91 -25.53
C SER D 308 39.02 30.71 -25.20
N ARG D 309 38.10 30.89 -24.26
CA ARG D 309 37.32 29.78 -23.76
C ARG D 309 36.46 29.18 -24.87
N PRO D 310 36.53 27.86 -25.07
CA PRO D 310 35.81 27.27 -26.20
C PRO D 310 34.30 27.32 -25.98
N GLU D 311 33.56 27.46 -27.07
CA GLU D 311 32.12 27.55 -27.02
C GLU D 311 31.48 26.32 -26.38
N ARG D 312 32.04 25.15 -26.64
CA ARG D 312 31.51 23.91 -26.07
C ARG D 312 31.65 23.89 -24.56
N ILE D 313 32.55 24.70 -24.02
CA ILE D 313 32.78 24.74 -22.59
C ILE D 313 31.85 25.80 -22.01
N GLY D 314 31.99 27.02 -22.51
CA GLY D 314 31.11 28.11 -22.13
C GLY D 314 31.10 28.38 -20.64
N ASP D 315 29.92 28.61 -20.09
CA ASP D 315 29.80 29.04 -18.70
C ASP D 315 29.80 27.88 -17.70
N LYS D 316 30.13 26.68 -18.18
CA LYS D 316 30.18 25.50 -17.33
C LYS D 316 31.09 25.73 -16.15
N CYS D 317 30.67 25.26 -14.97
CA CYS D 317 31.47 25.43 -13.76
C CYS D 317 32.07 24.12 -13.31
N TRP D 318 31.25 23.17 -12.89
CA TRP D 318 31.80 21.86 -12.60
C TRP D 318 31.00 20.78 -13.29
N LEU D 319 31.62 19.61 -13.44
CA LEU D 319 31.15 18.58 -14.35
C LEU D 319 31.35 17.19 -13.74
N TYR D 320 30.36 16.33 -13.91
CA TYR D 320 30.41 15.01 -13.33
C TYR D 320 30.65 13.95 -14.40
N PHE D 321 31.43 12.92 -14.06
CA PHE D 321 31.77 11.94 -15.07
C PHE D 321 31.57 10.52 -14.56
N PRO D 322 30.35 9.99 -14.74
CA PRO D 322 30.01 8.62 -14.36
C PRO D 322 30.71 7.57 -15.24
N GLU D 323 31.07 7.96 -16.46
CA GLU D 323 31.48 6.96 -17.44
C GLU D 323 32.94 6.58 -17.35
N ASP D 324 33.25 5.49 -18.05
CA ASP D 324 34.50 4.77 -17.94
C ASP D 324 35.63 5.30 -18.85
N ASN D 325 35.38 6.38 -19.59
CA ASN D 325 36.37 6.80 -20.59
C ASN D 325 37.28 7.91 -20.08
N CYS D 326 37.26 8.10 -18.77
CA CYS D 326 38.13 9.08 -18.14
C CYS D 326 38.28 8.66 -16.68
N PRO D 327 39.44 8.96 -16.08
CA PRO D 327 39.67 8.51 -14.70
C PRO D 327 39.09 9.48 -13.66
N PHE D 328 38.91 10.73 -14.04
CA PHE D 328 38.40 11.73 -13.09
C PHE D 328 36.88 11.60 -12.89
N TYR D 329 36.41 11.95 -11.68
CA TYR D 329 34.98 11.94 -11.41
C TYR D 329 34.40 13.34 -11.57
N ARG D 330 35.24 14.36 -11.37
CA ARG D 330 34.76 15.73 -11.50
C ARG D 330 35.80 16.58 -12.19
N ALA D 331 35.31 17.49 -13.05
CA ALA D 331 36.14 18.52 -13.66
C ALA D 331 35.57 19.89 -13.32
N THR D 332 36.45 20.87 -13.18
CA THR D 332 36.07 22.24 -12.90
C THR D 332 36.68 23.15 -13.94
N ILE D 333 35.86 24.04 -14.50
CA ILE D 333 36.41 25.00 -15.46
C ILE D 333 36.91 26.14 -14.59
N PHE D 334 38.09 25.94 -14.02
CA PHE D 334 38.56 26.79 -12.93
C PHE D 334 38.81 28.21 -13.43
N SER D 335 39.13 28.33 -14.72
CA SER D 335 39.29 29.64 -15.35
C SER D 335 37.97 30.43 -15.40
N ASN D 336 36.83 29.77 -15.24
CA ASN D 336 35.55 30.46 -15.15
C ASN D 336 35.30 31.10 -13.77
N TYR D 337 36.06 30.66 -12.77
CA TYR D 337 35.81 31.09 -11.40
C TYR D 337 36.42 32.46 -11.11
N SER D 338 37.54 32.76 -11.77
CA SER D 338 38.20 34.05 -11.62
C SER D 338 39.23 34.21 -12.73
N PRO D 339 39.25 35.38 -13.37
CA PRO D 339 40.24 35.64 -14.41
C PRO D 339 41.66 35.65 -13.84
N TYR D 340 41.78 35.64 -12.53
CA TYR D 340 43.10 35.67 -11.91
C TYR D 340 43.50 34.27 -11.45
N ASN D 341 42.76 33.25 -11.88
CA ASN D 341 43.19 31.89 -11.60
C ASN D 341 44.20 31.38 -12.62
N GLN D 342 44.47 32.19 -13.64
CA GLN D 342 45.41 31.84 -14.72
C GLN D 342 46.03 33.13 -15.27
N PRO D 343 47.17 33.02 -15.98
CA PRO D 343 47.85 34.25 -16.38
C PRO D 343 47.00 35.08 -17.33
N GLU D 344 47.30 36.37 -17.39
CA GLU D 344 46.64 37.27 -18.32
C GLU D 344 47.02 36.88 -19.76
N ALA D 345 46.22 37.34 -20.72
CA ALA D 345 46.40 37.00 -22.12
C ALA D 345 47.77 37.42 -22.64
N SER D 346 48.31 38.53 -22.14
CA SER D 346 49.58 39.03 -22.67
C SER D 346 50.79 38.23 -22.17
N ALA D 347 50.59 37.36 -21.19
CA ALA D 347 51.67 36.51 -20.68
C ALA D 347 52.01 35.44 -21.70
N ALA D 348 53.30 35.27 -21.97
CA ALA D 348 53.75 34.35 -23.01
C ALA D 348 54.19 33.02 -22.43
N LEU D 349 53.68 31.94 -23.01
CA LEU D 349 54.01 30.60 -22.52
C LEU D 349 54.20 29.68 -23.69
N PRO D 350 55.26 28.86 -23.65
CA PRO D 350 55.43 27.86 -24.70
C PRO D 350 54.36 26.78 -24.55
N THR D 351 54.07 26.09 -25.64
CA THR D 351 53.14 24.97 -25.57
C THR D 351 53.91 23.73 -25.12
N MET D 352 53.49 23.13 -24.01
CA MET D 352 54.17 21.95 -23.49
C MET D 352 53.85 20.72 -24.31
N GLN D 353 52.58 20.59 -24.70
CA GLN D 353 52.13 19.45 -25.50
C GLN D 353 50.76 19.75 -26.09
N LEU D 354 50.35 18.97 -27.08
CA LEU D 354 48.99 19.04 -27.56
C LEU D 354 48.21 18.02 -26.76
N ALA D 355 46.89 18.13 -26.77
CA ALA D 355 46.05 17.29 -25.94
C ALA D 355 46.11 15.82 -26.36
N ASP D 356 46.51 15.55 -27.59
CA ASP D 356 46.55 14.15 -28.02
C ASP D 356 47.91 13.56 -27.68
N GLY D 357 48.74 14.36 -27.00
CA GLY D 357 50.04 13.94 -26.53
C GLY D 357 51.18 14.33 -27.44
N SER D 358 50.89 14.92 -28.60
CA SER D 358 51.99 15.18 -29.52
C SER D 358 52.72 16.47 -29.16
N ARG D 359 53.94 16.59 -29.67
CA ARG D 359 54.77 17.76 -29.50
C ARG D 359 54.18 18.92 -30.29
N PRO D 360 54.34 20.16 -29.79
CA PRO D 360 53.91 21.35 -30.52
C PRO D 360 54.83 21.61 -31.70
N GLN D 361 54.34 22.26 -32.75
CA GLN D 361 55.15 22.53 -33.93
C GLN D 361 56.25 23.51 -33.58
N SER D 362 55.95 24.40 -32.63
CA SER D 362 56.90 25.40 -32.21
C SER D 362 57.06 25.37 -30.69
N THR D 363 58.29 25.57 -30.24
CA THR D 363 58.61 25.53 -28.83
C THR D 363 58.63 26.94 -28.22
N GLU D 364 58.29 27.95 -29.02
CA GLU D 364 58.43 29.33 -28.58
C GLU D 364 57.24 29.80 -27.74
N ALA D 365 57.49 30.78 -26.89
CA ALA D 365 56.45 31.33 -26.05
C ALA D 365 55.46 32.12 -26.90
N LYS D 366 54.19 31.75 -26.80
CA LYS D 366 53.13 32.46 -27.49
C LYS D 366 52.19 33.05 -26.45
N GLU D 367 51.43 34.07 -26.83
CA GLU D 367 50.54 34.69 -25.88
C GLU D 367 49.25 33.89 -25.73
N GLY D 368 48.40 34.35 -24.81
CA GLY D 368 47.14 33.71 -24.56
C GLY D 368 46.04 34.23 -25.46
N PRO D 369 44.82 34.33 -24.92
CA PRO D 369 44.45 34.04 -23.53
C PRO D 369 44.53 32.55 -23.15
N TYR D 370 44.26 32.26 -21.88
CA TYR D 370 44.34 30.90 -21.35
C TYR D 370 43.07 30.56 -20.62
N TRP D 371 42.68 29.30 -20.70
CA TRP D 371 41.64 28.79 -19.83
C TRP D 371 42.24 27.59 -19.09
N SER D 372 41.50 27.05 -18.13
CA SER D 372 42.08 26.09 -17.20
C SER D 372 41.08 25.07 -16.67
N ILE D 373 41.51 23.81 -16.66
CA ILE D 373 40.70 22.70 -16.18
C ILE D 373 41.36 22.06 -14.96
N MET D 374 40.54 21.84 -13.94
CA MET D 374 40.96 21.19 -12.71
C MET D 374 40.18 19.89 -12.56
N LEU D 375 40.91 18.79 -12.42
CA LEU D 375 40.30 17.46 -12.36
C LEU D 375 40.55 16.78 -11.02
N GLU D 376 39.64 15.89 -10.64
CA GLU D 376 39.82 15.09 -9.43
C GLU D 376 39.73 13.60 -9.73
N VAL D 377 40.71 12.85 -9.25
CA VAL D 377 40.68 11.39 -9.29
C VAL D 377 40.80 10.86 -7.87
N SER D 378 39.89 9.94 -7.51
CA SER D 378 39.92 9.35 -6.18
C SER D 378 40.83 8.14 -6.11
N GLU D 379 41.35 7.86 -4.92
CA GLU D 379 42.18 6.68 -4.72
C GLU D 379 41.85 6.06 -3.37
N SER D 380 41.85 4.73 -3.35
CA SER D 380 41.66 3.98 -2.12
C SER D 380 42.24 2.59 -2.33
N SER D 381 42.25 1.79 -1.27
CA SER D 381 42.69 0.40 -1.37
C SER D 381 41.80 -0.41 -2.31
N MET D 382 40.59 0.05 -2.56
CA MET D 382 39.70 -0.62 -3.51
C MET D 382 39.84 -0.06 -4.93
N LYS D 383 40.71 0.93 -5.10
CA LYS D 383 40.82 1.66 -6.36
C LYS D 383 42.16 2.36 -6.48
N PRO D 384 43.21 1.60 -6.87
CA PRO D 384 44.56 2.16 -6.98
C PRO D 384 44.65 3.23 -8.05
N VAL D 385 45.60 4.14 -7.88
CA VAL D 385 45.89 5.13 -8.90
C VAL D 385 47.38 5.08 -9.21
N ASN D 386 47.71 4.92 -10.50
CA ASN D 386 49.08 4.94 -10.97
C ASN D 386 49.56 6.38 -11.07
N GLN D 387 50.32 6.82 -10.07
CA GLN D 387 50.78 8.19 -10.01
C GLN D 387 51.59 8.60 -11.23
N GLU D 388 52.33 7.65 -11.80
CA GLU D 388 53.21 7.94 -12.92
C GLU D 388 52.40 8.22 -14.19
N THR D 389 51.21 7.63 -14.34
CA THR D 389 50.46 7.83 -15.58
C THR D 389 49.19 8.65 -15.45
N ILE D 390 48.82 9.05 -14.24
CA ILE D 390 47.51 9.63 -14.03
C ILE D 390 47.32 10.97 -14.77
N LEU D 391 48.40 11.75 -14.91
CA LEU D 391 48.31 13.02 -15.61
C LEU D 391 47.98 12.80 -17.09
N ALA D 392 48.71 11.89 -17.70
CA ALA D 392 48.50 11.54 -19.09
C ALA D 392 47.12 10.91 -19.30
N ASP D 393 46.70 10.07 -18.35
CA ASP D 393 45.38 9.44 -18.44
C ASP D 393 44.27 10.47 -18.32
N CYS D 394 44.49 11.45 -17.46
CA CYS D 394 43.54 12.56 -17.32
C CYS D 394 43.44 13.34 -18.62
N ILE D 395 44.58 13.62 -19.25
CA ILE D 395 44.59 14.42 -20.45
C ILE D 395 43.91 13.63 -21.57
N GLN D 396 44.18 12.33 -21.66
CA GLN D 396 43.41 11.51 -22.59
C GLN D 396 41.90 11.58 -22.29
N GLY D 397 41.55 11.56 -21.01
CA GLY D 397 40.17 11.69 -20.58
C GLY D 397 39.51 12.96 -21.12
N LEU D 398 40.26 14.07 -21.10
CA LEU D 398 39.77 15.34 -21.61
C LEU D 398 39.43 15.27 -23.10
N VAL D 399 40.24 14.54 -23.85
CA VAL D 399 39.96 14.30 -25.25
C VAL D 399 38.76 13.39 -25.41
N ASN D 400 38.72 12.31 -24.63
CA ASN D 400 37.64 11.33 -24.71
C ASN D 400 36.29 11.94 -24.44
N THR D 401 36.25 12.90 -23.52
CA THR D 401 35.00 13.54 -23.10
C THR D 401 34.70 14.78 -23.94
N GLU D 402 35.56 15.05 -24.93
CA GLU D 402 35.43 16.19 -25.83
C GLU D 402 35.48 17.51 -25.07
N MET D 403 36.19 17.54 -23.95
CA MET D 403 36.51 18.81 -23.33
C MET D 403 37.66 19.48 -24.07
N LEU D 404 38.64 18.67 -24.48
CA LEU D 404 39.75 19.15 -25.28
C LEU D 404 39.72 18.52 -26.64
N LYS D 405 40.02 19.32 -27.65
CA LYS D 405 40.32 18.79 -28.98
C LYS D 405 41.74 18.23 -28.98
N PRO D 406 42.02 17.23 -29.84
CA PRO D 406 43.37 16.69 -29.95
C PRO D 406 44.41 17.79 -30.19
N THR D 407 43.97 18.89 -30.79
CA THR D 407 44.85 19.97 -31.17
C THR D 407 45.05 21.01 -30.09
N ASP D 408 44.25 20.95 -29.03
CA ASP D 408 44.32 22.01 -28.01
C ASP D 408 45.71 22.05 -27.41
N GLU D 409 46.21 23.26 -27.16
CA GLU D 409 47.56 23.43 -26.66
C GLU D 409 47.60 23.54 -25.15
N ILE D 410 48.29 22.59 -24.53
CA ILE D 410 48.45 22.59 -23.08
C ILE D 410 49.71 23.39 -22.74
N VAL D 411 49.57 24.37 -21.85
CA VAL D 411 50.70 25.23 -21.50
C VAL D 411 51.11 25.07 -20.05
N SER D 412 50.38 24.24 -19.32
CA SER D 412 50.71 24.02 -17.92
C SER D 412 50.03 22.75 -17.43
N THR D 413 50.76 21.96 -16.64
CA THR D 413 50.14 20.83 -15.99
C THR D 413 50.43 20.86 -14.50
N TYR D 414 49.54 20.23 -13.73
CA TYR D 414 49.63 20.20 -12.29
C TYR D 414 49.12 18.85 -11.78
N HIS D 415 49.87 18.21 -10.89
CA HIS D 415 49.37 17.04 -10.23
C HIS D 415 49.82 17.01 -8.79
N ARG D 416 48.90 16.73 -7.88
CA ARG D 416 49.24 16.61 -6.48
C ARG D 416 48.28 15.64 -5.81
N ARG D 417 48.83 14.71 -5.03
CA ARG D 417 48.05 13.74 -4.29
C ARG D 417 47.86 14.20 -2.85
N PHE D 418 46.60 14.32 -2.42
CA PHE D 418 46.26 14.61 -1.03
C PHE D 418 45.79 13.33 -0.34
N ASP D 419 46.59 12.86 0.62
CA ASP D 419 46.35 11.57 1.26
C ASP D 419 44.95 11.46 1.88
N HIS D 420 44.64 12.38 2.78
CA HIS D 420 43.29 12.46 3.31
C HIS D 420 42.45 13.39 2.45
N GLY D 421 41.62 12.81 1.57
CA GLY D 421 40.79 13.59 0.67
C GLY D 421 39.33 13.63 1.07
N TYR D 422 38.70 12.45 1.10
CA TYR D 422 37.30 12.34 1.50
C TYR D 422 37.19 11.39 2.69
N PRO D 423 36.49 11.83 3.75
CA PRO D 423 36.14 10.86 4.80
C PRO D 423 34.93 10.05 4.33
N THR D 424 35.04 8.73 4.27
CA THR D 424 34.02 7.91 3.61
C THR D 424 32.84 7.56 4.50
N PRO D 425 31.60 7.92 4.10
CA PRO D 425 30.41 7.48 4.86
C PRO D 425 30.11 6.00 4.67
N THR D 426 31.02 5.17 5.13
CA THR D 426 30.84 3.73 5.10
C THR D 426 29.72 3.31 6.02
N LEU D 427 29.22 2.10 5.84
CA LEU D 427 28.26 1.53 6.78
C LEU D 427 28.81 1.52 8.21
N GLU D 428 30.14 1.40 8.33
CA GLU D 428 30.77 1.22 9.65
C GLU D 428 31.11 2.54 10.33
N ARG D 429 31.14 3.63 9.57
CA ARG D 429 31.63 4.92 10.09
C ARG D 429 31.09 5.31 11.47
N GLU D 430 29.77 5.37 11.62
CA GLU D 430 29.18 5.84 12.88
C GLU D 430 29.52 4.92 14.07
N GLY D 431 29.49 3.61 13.85
CA GLY D 431 29.83 2.68 14.91
C GLY D 431 31.24 2.93 15.42
N THR D 432 32.13 3.29 14.51
CA THR D 432 33.50 3.61 14.87
C THR D 432 33.63 4.99 15.53
N LEU D 433 33.04 6.02 14.93
CA LEU D 433 33.15 7.38 15.44
C LEU D 433 32.56 7.53 16.83
N THR D 434 31.44 6.86 17.07
CA THR D 434 30.77 6.98 18.36
C THR D 434 31.57 6.27 19.44
N GLN D 435 32.65 5.59 19.05
CA GLN D 435 33.61 5.05 20.02
C GLN D 435 34.79 5.98 20.21
N ILE D 436 35.21 6.60 19.11
CA ILE D 436 36.37 7.50 19.15
C ILE D 436 36.10 8.84 19.83
N LEU D 437 35.11 9.57 19.32
CA LEU D 437 34.87 10.94 19.79
C LEU D 437 34.56 11.03 21.30
N PRO D 438 33.68 10.15 21.83
CA PRO D 438 33.47 10.21 23.29
C PRO D 438 34.73 9.98 24.11
N LYS D 439 35.63 9.13 23.64
CA LYS D 439 36.87 8.91 24.37
C LYS D 439 37.74 10.16 24.33
N LEU D 440 37.79 10.82 23.17
CA LEU D 440 38.54 12.08 23.07
C LEU D 440 37.88 13.14 23.92
N GLN D 441 36.55 13.18 23.88
CA GLN D 441 35.77 14.09 24.72
C GLN D 441 36.08 13.93 26.22
N ASP D 442 36.25 12.70 26.67
CA ASP D 442 36.52 12.42 28.08
C ASP D 442 37.91 12.91 28.50
N LYS D 443 38.70 13.34 27.55
CA LYS D 443 40.03 13.88 27.83
C LYS D 443 40.08 15.37 27.49
N ASP D 444 38.90 15.97 27.33
CA ASP D 444 38.78 17.39 27.01
C ASP D 444 39.44 17.70 25.66
N ILE D 445 39.23 16.79 24.71
CA ILE D 445 39.69 17.01 23.35
C ILE D 445 38.50 17.07 22.42
N TRP D 446 38.28 18.24 21.83
CA TRP D 446 37.30 18.40 20.78
C TRP D 446 37.95 18.12 19.43
N SER D 447 37.92 16.88 18.97
CA SER D 447 38.38 16.55 17.62
C SER D 447 37.29 16.89 16.60
N ARG D 448 37.57 17.85 15.72
CA ARG D 448 36.54 18.45 14.89
C ARG D 448 37.10 18.79 13.53
N GLY D 449 36.28 18.65 12.50
CA GLY D 449 36.68 19.02 11.16
C GLY D 449 36.42 17.92 10.16
N ARG D 450 36.80 18.15 8.91
CA ARG D 450 36.56 17.18 7.85
C ARG D 450 37.16 15.84 8.20
N PHE D 451 38.38 15.83 8.73
CA PHE D 451 38.95 14.59 9.24
C PHE D 451 39.14 14.63 10.76
N GLY D 452 38.85 15.76 11.37
CA GLY D 452 38.82 15.83 12.82
C GLY D 452 37.64 15.03 13.34
N SER D 453 36.50 15.20 12.67
CA SER D 453 35.27 14.49 13.05
C SER D 453 34.69 13.63 11.90
N TRP D 454 35.30 13.69 10.72
CA TRP D 454 35.17 12.64 9.71
C TRP D 454 33.77 12.45 9.10
N ARG D 455 32.96 13.50 9.10
CA ARG D 455 31.61 13.34 8.57
C ARG D 455 31.39 14.23 7.36
N TYR D 456 31.46 13.60 6.20
CA TYR D 456 31.33 14.28 4.93
C TYR D 456 30.14 15.23 4.85
N GLU D 457 29.00 14.83 5.40
CA GLU D 457 27.78 15.62 5.22
C GLU D 457 27.87 16.98 5.92
N VAL D 458 28.80 17.11 6.86
CA VAL D 458 29.19 18.42 7.35
C VAL D 458 30.68 18.60 7.11
N GLY D 459 31.08 18.47 5.84
CA GLY D 459 32.49 18.48 5.50
C GLY D 459 32.97 19.58 4.57
N ASN D 460 32.09 20.53 4.26
CA ASN D 460 32.44 21.69 3.43
C ASN D 460 33.13 22.76 4.25
N GLN D 461 33.55 23.83 3.58
CA GLN D 461 34.27 24.89 4.27
C GLN D 461 33.45 25.55 5.36
N ASP D 462 32.17 25.81 5.09
CA ASP D 462 31.34 26.46 6.08
C ASP D 462 31.06 25.52 7.26
N HIS D 463 30.78 24.24 6.98
CA HIS D 463 30.58 23.28 8.07
C HIS D 463 31.80 23.19 8.97
N SER D 464 32.96 23.11 8.32
CA SER D 464 34.24 22.94 9.02
C SER D 464 34.51 24.14 9.90
N PHE D 465 34.40 25.32 9.30
CA PHE D 465 34.55 26.57 10.02
C PHE D 465 33.64 26.55 11.26
N MET D 466 32.40 26.15 11.07
CA MET D 466 31.42 26.19 12.16
C MET D 466 31.63 25.08 13.19
N LEU D 467 32.23 23.97 12.76
CA LEU D 467 32.59 22.94 13.72
C LEU D 467 33.58 23.52 14.74
N GLY D 468 34.52 24.33 14.27
CA GLY D 468 35.47 24.96 15.16
C GLY D 468 34.79 26.00 16.04
N VAL D 469 33.96 26.81 15.40
CA VAL D 469 33.22 27.86 16.08
C VAL D 469 32.37 27.26 17.21
N GLU D 470 31.65 26.18 16.88
CA GLU D 470 30.73 25.58 17.82
C GLU D 470 31.45 24.81 18.92
N ALA D 471 32.60 24.24 18.60
CA ALA D 471 33.39 23.58 19.62
C ALA D 471 33.77 24.61 20.70
N VAL D 472 34.25 25.75 20.25
CA VAL D 472 34.60 26.84 21.17
C VAL D 472 33.37 27.31 21.94
N ASP D 473 32.21 27.37 21.28
CA ASP D 473 31.01 27.86 21.93
C ASP D 473 30.55 26.87 22.99
N ASN D 474 30.75 25.58 22.69
CA ASN D 474 30.48 24.52 23.63
C ASN D 474 31.43 24.63 24.83
N ILE D 475 32.70 24.80 24.53
CA ILE D 475 33.73 24.94 25.56
C ILE D 475 33.48 26.12 26.49
N VAL D 476 33.11 27.26 25.91
CA VAL D 476 33.00 28.49 26.69
C VAL D 476 31.58 28.77 27.18
N ASN D 477 30.59 28.61 26.28
CA ASN D 477 29.23 29.06 26.54
C ASN D 477 28.21 27.92 26.72
N GLY D 478 28.65 26.67 26.57
CA GLY D 478 27.77 25.54 26.76
C GLY D 478 26.83 25.31 25.59
N ALA D 479 27.18 25.87 24.43
CA ALA D 479 26.36 25.74 23.23
C ALA D 479 26.26 24.28 22.78
N VAL D 480 25.16 23.94 22.14
CA VAL D 480 25.07 22.63 21.53
C VAL D 480 25.92 22.59 20.25
N GLU D 481 26.67 21.52 20.06
CA GLU D 481 27.44 21.31 18.83
C GLU D 481 26.50 20.72 17.78
N LEU D 482 25.71 21.59 17.18
CA LEU D 482 24.69 21.19 16.23
C LEU D 482 25.27 20.62 14.96
N THR D 483 26.27 21.29 14.41
CA THR D 483 26.85 20.84 13.15
C THR D 483 27.46 19.45 13.29
N LEU D 484 28.14 19.22 14.40
CA LEU D 484 28.77 17.93 14.67
C LEU D 484 27.77 16.79 14.76
N ASN D 485 26.73 16.98 15.57
CA ASN D 485 25.81 15.91 15.96
C ASN D 485 24.51 15.88 15.20
N TYR D 486 24.13 16.99 14.56
CA TYR D 486 22.87 17.04 13.82
C TYR D 486 23.04 17.69 12.44
N PRO D 487 23.73 17.00 11.53
CA PRO D 487 23.97 17.55 10.19
C PRO D 487 22.68 17.98 9.52
N ASP D 488 21.65 17.14 9.63
CA ASP D 488 20.34 17.41 9.04
C ASP D 488 19.77 18.72 9.54
N PHE D 489 19.96 18.97 10.83
CA PHE D 489 19.44 20.18 11.44
C PHE D 489 20.11 21.41 10.83
N VAL D 490 21.43 21.43 10.78
CA VAL D 490 22.08 22.65 10.34
C VAL D 490 21.95 22.83 8.84
N ASN D 491 21.85 21.72 8.09
CA ASN D 491 21.78 21.83 6.64
C ASN D 491 20.38 22.16 6.17
N GLY D 492 19.40 21.95 7.03
CA GLY D 492 18.01 22.14 6.66
C GLY D 492 17.47 23.51 7.04
N ARG D 493 18.36 24.41 7.48
CA ARG D 493 17.90 25.72 7.95
C ARG D 493 18.92 26.81 7.65
N GLN D 494 18.48 28.05 7.78
CA GLN D 494 19.40 29.19 7.75
C GLN D 494 19.87 29.47 9.17
N ASN D 495 21.16 29.30 9.41
CA ASN D 495 21.72 29.49 10.73
C ASN D 495 22.19 30.93 10.90
N THR D 496 21.31 31.74 11.46
CA THR D 496 21.47 33.18 11.43
C THR D 496 21.69 33.77 12.81
N GLU D 497 21.63 32.95 13.84
CA GLU D 497 21.62 33.47 15.20
C GLU D 497 23.01 33.92 15.62
N ARG D 498 24.01 33.13 15.28
CA ARG D 498 25.36 33.43 15.72
C ARG D 498 26.01 34.40 14.74
N ARG D 499 26.52 35.51 15.27
CA ARG D 499 27.14 36.54 14.44
C ARG D 499 28.55 36.84 14.91
N LEU D 500 29.35 37.48 14.06
CA LEU D 500 30.72 37.82 14.39
C LEU D 500 30.71 38.92 15.44
N VAL D 501 29.65 39.71 15.46
CA VAL D 501 29.35 40.61 16.57
C VAL D 501 28.03 40.24 17.24
N ASP D 502 28.13 39.63 18.42
CA ASP D 502 26.96 39.21 19.19
C ASP D 502 26.62 40.27 20.24
N GLY D 503 25.50 40.09 20.95
CA GLY D 503 25.14 41.02 22.00
C GLY D 503 26.24 41.21 23.03
N ALA D 504 26.92 40.12 23.40
CA ALA D 504 27.97 40.17 24.40
C ALA D 504 29.01 41.24 24.11
N GLN D 505 29.38 41.40 22.84
CA GLN D 505 30.38 42.42 22.49
C GLN D 505 29.77 43.81 22.35
N VAL D 506 28.51 43.88 21.95
CA VAL D 506 27.81 45.15 21.92
C VAL D 506 27.67 45.73 23.32
N PHE D 507 27.19 44.90 24.25
CA PHE D 507 27.01 45.32 25.62
C PHE D 507 28.34 45.67 26.29
N ALA D 508 29.38 44.93 25.96
CA ALA D 508 30.70 45.17 26.55
C ALA D 508 31.25 46.54 26.17
N LYS D 509 31.08 46.90 24.89
CA LYS D 509 31.61 48.16 24.36
C LYS D 509 30.91 49.39 24.92
N SER D 510 29.71 49.21 25.46
CA SER D 510 28.91 50.32 25.99
C SER D 510 29.45 50.86 27.31
PA FDA E . -33.79 -7.94 -31.95
O1A FDA E . -32.62 -7.70 -32.94
O2A FDA E . -34.53 -6.83 -31.41
O5B FDA E . -34.95 -8.74 -32.39
C5B FDA E . -36.22 -8.69 -31.76
C4B FDA E . -37.28 -9.27 -32.69
O4B FDA E . -38.49 -9.60 -32.05
C3B FDA E . -37.64 -8.31 -33.78
O3B FDA E . -37.54 -8.95 -34.98
C2B FDA E . -39.04 -7.93 -33.53
O2B FDA E . -39.69 -7.68 -34.73
C1B FDA E . -39.56 -9.12 -32.80
N9A FDA E . -40.71 -8.71 -32.03
C8A FDA E . -40.83 -7.64 -31.19
N7A FDA E . -42.07 -7.57 -30.70
C5A FDA E . -42.83 -8.61 -31.25
C6A FDA E . -44.14 -9.02 -31.12
N6A FDA E . -45.03 -8.28 -30.27
N1A FDA E . -44.59 -10.08 -31.80
C2A FDA E . -43.76 -10.79 -32.62
N3A FDA E . -42.47 -10.42 -32.78
C4A FDA E . -41.97 -9.35 -32.13
N1 FDA E . -24.18 -6.52 -32.79
C2 FDA E . -22.90 -6.95 -33.19
O2 FDA E . -22.69 -8.32 -33.24
N3 FDA E . -21.88 -6.03 -33.52
C4 FDA E . -22.15 -4.65 -33.46
O4 FDA E . -21.20 -3.71 -33.77
C4X FDA E . -23.50 -4.19 -33.04
N5 FDA E . -23.75 -2.77 -32.90
C5X FDA E . -25.11 -2.36 -32.64
C6 FDA E . -25.43 -0.92 -32.72
C7 FDA E . -26.76 -0.51 -32.48
C7M FDA E . -27.12 0.95 -32.55
C8 FDA E . -27.77 -1.48 -32.17
C8M FDA E . -29.20 -1.05 -31.89
C9 FDA E . -27.43 -2.85 -32.10
C9A FDA E . -26.05 -3.28 -32.36
N10 FDA E . -25.73 -4.69 -32.28
C10 FDA E . -24.45 -5.10 -32.72
C1' FDA E . -26.54 -5.63 -31.50
C2' FDA E . -27.44 -6.52 -32.34
O2' FDA E . -28.28 -5.78 -33.16
C3' FDA E . -28.27 -7.33 -31.34
O3' FDA E . -27.40 -8.18 -30.68
C4' FDA E . -29.40 -8.17 -31.90
O4' FDA E . -30.13 -7.50 -32.90
C5' FDA E . -30.33 -8.56 -30.78
O5' FDA E . -31.23 -9.53 -31.23
P FDA E . -32.49 -9.78 -30.31
O1P FDA E . -32.24 -10.10 -28.80
O2P FDA E . -33.09 -10.89 -31.26
O3P FDA E . -33.52 -8.55 -30.62
S SO4 F . -8.48 14.57 -48.83
O1 SO4 F . -8.03 14.67 -50.23
O2 SO4 F . -9.28 13.36 -48.70
O3 SO4 F . -7.34 14.46 -47.92
O4 SO4 F . -9.25 15.76 -48.49
S SO4 G . -39.08 -2.54 -41.29
O1 SO4 G . -40.50 -2.49 -40.98
O2 SO4 G . -38.83 -3.65 -42.22
O3 SO4 G . -38.66 -1.29 -41.91
O4 SO4 G . -38.32 -2.76 -40.04
S SO4 H . -13.64 -26.47 -37.24
O1 SO4 H . -14.55 -26.63 -38.36
O2 SO4 H . -13.58 -27.71 -36.49
O3 SO4 H . -12.31 -26.12 -37.74
O4 SO4 H . -14.09 -25.38 -36.38
S SO4 I . -12.08 -10.25 -49.24
O1 SO4 I . -12.76 -10.31 -50.53
O2 SO4 I . -12.74 -11.16 -48.29
O3 SO4 I . -10.68 -10.67 -49.42
O4 SO4 I . -12.11 -8.89 -48.72
S SO4 J . -12.16 13.57 -11.11
O1 SO4 J . -11.29 12.91 -12.08
O2 SO4 J . -12.95 12.52 -10.46
O3 SO4 J . -13.01 14.54 -11.78
O4 SO4 J . -11.34 14.26 -10.12
S SO4 K . -11.62 -3.32 -31.06
O1 SO4 K . -13.07 -3.39 -30.97
O2 SO4 K . -11.17 -3.71 -32.39
O3 SO4 K . -11.03 -4.22 -30.06
O4 SO4 K . -11.22 -1.93 -30.78
C1 EDO L . -33.58 -26.26 -15.58
O1 EDO L . -32.82 -25.12 -15.38
C2 EDO L . -34.26 -26.15 -16.91
O2 EDO L . -35.15 -25.09 -16.87
C1 EDO M . -17.75 -1.28 -33.21
O1 EDO M . -18.17 -2.53 -32.82
C2 EDO M . -18.30 -0.98 -34.57
O2 EDO M . -19.61 -0.51 -34.50
C1 EDO N . -14.27 -12.43 -35.51
O1 EDO N . -15.28 -13.33 -35.19
C2 EDO N . -13.54 -12.85 -36.75
O2 EDO N . -14.31 -12.59 -37.88
C1 EDO O . -16.29 -8.57 -20.65
O1 EDO O . -15.04 -9.05 -20.98
C2 EDO O . -17.15 -9.74 -20.35
O2 EDO O . -18.42 -9.32 -20.04
PA FDA P . 3.84 32.02 34.25
O1A FDA P . 2.34 32.36 34.06
O2A FDA P . 4.26 30.96 35.12
O5B FDA P . 4.68 33.11 34.84
C5B FDA P . 4.47 34.43 34.36
C4B FDA P . 4.80 35.51 35.38
O4B FDA P . 4.73 36.79 34.80
C3B FDA P . 3.86 35.55 36.55
O3B FDA P . 4.59 35.51 37.70
C2B FDA P . 3.13 36.84 36.46
O2B FDA P . 2.81 37.40 37.67
C1B FDA P . 4.11 37.64 35.70
N9A FDA P . 3.38 38.72 35.08
C8A FDA P . 2.24 38.64 34.30
N7A FDA P . 1.88 39.88 33.95
C5A FDA P . 2.78 40.80 34.50
C6A FDA P . 2.88 42.19 34.48
N6A FDA P . 1.91 42.97 33.76
N1A FDA P . 3.87 42.80 35.14
C2A FDA P . 4.80 42.10 35.84
N3A FDA P . 4.72 40.73 35.89
C4A FDA P . 3.74 40.07 35.25
N1 FDA P . 4.84 22.20 34.46
C2 FDA P . 5.60 21.02 34.70
O2 FDA P . 6.96 21.11 34.62
N3 FDA P . 4.95 19.81 35.01
C4 FDA P . 3.55 19.77 35.08
O4 FDA P . 2.83 18.64 35.38
C4X FDA P . 2.77 20.99 34.84
N5 FDA P . 1.32 20.90 34.88
C5X FDA P . 0.61 22.14 34.83
C6 FDA P . -0.85 22.11 35.10
C7 FDA P . -1.56 23.31 34.99
C7M FDA P . -3.05 23.27 35.26
C8 FDA P . -0.92 24.53 34.62
C8M FDA P . -1.67 25.84 34.49
C9 FDA P . 0.46 24.55 34.37
C9A FDA P . 1.22 23.29 34.49
N10 FDA P . 2.65 23.33 34.28
C10 FDA P . 3.41 22.15 34.54
C1' FDA P . 3.29 24.41 33.53
C2' FDA P . 4.08 25.37 34.38
O2' FDA P . 3.25 25.97 35.31
C3' FDA P . 4.61 26.42 33.42
O3' FDA P . 5.56 25.83 32.62
C4' FDA P . 5.24 27.67 33.99
O4' FDA P . 4.53 28.10 35.11
C5' FDA P . 5.23 28.78 32.96
O5' FDA P . 6.15 29.75 33.36
P FDA P . 6.12 31.25 32.83
O1P FDA P . 7.26 32.19 33.39
O2P FDA P . 6.13 30.94 31.27
O3P FDA P . 4.56 31.62 32.98
S SO4 Q . -10.47 1.27 50.70
O1 SO4 Q . -11.83 1.79 50.54
O2 SO4 Q . -10.39 0.00 49.96
O3 SO4 Q . -9.51 2.21 50.14
O4 SO4 Q . -10.14 1.09 52.12
S SO4 R . -25.16 23.75 37.31
O1 SO4 R . -26.10 22.84 36.67
O2 SO4 R . -24.38 23.02 38.31
O3 SO4 R . -24.25 24.31 36.32
O4 SO4 R . -25.92 24.84 37.93
S SO4 S . -1.25 35.05 44.66
O1 SO4 S . -0.64 34.39 43.49
O2 SO4 S . -1.89 34.03 45.49
O3 SO4 S . -0.24 35.75 45.45
O4 SO4 S . -2.26 36.00 44.20
S SO4 T . 12.52 9.80 49.15
O1 SO4 T . 13.23 8.54 48.87
O2 SO4 T . 11.16 9.71 48.62
O3 SO4 T . 13.21 10.90 48.47
O4 SO4 T . 12.47 10.01 50.60
S SO4 U . 26.72 15.82 36.12
O1 SO4 U . 26.51 15.35 34.76
O2 SO4 U . 26.99 14.67 36.98
O3 SO4 U . 27.85 16.76 36.18
O4 SO4 U . 25.50 16.48 36.59
S SO4 V . -14.30 7.67 13.68
O1 SO4 V . -14.67 6.72 12.63
O2 SO4 V . -15.51 8.13 14.38
O3 SO4 V . -13.58 8.79 13.09
O4 SO4 V . -13.44 6.98 14.63
S SO4 W . 4.21 9.45 31.73
O1 SO4 W . 3.00 8.67 31.49
O2 SO4 W . 5.14 9.29 30.61
O3 SO4 W . 4.87 8.99 32.95
O4 SO4 W . 3.82 10.85 31.84
C1 EDO X . -20.53 -4.30 34.58
O1 EDO X . -19.41 -3.69 35.12
C2 EDO X . -21.56 -3.26 34.31
O2 EDO X . -21.26 -2.60 33.13
C1 EDO Y . 20.42 37.12 17.87
O1 EDO Y . 19.39 37.90 18.38
C2 EDO Y . 20.05 36.64 16.50
O2 EDO Y . 19.03 35.68 16.56
C1 EDO Z . 0.31 15.18 35.79
O1 EDO Z . 0.56 16.25 36.64
C2 EDO Z . 1.49 14.79 34.95
O2 EDO Z . 2.00 15.89 34.28
C1 EDO AA . -19.46 -1.27 29.02
O1 EDO AA . -18.91 -1.77 27.87
C2 EDO AA . -20.94 -1.39 28.95
O2 EDO AA . -21.28 -2.71 29.18
C1 EDO BA . 6.85 16.29 21.49
O1 EDO BA . 8.03 15.57 21.37
C2 EDO BA . 7.02 17.64 20.89
O2 EDO BA . 8.27 18.12 21.23
C1 EDO CA . 7.74 26.01 16.38
O1 EDO CA . 7.82 26.33 15.04
C2 EDO CA . 7.41 24.56 16.49
O2 EDO CA . 6.07 24.40 16.31
C1 EDO DA . -19.87 -5.27 30.79
O1 EDO DA . -20.95 -4.56 31.28
C2 EDO DA . -20.33 -6.24 29.74
O2 EDO DA . -20.76 -5.57 28.61
PA FDA EA . -12.17 -44.62 -9.42
O1A FDA EA . -10.70 -44.96 -9.10
O2A FDA EA . -13.17 -44.52 -8.37
O5B FDA EA . -12.93 -45.61 -10.23
C5B FDA EA . -12.27 -46.09 -11.38
C4B FDA EA . -12.80 -47.45 -11.83
O4B FDA EA . -12.16 -47.85 -13.01
C3B FDA EA . -12.56 -48.55 -10.82
O3B FDA EA . -13.74 -49.20 -10.56
C2B FDA EA . -11.60 -49.46 -11.47
O2B FDA EA . -11.84 -50.77 -11.13
C1B FDA EA . -11.87 -49.21 -12.90
N9A FDA EA . -10.76 -49.61 -13.73
C8A FDA EA . -9.41 -49.31 -13.62
N7A FDA EA . -8.75 -49.94 -14.60
C5A FDA EA . -9.64 -50.69 -15.36
C6A FDA EA . -9.52 -51.52 -16.47
N6A FDA EA . -8.22 -51.75 -17.07
N1A FDA EA . -10.62 -52.11 -16.99
C2A FDA EA . -11.85 -51.91 -16.46
N3A FDA EA . -12.01 -51.11 -15.37
C4A FDA EA . -10.94 -50.49 -14.82
N1 FDA EA . -15.16 -38.33 -2.36
C2 FDA EA . -16.16 -37.52 -1.75
O2 FDA EA . -17.28 -37.16 -2.47
N3 FDA EA . -16.00 -37.10 -0.40
C4 FDA EA . -14.86 -37.46 0.32
O4 FDA EA . -14.71 -37.07 1.62
C4X FDA EA . -13.82 -38.31 -0.33
N5 FDA EA . -12.64 -38.70 0.42
C5X FDA EA . -11.71 -39.61 -0.22
C6 FDA EA . -10.55 -40.12 0.57
C7 FDA EA . -9.64 -41.00 -0.04
C7M FDA EA . -8.47 -41.53 0.76
C8 FDA EA . -9.82 -41.39 -1.40
C8M FDA EA . -8.86 -42.33 -2.07
C9 FDA EA . -10.92 -40.90 -2.14
C9A FDA EA . -11.88 -39.98 -1.51
N10 FDA EA . -13.00 -39.49 -2.28
C10 FDA EA . -13.99 -38.72 -1.61
C1' FDA EA . -12.89 -39.40 -3.75
C2' FDA EA . -13.75 -40.43 -4.45
O2' FDA EA . -13.41 -41.71 -4.04
C3' FDA EA . -13.51 -40.26 -5.95
O3' FDA EA . -14.10 -39.07 -6.33
C4' FDA EA . -14.06 -41.29 -6.92
O4' FDA EA . -14.03 -42.59 -6.42
C5' FDA EA . -13.30 -41.24 -8.25
O5' FDA EA . -14.17 -41.76 -9.19
P FDA EA . -13.69 -42.50 -10.53
O1P FDA EA . -14.86 -43.17 -11.35
O2P FDA EA . -12.86 -41.29 -11.15
O3P FDA EA . -12.33 -43.30 -10.12
S SO4 FA . -13.59 -40.81 28.15
O1 SO4 FA . -14.23 -40.76 26.85
O2 SO4 FA . -14.47 -41.54 29.06
O3 SO4 FA . -12.31 -41.51 28.06
O4 SO4 FA . -13.36 -39.45 28.63
S SO4 GA . 8.21 -18.79 6.89
O1 SO4 GA . 8.04 -19.01 5.45
O2 SO4 GA . 6.90 -18.67 7.51
O3 SO4 GA . 8.97 -17.56 7.10
O4 SO4 GA . 8.94 -19.91 7.49
S SO4 HA . -36.31 -30.00 -6.99
O1 SO4 HA . -37.49 -29.79 -6.14
O2 SO4 HA . -36.42 -31.32 -7.60
O3 SO4 HA . -35.09 -29.93 -6.18
O4 SO4 HA . -36.28 -29.00 -8.05
S SO4 IA . -12.02 -55.68 -4.30
O1 SO4 IA . -13.28 -56.29 -4.69
O2 SO4 IA . -10.91 -56.37 -4.97
O3 SO4 IA . -11.87 -55.79 -2.85
O4 SO4 IA . -12.03 -54.26 -4.70
S SO4 JA . -1.46 -20.74 29.35
O1 SO4 JA . -2.68 -20.50 28.57
O2 SO4 JA . -1.02 -22.12 29.17
O3 SO4 JA . -0.40 -19.84 28.88
O4 SO4 JA . -1.75 -20.48 30.75
S SO4 KA . -15.76 -28.44 6.22
O1 SO4 KA . -15.31 -29.52 5.35
O2 SO4 KA . -16.86 -28.91 7.07
O3 SO4 KA . -16.22 -27.32 5.40
O4 SO4 KA . -14.63 -28.01 7.05
C1 EDO LA . -16.71 -30.43 -28.78
O1 EDO LA . -16.01 -30.21 -27.61
C2 EDO LA . -17.49 -31.71 -28.68
O2 EDO LA . -16.61 -32.77 -28.57
C1 EDO MA . -15.40 -33.08 1.00
O1 EDO MA . -14.19 -32.73 1.54
C2 EDO MA . -16.32 -33.41 2.13
O2 EDO MA . -17.62 -33.30 1.73
C1 EDO NA . -7.21 -26.32 -14.34
O1 EDO NA . -8.24 -26.08 -13.46
C2 EDO NA . -7.57 -25.76 -15.68
O2 EDO NA . -8.68 -26.41 -16.18
C1 EDO OA . 4.14 -21.18 17.69
O1 EDO OA . 4.87 -20.15 17.13
C2 EDO OA . 3.30 -21.77 16.61
O2 EDO OA . 4.08 -22.25 15.58
PA FDA PA . 41.95 20.66 6.78
O1A FDA PA . 42.58 19.37 6.21
O2A FDA PA . 41.50 21.70 5.87
O5B FDA PA . 42.79 21.54 7.64
C5B FDA PA . 43.59 20.90 8.61
C4B FDA PA . 44.83 21.72 8.99
O4B FDA PA . 45.51 21.13 10.07
C3B FDA PA . 45.85 21.84 7.88
O3B FDA PA . 46.11 23.16 7.62
C2B FDA PA . 47.07 21.16 8.34
O2B FDA PA . 48.19 21.88 7.98
C1B FDA PA . 46.89 21.15 9.81
N9A FDA PA . 47.58 20.03 10.41
C8A FDA PA . 47.52 18.68 10.14
N7A FDA PA . 48.36 18.03 10.96
C5A FDA PA . 49.01 18.93 11.79
C6A FDA PA . 49.95 18.84 12.81
N6A FDA PA . 50.49 17.56 13.19
N1A FDA PA . 50.38 19.95 13.42
C2A FDA PA . 49.91 21.18 13.10
N3A FDA PA . 48.99 21.33 12.11
C4A FDA PA . 48.53 20.24 11.46
N1 FDA PA . 34.41 22.74 0.65
C2 FDA PA . 33.39 23.62 0.14
O2 FDA PA . 32.86 24.58 0.96
N3 FDA PA . 32.93 23.50 -1.19
C4 FDA PA . 33.46 22.51 -2.03
O4 FDA PA . 33.03 22.37 -3.32
C4X FDA PA . 34.52 21.60 -1.51
N5 FDA PA . 35.01 20.54 -2.36
C5X FDA PA . 36.17 19.79 -1.89
C6 FDA PA . 36.86 18.89 -2.84
C7 FDA PA . 37.96 18.13 -2.40
C7M FDA PA . 38.65 17.20 -3.38
C8 FDA PA . 38.42 18.23 -1.05
C8M FDA PA . 39.61 17.41 -0.58
C9 FDA PA . 37.77 19.11 -0.15
C9A FDA PA . 36.61 19.90 -0.61
N10 FDA PA . 35.97 20.82 0.31
C10 FDA PA . 34.96 21.72 -0.21
C1' FDA PA . 36.12 20.60 1.76
C2' FDA PA . 37.03 21.65 2.40
O2' FDA PA . 38.29 21.63 1.83
C3' FDA PA . 37.09 21.30 3.88
O3' FDA PA . 35.84 21.51 4.43
C4' FDA PA . 38.07 22.07 4.75
O4' FDA PA . 39.35 22.19 4.19
C5' FDA PA . 38.17 21.33 6.08
O5' FDA PA . 38.93 22.05 7.02
P FDA PA . 39.53 21.26 8.26
O1P FDA PA . 38.52 20.36 9.08
O2P FDA PA . 40.23 22.51 8.94
O3P FDA PA . 40.78 20.40 7.67
S SO4 QA . 33.75 24.38 -30.01
O1 SO4 QA . 32.35 24.11 -30.32
O2 SO4 QA . 34.52 23.15 -30.21
O3 SO4 QA . 34.27 25.42 -30.90
O4 SO4 QA . 33.86 24.86 -28.64
S SO4 RA . 14.80 24.12 -22.85
O1 SO4 RA . 14.61 24.24 -24.29
O2 SO4 RA . 14.37 22.79 -22.44
O3 SO4 RA . 16.23 24.31 -22.54
O4 SO4 RA . 14.02 25.14 -22.15
S SO4 SA . 16.56 8.56 -30.62
O1 SO4 SA . 15.49 8.68 -31.61
O2 SO4 SA . 16.50 7.23 -30.00
O3 SO4 SA . 17.86 8.74 -31.23
O4 SO4 SA . 16.37 9.60 -29.61
S SO4 TA . 19.26 -3.28 -9.24
O1 SO4 TA . 18.55 -2.07 -9.63
O2 SO4 TA . 18.48 -4.46 -9.60
O3 SO4 TA . 20.55 -3.36 -9.94
O4 SO4 TA . 19.45 -3.24 -7.79
S SO4 UA . 52.09 23.37 0.63
O1 SO4 UA . 50.91 23.96 0.00
O2 SO4 UA . 51.68 22.16 1.36
O3 SO4 UA . 53.07 23.00 -0.39
O4 SO4 UA . 52.69 24.33 1.55
S SO4 VA . 23.85 21.96 -6.92
O1 SO4 VA . 23.67 21.00 -8.00
O2 SO4 VA . 22.78 21.79 -5.94
O3 SO4 VA . 23.81 23.32 -7.48
O4 SO4 VA . 25.15 21.71 -6.29
C1 EDO WA . 30.38 21.41 27.66
O1 EDO WA . 31.51 20.81 27.13
C2 EDO WA . 29.35 20.36 27.93
O2 EDO WA . 28.86 19.87 26.73
C1 EDO XA . 22.83 16.49 4.99
O1 EDO XA . 22.75 16.59 6.38
C2 EDO XA . 21.47 16.61 4.40
O2 EDO XA . 20.83 17.73 4.89
#